data_1WFX
# 
_entry.id   1WFX 
# 
_audit_conform.dict_name       mmcif_pdbx.dic 
_audit_conform.dict_version    5.398 
_audit_conform.dict_location   http://mmcif.pdb.org/dictionaries/ascii/mmcif_pdbx.dic 
# 
loop_
_database_2.database_id 
_database_2.database_code 
_database_2.pdbx_database_accession 
_database_2.pdbx_DOI 
PDB   1WFX         pdb_00001wfx 10.2210/pdb1wfx/pdb 
RCSB  RCSB023536   ?            ?                   
WWPDB D_1000023536 ?            ?                   
# 
loop_
_pdbx_audit_revision_history.ordinal 
_pdbx_audit_revision_history.data_content_type 
_pdbx_audit_revision_history.major_revision 
_pdbx_audit_revision_history.minor_revision 
_pdbx_audit_revision_history.revision_date 
1 'Structure model' 1 0 2004-11-27 
2 'Structure model' 1 1 2008-04-30 
3 'Structure model' 1 2 2011-07-13 
4 'Structure model' 1 3 2024-11-13 
# 
_pdbx_audit_revision_details.ordinal             1 
_pdbx_audit_revision_details.revision_ordinal    1 
_pdbx_audit_revision_details.data_content_type   'Structure model' 
_pdbx_audit_revision_details.provider            repository 
_pdbx_audit_revision_details.type                'Initial release' 
_pdbx_audit_revision_details.description         ? 
_pdbx_audit_revision_details.details             ? 
# 
loop_
_pdbx_audit_revision_group.ordinal 
_pdbx_audit_revision_group.revision_ordinal 
_pdbx_audit_revision_group.data_content_type 
_pdbx_audit_revision_group.group 
1 2 'Structure model' 'Version format compliance' 
2 3 'Structure model' 'Derived calculations'      
3 3 'Structure model' 'Version format compliance' 
4 4 'Structure model' 'Data collection'           
5 4 'Structure model' 'Database references'       
6 4 'Structure model' 'Derived calculations'      
7 4 'Structure model' 'Structure summary'         
# 
loop_
_pdbx_audit_revision_category.ordinal 
_pdbx_audit_revision_category.revision_ordinal 
_pdbx_audit_revision_category.data_content_type 
_pdbx_audit_revision_category.category 
1 4 'Structure model' chem_comp_atom            
2 4 'Structure model' chem_comp_bond            
3 4 'Structure model' database_2                
4 4 'Structure model' pdbx_entry_details        
5 4 'Structure model' pdbx_modification_feature 
6 4 'Structure model' pdbx_struct_conn_angle    
7 4 'Structure model' struct_conn               
8 4 'Structure model' struct_ref_seq_dif        
9 4 'Structure model' struct_site               
# 
loop_
_pdbx_audit_revision_item.ordinal 
_pdbx_audit_revision_item.revision_ordinal 
_pdbx_audit_revision_item.data_content_type 
_pdbx_audit_revision_item.item 
1  4 'Structure model' '_database_2.pdbx_DOI'                        
2  4 'Structure model' '_database_2.pdbx_database_accession'         
3  4 'Structure model' '_pdbx_struct_conn_angle.ptnr1_auth_comp_id'  
4  4 'Structure model' '_pdbx_struct_conn_angle.ptnr1_auth_seq_id'   
5  4 'Structure model' '_pdbx_struct_conn_angle.ptnr1_label_asym_id' 
6  4 'Structure model' '_pdbx_struct_conn_angle.ptnr1_label_atom_id' 
7  4 'Structure model' '_pdbx_struct_conn_angle.ptnr1_label_comp_id' 
8  4 'Structure model' '_pdbx_struct_conn_angle.ptnr1_label_seq_id'  
9  4 'Structure model' '_pdbx_struct_conn_angle.ptnr1_symmetry'      
10 4 'Structure model' '_pdbx_struct_conn_angle.ptnr3_auth_comp_id'  
11 4 'Structure model' '_pdbx_struct_conn_angle.ptnr3_auth_seq_id'   
12 4 'Structure model' '_pdbx_struct_conn_angle.ptnr3_label_asym_id' 
13 4 'Structure model' '_pdbx_struct_conn_angle.ptnr3_label_atom_id' 
14 4 'Structure model' '_pdbx_struct_conn_angle.ptnr3_label_comp_id' 
15 4 'Structure model' '_pdbx_struct_conn_angle.ptnr3_label_seq_id'  
16 4 'Structure model' '_pdbx_struct_conn_angle.ptnr3_symmetry'      
17 4 'Structure model' '_pdbx_struct_conn_angle.value'               
18 4 'Structure model' '_struct_conn.pdbx_dist_value'                
19 4 'Structure model' '_struct_conn.pdbx_leaving_atom_flag'         
20 4 'Structure model' '_struct_conn.ptnr1_auth_comp_id'             
21 4 'Structure model' '_struct_conn.ptnr1_auth_seq_id'              
22 4 'Structure model' '_struct_conn.ptnr1_label_asym_id'            
23 4 'Structure model' '_struct_conn.ptnr1_label_atom_id'            
24 4 'Structure model' '_struct_conn.ptnr1_label_comp_id'            
25 4 'Structure model' '_struct_conn.ptnr1_label_seq_id'             
26 4 'Structure model' '_struct_conn.ptnr1_symmetry'                 
27 4 'Structure model' '_struct_conn.ptnr2_auth_comp_id'             
28 4 'Structure model' '_struct_conn.ptnr2_auth_seq_id'              
29 4 'Structure model' '_struct_conn.ptnr2_label_asym_id'            
30 4 'Structure model' '_struct_conn.ptnr2_label_atom_id'            
31 4 'Structure model' '_struct_conn.ptnr2_label_comp_id'            
32 4 'Structure model' '_struct_conn.ptnr2_label_seq_id'             
33 4 'Structure model' '_struct_conn.ptnr2_symmetry'                 
34 4 'Structure model' '_struct_ref_seq_dif.details'                 
35 4 'Structure model' '_struct_site.pdbx_auth_asym_id'              
36 4 'Structure model' '_struct_site.pdbx_auth_comp_id'              
37 4 'Structure model' '_struct_site.pdbx_auth_seq_id'               
# 
_pdbx_database_status.status_code                     REL 
_pdbx_database_status.entry_id                        1WFX 
_pdbx_database_status.recvd_initial_deposition_date   2004-05-27 
_pdbx_database_status.deposit_site                    PDBJ 
_pdbx_database_status.process_site                    PDBJ 
_pdbx_database_status.status_code_sf                  ? 
_pdbx_database_status.status_code_mr                  ? 
_pdbx_database_status.SG_entry                        Y 
_pdbx_database_status.pdb_format_compatible           Y 
_pdbx_database_status.status_code_cs                  ? 
_pdbx_database_status.status_code_nmr_data            ? 
_pdbx_database_status.methods_development_category    ? 
# 
_pdbx_database_related.db_name        TargetDB 
_pdbx_database_related.db_id          ape001000204 
_pdbx_database_related.details        . 
_pdbx_database_related.content_type   unspecified 
# 
loop_
_audit_author.name 
_audit_author.pdbx_ordinal 
'Kato-Murayama, M.'                                      1 
'Bessho, Y.'                                             2 
'Shirouzu, M.'                                           3 
'Yokoyama, S.'                                           4 
'RIKEN Structural Genomics/Proteomics Initiative (RSGI)' 5 
# 
_citation.id                        primary 
_citation.title                     
;Crystal Structure of the RNA 2'-Phosphotransferase from Aeropyrum pernix K1
;
_citation.journal_abbrev            J.Mol.Biol. 
_citation.journal_volume            348 
_citation.page_first                295 
_citation.page_last                 305 
_citation.year                      2005 
_citation.journal_id_ASTM           JMOBAK 
_citation.country                   UK 
_citation.journal_id_ISSN           0022-2836 
_citation.journal_id_CSD            0070 
_citation.book_publisher            ? 
_citation.pdbx_database_id_PubMed   15811369 
_citation.pdbx_database_id_DOI      10.1016/j.jmb.2005.02.049 
# 
loop_
_citation_author.citation_id 
_citation_author.name 
_citation_author.ordinal 
_citation_author.identifier_ORCID 
primary 'Kato-Murayama, M.' 1 ? 
primary 'Bessho, Y.'        2 ? 
primary 'Shirouzu, M.'      3 ? 
primary 'Yokoyama, S.'      4 ? 
# 
loop_
_entity.id 
_entity.type 
_entity.src_method 
_entity.pdbx_description 
_entity.formula_weight 
_entity.pdbx_number_of_molecules 
_entity.pdbx_ec 
_entity.pdbx_mutation 
_entity.pdbx_fragment 
_entity.details 
1 polymer     man 
;Probable RNA 2'-phosphotransferase
;
21398.234 1  2.7.-.- ? 'RESIDUES 1-186' ? 
2 non-polymer syn 'ZINC ION'                           65.409    1  ?       ? ?                ? 
3 non-polymer syn 'CHLORIDE ION'                       35.453    5  ?       ? ?                ? 
4 water       nat water                                18.015    16 ?       ? ?                ? 
# 
_entity_name_com.entity_id   1 
_entity_name_com.name        
;RNA 2'-phosphotransferase, APE0204 protein
;
# 
_entity_poly.entity_id                      1 
_entity_poly.type                           'polypeptide(L)' 
_entity_poly.nstd_linkage                   no 
_entity_poly.nstd_monomer                   yes 
_entity_poly.pdbx_seq_one_letter_code       
;(MSE)RVRLSKTLAGILRHHPGRYGVRLTREGWARVSEVVEGLRKAGWSWVEEWHIVGVALHDPKGRYELRNGEIRARYG
HSIPVNVEPLPGEPPPILYHGTTEEALPLI(MSE)ERGI(MSE)RGRRLKVHLTSSLEDAVSTGRRHGNLVAVLLVDVEC
LRRRGLKVER(MSE)SKTVYTVDWVPPECIAEVRRESLGRSL
;
_entity_poly.pdbx_seq_one_letter_code_can   
;MRVRLSKTLAGILRHHPGRYGVRLTREGWARVSEVVEGLRKAGWSWVEEWHIVGVALHDPKGRYELRNGEIRARYGHSIP
VNVEPLPGEPPPILYHGTTEEALPLIMERGIMRGRRLKVHLTSSLEDAVSTGRRHGNLVAVLLVDVECLRRRGLKVERMS
KTVYTVDWVPPECIAEVRRESLGRSL
;
_entity_poly.pdbx_strand_id                 A 
_entity_poly.pdbx_target_identifier         ape001000204 
# 
loop_
_pdbx_entity_nonpoly.entity_id 
_pdbx_entity_nonpoly.name 
_pdbx_entity_nonpoly.comp_id 
2 'ZINC ION'     ZN  
3 'CHLORIDE ION' CL  
4 water          HOH 
# 
loop_
_entity_poly_seq.entity_id 
_entity_poly_seq.num 
_entity_poly_seq.mon_id 
_entity_poly_seq.hetero 
1 1   MSE n 
1 2   ARG n 
1 3   VAL n 
1 4   ARG n 
1 5   LEU n 
1 6   SER n 
1 7   LYS n 
1 8   THR n 
1 9   LEU n 
1 10  ALA n 
1 11  GLY n 
1 12  ILE n 
1 13  LEU n 
1 14  ARG n 
1 15  HIS n 
1 16  HIS n 
1 17  PRO n 
1 18  GLY n 
1 19  ARG n 
1 20  TYR n 
1 21  GLY n 
1 22  VAL n 
1 23  ARG n 
1 24  LEU n 
1 25  THR n 
1 26  ARG n 
1 27  GLU n 
1 28  GLY n 
1 29  TRP n 
1 30  ALA n 
1 31  ARG n 
1 32  VAL n 
1 33  SER n 
1 34  GLU n 
1 35  VAL n 
1 36  VAL n 
1 37  GLU n 
1 38  GLY n 
1 39  LEU n 
1 40  ARG n 
1 41  LYS n 
1 42  ALA n 
1 43  GLY n 
1 44  TRP n 
1 45  SER n 
1 46  TRP n 
1 47  VAL n 
1 48  GLU n 
1 49  GLU n 
1 50  TRP n 
1 51  HIS n 
1 52  ILE n 
1 53  VAL n 
1 54  GLY n 
1 55  VAL n 
1 56  ALA n 
1 57  LEU n 
1 58  HIS n 
1 59  ASP n 
1 60  PRO n 
1 61  LYS n 
1 62  GLY n 
1 63  ARG n 
1 64  TYR n 
1 65  GLU n 
1 66  LEU n 
1 67  ARG n 
1 68  ASN n 
1 69  GLY n 
1 70  GLU n 
1 71  ILE n 
1 72  ARG n 
1 73  ALA n 
1 74  ARG n 
1 75  TYR n 
1 76  GLY n 
1 77  HIS n 
1 78  SER n 
1 79  ILE n 
1 80  PRO n 
1 81  VAL n 
1 82  ASN n 
1 83  VAL n 
1 84  GLU n 
1 85  PRO n 
1 86  LEU n 
1 87  PRO n 
1 88  GLY n 
1 89  GLU n 
1 90  PRO n 
1 91  PRO n 
1 92  PRO n 
1 93  ILE n 
1 94  LEU n 
1 95  TYR n 
1 96  HIS n 
1 97  GLY n 
1 98  THR n 
1 99  THR n 
1 100 GLU n 
1 101 GLU n 
1 102 ALA n 
1 103 LEU n 
1 104 PRO n 
1 105 LEU n 
1 106 ILE n 
1 107 MSE n 
1 108 GLU n 
1 109 ARG n 
1 110 GLY n 
1 111 ILE n 
1 112 MSE n 
1 113 ARG n 
1 114 GLY n 
1 115 ARG n 
1 116 ARG n 
1 117 LEU n 
1 118 LYS n 
1 119 VAL n 
1 120 HIS n 
1 121 LEU n 
1 122 THR n 
1 123 SER n 
1 124 SER n 
1 125 LEU n 
1 126 GLU n 
1 127 ASP n 
1 128 ALA n 
1 129 VAL n 
1 130 SER n 
1 131 THR n 
1 132 GLY n 
1 133 ARG n 
1 134 ARG n 
1 135 HIS n 
1 136 GLY n 
1 137 ASN n 
1 138 LEU n 
1 139 VAL n 
1 140 ALA n 
1 141 VAL n 
1 142 LEU n 
1 143 LEU n 
1 144 VAL n 
1 145 ASP n 
1 146 VAL n 
1 147 GLU n 
1 148 CYS n 
1 149 LEU n 
1 150 ARG n 
1 151 ARG n 
1 152 ARG n 
1 153 GLY n 
1 154 LEU n 
1 155 LYS n 
1 156 VAL n 
1 157 GLU n 
1 158 ARG n 
1 159 MSE n 
1 160 SER n 
1 161 LYS n 
1 162 THR n 
1 163 VAL n 
1 164 TYR n 
1 165 THR n 
1 166 VAL n 
1 167 ASP n 
1 168 TRP n 
1 169 VAL n 
1 170 PRO n 
1 171 PRO n 
1 172 GLU n 
1 173 CYS n 
1 174 ILE n 
1 175 ALA n 
1 176 GLU n 
1 177 VAL n 
1 178 ARG n 
1 179 ARG n 
1 180 GLU n 
1 181 SER n 
1 182 LEU n 
1 183 GLY n 
1 184 ARG n 
1 185 SER n 
1 186 LEU n 
# 
_entity_src_gen.entity_id                          1 
_entity_src_gen.pdbx_src_id                        1 
_entity_src_gen.pdbx_alt_source_flag               sample 
_entity_src_gen.pdbx_seq_type                      ? 
_entity_src_gen.pdbx_beg_seq_num                   ? 
_entity_src_gen.pdbx_end_seq_num                   ? 
_entity_src_gen.gene_src_common_name               ? 
_entity_src_gen.gene_src_genus                     Aeropyrum 
_entity_src_gen.pdbx_gene_src_gene                 APE0204 
_entity_src_gen.gene_src_species                   ? 
_entity_src_gen.gene_src_strain                    ? 
_entity_src_gen.gene_src_tissue                    ? 
_entity_src_gen.gene_src_tissue_fraction           ? 
_entity_src_gen.gene_src_details                   ? 
_entity_src_gen.pdbx_gene_src_fragment             ? 
_entity_src_gen.pdbx_gene_src_scientific_name      'Aeropyrum pernix' 
_entity_src_gen.pdbx_gene_src_ncbi_taxonomy_id     56636 
_entity_src_gen.pdbx_gene_src_variant              ? 
_entity_src_gen.pdbx_gene_src_cell_line            ? 
_entity_src_gen.pdbx_gene_src_atcc                 ? 
_entity_src_gen.pdbx_gene_src_organ                ? 
_entity_src_gen.pdbx_gene_src_organelle            ? 
_entity_src_gen.pdbx_gene_src_cell                 ? 
_entity_src_gen.pdbx_gene_src_cellular_location    ? 
_entity_src_gen.host_org_common_name               ? 
_entity_src_gen.pdbx_host_org_scientific_name      'Escherichia coli' 
_entity_src_gen.pdbx_host_org_ncbi_taxonomy_id     562 
_entity_src_gen.host_org_genus                     Escherichia 
_entity_src_gen.pdbx_host_org_gene                 ? 
_entity_src_gen.pdbx_host_org_organ                ? 
_entity_src_gen.host_org_species                   ? 
_entity_src_gen.pdbx_host_org_tissue               ? 
_entity_src_gen.pdbx_host_org_tissue_fraction      ? 
_entity_src_gen.pdbx_host_org_strain               ? 
_entity_src_gen.pdbx_host_org_variant              ? 
_entity_src_gen.pdbx_host_org_cell_line            ? 
_entity_src_gen.pdbx_host_org_atcc                 ? 
_entity_src_gen.pdbx_host_org_culture_collection   ? 
_entity_src_gen.pdbx_host_org_cell                 ? 
_entity_src_gen.pdbx_host_org_organelle            ? 
_entity_src_gen.pdbx_host_org_cellular_location    ? 
_entity_src_gen.pdbx_host_org_vector_type          PLASMID 
_entity_src_gen.pdbx_host_org_vector               ? 
_entity_src_gen.host_org_details                   ? 
_entity_src_gen.expression_system_id               ? 
_entity_src_gen.plasmid_name                       pET11a 
_entity_src_gen.plasmid_details                    ? 
_entity_src_gen.pdbx_description                   ? 
# 
loop_
_chem_comp.id 
_chem_comp.type 
_chem_comp.mon_nstd_flag 
_chem_comp.name 
_chem_comp.pdbx_synonyms 
_chem_comp.formula 
_chem_comp.formula_weight 
ALA 'L-peptide linking' y ALANINE          ? 'C3 H7 N O2'     89.093  
ARG 'L-peptide linking' y ARGININE         ? 'C6 H15 N4 O2 1' 175.209 
ASN 'L-peptide linking' y ASPARAGINE       ? 'C4 H8 N2 O3'    132.118 
ASP 'L-peptide linking' y 'ASPARTIC ACID'  ? 'C4 H7 N O4'     133.103 
CL  non-polymer         . 'CHLORIDE ION'   ? 'Cl -1'          35.453  
CYS 'L-peptide linking' y CYSTEINE         ? 'C3 H7 N O2 S'   121.158 
GLU 'L-peptide linking' y 'GLUTAMIC ACID'  ? 'C5 H9 N O4'     147.129 
GLY 'peptide linking'   y GLYCINE          ? 'C2 H5 N O2'     75.067  
HIS 'L-peptide linking' y HISTIDINE        ? 'C6 H10 N3 O2 1' 156.162 
HOH non-polymer         . WATER            ? 'H2 O'           18.015  
ILE 'L-peptide linking' y ISOLEUCINE       ? 'C6 H13 N O2'    131.173 
LEU 'L-peptide linking' y LEUCINE          ? 'C6 H13 N O2'    131.173 
LYS 'L-peptide linking' y LYSINE           ? 'C6 H15 N2 O2 1' 147.195 
MET 'L-peptide linking' y METHIONINE       ? 'C5 H11 N O2 S'  149.211 
MSE 'L-peptide linking' n SELENOMETHIONINE ? 'C5 H11 N O2 Se' 196.106 
PRO 'L-peptide linking' y PROLINE          ? 'C5 H9 N O2'     115.130 
SER 'L-peptide linking' y SERINE           ? 'C3 H7 N O3'     105.093 
THR 'L-peptide linking' y THREONINE        ? 'C4 H9 N O3'     119.119 
TRP 'L-peptide linking' y TRYPTOPHAN       ? 'C11 H12 N2 O2'  204.225 
TYR 'L-peptide linking' y TYROSINE         ? 'C9 H11 N O3'    181.189 
VAL 'L-peptide linking' y VALINE           ? 'C5 H11 N O2'    117.146 
ZN  non-polymer         . 'ZINC ION'       ? 'Zn 2'           65.409  
# 
loop_
_pdbx_poly_seq_scheme.asym_id 
_pdbx_poly_seq_scheme.entity_id 
_pdbx_poly_seq_scheme.seq_id 
_pdbx_poly_seq_scheme.mon_id 
_pdbx_poly_seq_scheme.ndb_seq_num 
_pdbx_poly_seq_scheme.pdb_seq_num 
_pdbx_poly_seq_scheme.auth_seq_num 
_pdbx_poly_seq_scheme.pdb_mon_id 
_pdbx_poly_seq_scheme.auth_mon_id 
_pdbx_poly_seq_scheme.pdb_strand_id 
_pdbx_poly_seq_scheme.pdb_ins_code 
_pdbx_poly_seq_scheme.hetero 
A 1 1   MSE 1   1   ?   ?   ?   A . n 
A 1 2   ARG 2   2   ?   ?   ?   A . n 
A 1 3   VAL 3   3   3   VAL VAL A . n 
A 1 4   ARG 4   4   4   ARG ARG A . n 
A 1 5   LEU 5   5   5   LEU LEU A . n 
A 1 6   SER 6   6   6   SER SER A . n 
A 1 7   LYS 7   7   7   LYS LYS A . n 
A 1 8   THR 8   8   8   THR THR A . n 
A 1 9   LEU 9   9   9   LEU LEU A . n 
A 1 10  ALA 10  10  10  ALA ALA A . n 
A 1 11  GLY 11  11  11  GLY GLY A . n 
A 1 12  ILE 12  12  12  ILE ILE A . n 
A 1 13  LEU 13  13  13  LEU LEU A . n 
A 1 14  ARG 14  14  14  ARG ARG A . n 
A 1 15  HIS 15  15  15  HIS HIS A . n 
A 1 16  HIS 16  16  16  HIS HIS A . n 
A 1 17  PRO 17  17  17  PRO PRO A . n 
A 1 18  GLY 18  18  18  GLY GLY A . n 
A 1 19  ARG 19  19  19  ARG ARG A . n 
A 1 20  TYR 20  20  20  TYR TYR A . n 
A 1 21  GLY 21  21  21  GLY GLY A . n 
A 1 22  VAL 22  22  22  VAL VAL A . n 
A 1 23  ARG 23  23  23  ARG ARG A . n 
A 1 24  LEU 24  24  24  LEU LEU A . n 
A 1 25  THR 25  25  25  THR THR A . n 
A 1 26  ARG 26  26  26  ARG ARG A . n 
A 1 27  GLU 27  27  27  GLU GLU A . n 
A 1 28  GLY 28  28  28  GLY GLY A . n 
A 1 29  TRP 29  29  29  TRP TRP A . n 
A 1 30  ALA 30  30  30  ALA ALA A . n 
A 1 31  ARG 31  31  31  ARG ARG A . n 
A 1 32  VAL 32  32  32  VAL VAL A . n 
A 1 33  SER 33  33  33  SER SER A . n 
A 1 34  GLU 34  34  34  GLU GLU A . n 
A 1 35  VAL 35  35  35  VAL VAL A . n 
A 1 36  VAL 36  36  36  VAL VAL A . n 
A 1 37  GLU 37  37  37  GLU GLU A . n 
A 1 38  GLY 38  38  38  GLY GLY A . n 
A 1 39  LEU 39  39  39  LEU LEU A . n 
A 1 40  ARG 40  40  40  ARG ARG A . n 
A 1 41  LYS 41  41  41  LYS LYS A . n 
A 1 42  ALA 42  42  42  ALA ALA A . n 
A 1 43  GLY 43  43  43  GLY GLY A . n 
A 1 44  TRP 44  44  44  TRP TRP A . n 
A 1 45  SER 45  45  45  SER SER A . n 
A 1 46  TRP 46  46  46  TRP TRP A . n 
A 1 47  VAL 47  47  47  VAL VAL A . n 
A 1 48  GLU 48  48  48  GLU GLU A . n 
A 1 49  GLU 49  49  49  GLU GLU A . n 
A 1 50  TRP 50  50  50  TRP TRP A . n 
A 1 51  HIS 51  51  51  HIS HIS A . n 
A 1 52  ILE 52  52  52  ILE ILE A . n 
A 1 53  VAL 53  53  53  VAL VAL A . n 
A 1 54  GLY 54  54  54  GLY GLY A . n 
A 1 55  VAL 55  55  55  VAL VAL A . n 
A 1 56  ALA 56  56  56  ALA ALA A . n 
A 1 57  LEU 57  57  57  LEU LEU A . n 
A 1 58  HIS 58  58  58  HIS HIS A . n 
A 1 59  ASP 59  59  59  ASP ASP A . n 
A 1 60  PRO 60  60  60  PRO PRO A . n 
A 1 61  LYS 61  61  61  LYS LYS A . n 
A 1 62  GLY 62  62  62  GLY GLY A . n 
A 1 63  ARG 63  63  63  ARG ARG A . n 
A 1 64  TYR 64  64  64  TYR TYR A . n 
A 1 65  GLU 65  65  65  GLU GLU A . n 
A 1 66  LEU 66  66  66  LEU LEU A . n 
A 1 67  ARG 67  67  67  ARG ARG A . n 
A 1 68  ASN 68  68  68  ASN ASN A . n 
A 1 69  GLY 69  69  69  GLY GLY A . n 
A 1 70  GLU 70  70  70  GLU GLU A . n 
A 1 71  ILE 71  71  71  ILE ILE A . n 
A 1 72  ARG 72  72  72  ARG ARG A . n 
A 1 73  ALA 73  73  73  ALA ALA A . n 
A 1 74  ARG 74  74  74  ARG ARG A . n 
A 1 75  TYR 75  75  75  TYR TYR A . n 
A 1 76  GLY 76  76  76  GLY GLY A . n 
A 1 77  HIS 77  77  77  HIS HIS A . n 
A 1 78  SER 78  78  78  SER SER A . n 
A 1 79  ILE 79  79  79  ILE ILE A . n 
A 1 80  PRO 80  80  80  PRO PRO A . n 
A 1 81  VAL 81  81  81  VAL VAL A . n 
A 1 82  ASN 82  82  82  ASN ASN A . n 
A 1 83  VAL 83  83  83  VAL VAL A . n 
A 1 84  GLU 84  84  84  GLU GLU A . n 
A 1 85  PRO 85  85  85  PRO PRO A . n 
A 1 86  LEU 86  86  86  LEU LEU A . n 
A 1 87  PRO 87  87  87  PRO PRO A . n 
A 1 88  GLY 88  88  88  GLY GLY A . n 
A 1 89  GLU 89  89  89  GLU GLU A . n 
A 1 90  PRO 90  90  90  PRO PRO A . n 
A 1 91  PRO 91  91  91  PRO PRO A . n 
A 1 92  PRO 92  92  92  PRO PRO A . n 
A 1 93  ILE 93  93  93  ILE ILE A . n 
A 1 94  LEU 94  94  94  LEU LEU A . n 
A 1 95  TYR 95  95  95  TYR TYR A . n 
A 1 96  HIS 96  96  96  HIS HIS A . n 
A 1 97  GLY 97  97  97  GLY GLY A . n 
A 1 98  THR 98  98  98  THR THR A . n 
A 1 99  THR 99  99  99  THR THR A . n 
A 1 100 GLU 100 100 100 GLU GLU A . n 
A 1 101 GLU 101 101 101 GLU GLU A . n 
A 1 102 ALA 102 102 102 ALA ALA A . n 
A 1 103 LEU 103 103 103 LEU LEU A . n 
A 1 104 PRO 104 104 104 PRO PRO A . n 
A 1 105 LEU 105 105 105 LEU LEU A . n 
A 1 106 ILE 106 106 106 ILE ILE A . n 
A 1 107 MSE 107 107 107 MSE MSE A . n 
A 1 108 GLU 108 108 108 GLU GLU A . n 
A 1 109 ARG 109 109 109 ARG ARG A . n 
A 1 110 GLY 110 110 110 GLY GLY A . n 
A 1 111 ILE 111 111 111 ILE ILE A . n 
A 1 112 MSE 112 112 112 MSE MSE A . n 
A 1 113 ARG 113 113 113 ARG ARG A . n 
A 1 114 GLY 114 114 114 GLY GLY A . n 
A 1 115 ARG 115 115 115 ARG ARG A . n 
A 1 116 ARG 116 116 116 ARG ARG A . n 
A 1 117 LEU 117 117 117 LEU LEU A . n 
A 1 118 LYS 118 118 118 LYS LYS A . n 
A 1 119 VAL 119 119 119 VAL VAL A . n 
A 1 120 HIS 120 120 120 HIS HIS A . n 
A 1 121 LEU 121 121 121 LEU LEU A . n 
A 1 122 THR 122 122 122 THR THR A . n 
A 1 123 SER 123 123 123 SER SER A . n 
A 1 124 SER 124 124 124 SER SER A . n 
A 1 125 LEU 125 125 125 LEU LEU A . n 
A 1 126 GLU 126 126 126 GLU GLU A . n 
A 1 127 ASP 127 127 127 ASP ASP A . n 
A 1 128 ALA 128 128 128 ALA ALA A . n 
A 1 129 VAL 129 129 129 VAL VAL A . n 
A 1 130 SER 130 130 130 SER SER A . n 
A 1 131 THR 131 131 131 THR THR A . n 
A 1 132 GLY 132 132 132 GLY GLY A . n 
A 1 133 ARG 133 133 133 ARG ARG A . n 
A 1 134 ARG 134 134 134 ARG ARG A . n 
A 1 135 HIS 135 135 135 HIS HIS A . n 
A 1 136 GLY 136 136 136 GLY GLY A . n 
A 1 137 ASN 137 137 137 ASN ASN A . n 
A 1 138 LEU 138 138 138 LEU LEU A . n 
A 1 139 VAL 139 139 139 VAL VAL A . n 
A 1 140 ALA 140 140 140 ALA ALA A . n 
A 1 141 VAL 141 141 141 VAL VAL A . n 
A 1 142 LEU 142 142 142 LEU LEU A . n 
A 1 143 LEU 143 143 143 LEU LEU A . n 
A 1 144 VAL 144 144 144 VAL VAL A . n 
A 1 145 ASP 145 145 145 ASP ASP A . n 
A 1 146 VAL 146 146 146 VAL VAL A . n 
A 1 147 GLU 147 147 147 GLU GLU A . n 
A 1 148 CYS 148 148 148 CYS CYS A . n 
A 1 149 LEU 149 149 149 LEU LEU A . n 
A 1 150 ARG 150 150 150 ARG ARG A . n 
A 1 151 ARG 151 151 151 ARG ARG A . n 
A 1 152 ARG 152 152 152 ARG ARG A . n 
A 1 153 GLY 153 153 153 GLY GLY A . n 
A 1 154 LEU 154 154 154 LEU LEU A . n 
A 1 155 LYS 155 155 155 LYS LYS A . n 
A 1 156 VAL 156 156 156 VAL VAL A . n 
A 1 157 GLU 157 157 157 GLU GLU A . n 
A 1 158 ARG 158 158 158 ARG ARG A . n 
A 1 159 MSE 159 159 159 MSE MSE A . n 
A 1 160 SER 160 160 160 SER SER A . n 
A 1 161 LYS 161 161 161 LYS LYS A . n 
A 1 162 THR 162 162 162 THR THR A . n 
A 1 163 VAL 163 163 163 VAL VAL A . n 
A 1 164 TYR 164 164 164 TYR TYR A . n 
A 1 165 THR 165 165 165 THR THR A . n 
A 1 166 VAL 166 166 166 VAL VAL A . n 
A 1 167 ASP 167 167 167 ASP ASP A . n 
A 1 168 TRP 168 168 168 TRP TRP A . n 
A 1 169 VAL 169 169 169 VAL VAL A . n 
A 1 170 PRO 170 170 170 PRO PRO A . n 
A 1 171 PRO 171 171 171 PRO PRO A . n 
A 1 172 GLU 172 172 172 GLU GLU A . n 
A 1 173 CYS 173 173 173 CYS CYS A . n 
A 1 174 ILE 174 174 174 ILE ILE A . n 
A 1 175 ALA 175 175 175 ALA ALA A . n 
A 1 176 GLU 176 176 176 GLU GLU A . n 
A 1 177 VAL 177 177 177 VAL VAL A . n 
A 1 178 ARG 178 178 178 ARG ARG A . n 
A 1 179 ARG 179 179 179 ARG ARG A . n 
A 1 180 GLU 180 180 180 GLU GLU A . n 
A 1 181 SER 181 181 181 SER SER A . n 
A 1 182 LEU 182 182 182 LEU LEU A . n 
A 1 183 GLY 183 183 ?   ?   ?   A . n 
A 1 184 ARG 184 184 ?   ?   ?   A . n 
A 1 185 SER 185 185 ?   ?   ?   A . n 
A 1 186 LEU 186 186 ?   ?   ?   A . n 
# 
loop_
_pdbx_nonpoly_scheme.asym_id 
_pdbx_nonpoly_scheme.entity_id 
_pdbx_nonpoly_scheme.mon_id 
_pdbx_nonpoly_scheme.ndb_seq_num 
_pdbx_nonpoly_scheme.pdb_seq_num 
_pdbx_nonpoly_scheme.auth_seq_num 
_pdbx_nonpoly_scheme.pdb_mon_id 
_pdbx_nonpoly_scheme.auth_mon_id 
_pdbx_nonpoly_scheme.pdb_strand_id 
_pdbx_nonpoly_scheme.pdb_ins_code 
B 2 ZN  1  201 201 ZN  ZN  A . 
C 3 CL  1  202 202 CL  CL  A . 
D 3 CL  1  203 203 CL  CL  A . 
E 3 CL  1  204 204 CL  CL  A . 
F 3 CL  1  205 205 CL  CL  A . 
G 3 CL  1  206 206 CL  CL  A . 
H 4 HOH 1  301 301 HOH HOH A . 
H 4 HOH 2  302 302 HOH HOH A . 
H 4 HOH 3  303 303 HOH HOH A . 
H 4 HOH 4  304 304 HOH HOH A . 
H 4 HOH 5  305 305 HOH HOH A . 
H 4 HOH 6  306 306 HOH HOH A . 
H 4 HOH 7  307 307 HOH HOH A . 
H 4 HOH 8  308 308 HOH HOH A . 
H 4 HOH 9  309 309 HOH HOH A . 
H 4 HOH 10 310 310 HOH HOH A . 
H 4 HOH 11 311 311 HOH HOH A . 
H 4 HOH 12 312 312 HOH HOH A . 
H 4 HOH 13 313 313 HOH HOH A . 
H 4 HOH 14 314 314 HOH HOH A . 
H 4 HOH 15 315 315 HOH HOH A . 
H 4 HOH 16 316 316 HOH HOH A . 
# 
loop_
_software.name 
_software.classification 
_software.version 
_software.citation_id 
_software.pdbx_ordinal 
CNS       refinement       1.1 ? 1 
HKL-2000  'data reduction' .   ? 2 
SCALEPACK 'data scaling'   .   ? 3 
SOLVE     phasing          .   ? 4 
# 
_cell.entry_id           1WFX 
_cell.length_a           102.667 
_cell.length_b           102.667 
_cell.length_c           101.489 
_cell.angle_alpha        90.00 
_cell.angle_beta         90.00 
_cell.angle_gamma        120.00 
_cell.Z_PDB              18 
_cell.pdbx_unique_axis   ? 
# 
_symmetry.entry_id                         1WFX 
_symmetry.space_group_name_H-M             'H 3 2' 
_symmetry.pdbx_full_space_group_name_H-M   ? 
_symmetry.cell_setting                     ? 
_symmetry.Int_Tables_number                155 
_symmetry.space_group_name_Hall            ? 
# 
_exptl.entry_id          1WFX 
_exptl.method            'X-RAY DIFFRACTION' 
_exptl.crystals_number   ? 
# 
_exptl_crystal.id                    1 
_exptl_crystal.density_meas          ? 
_exptl_crystal.density_Matthews      2.4 
_exptl_crystal.density_percent_sol   49.0 
_exptl_crystal.description           ? 
_exptl_crystal.F_000                 ? 
_exptl_crystal.preparation           ? 
# 
_diffrn.id                     1 
_diffrn.ambient_temp           100 
_diffrn.ambient_temp_details   ? 
_diffrn.crystal_id             1 
# 
_diffrn_detector.diffrn_id              1 
_diffrn_detector.detector               CCD 
_diffrn_detector.type                   'RIGAKU JUPITER 210' 
_diffrn_detector.pdbx_collection_date   2004-04-06 
_diffrn_detector.details                ? 
# 
_diffrn_radiation.diffrn_id                        1 
_diffrn_radiation.wavelength_id                    1 
_diffrn_radiation.pdbx_monochromatic_or_laue_m_l   M 
_diffrn_radiation.monochromator                    ? 
_diffrn_radiation.pdbx_diffrn_protocol             MAD 
_diffrn_radiation.pdbx_scattering_type             x-ray 
# 
loop_
_diffrn_radiation_wavelength.id 
_diffrn_radiation_wavelength.wavelength 
_diffrn_radiation_wavelength.wt 
1 0.9789 1.0 
2 0.9791 1.0 
3 0.970  1.0 
# 
_diffrn_source.diffrn_id                   1 
_diffrn_source.source                      SYNCHROTRON 
_diffrn_source.type                        'SPRING-8 BEAMLINE BL26B1' 
_diffrn_source.pdbx_synchrotron_site       SPring-8 
_diffrn_source.pdbx_synchrotron_beamline   BL26B1 
_diffrn_source.pdbx_wavelength             ? 
_diffrn_source.pdbx_wavelength_list        '0.9789, 0.9791, 0.970' 
# 
_reflns.entry_id                     1WFX 
_reflns.observed_criterion_sigma_I   -3.0 
_reflns.observed_criterion_sigma_F   ? 
_reflns.d_resolution_low             44.28 
_reflns.d_resolution_high            2.80 
_reflns.number_obs                   5217 
_reflns.number_all                   ? 
_reflns.percent_possible_obs         99.9 
_reflns.pdbx_Rmerge_I_obs            ? 
_reflns.pdbx_Rsym_value              ? 
_reflns.pdbx_netI_over_sigmaI        ? 
_reflns.B_iso_Wilson_estimate        114.6 
_reflns.pdbx_redundancy              ? 
_reflns.R_free_details               ? 
_reflns.limit_h_max                  ? 
_reflns.limit_h_min                  ? 
_reflns.limit_k_max                  ? 
_reflns.limit_k_min                  ? 
_reflns.limit_l_max                  ? 
_reflns.limit_l_min                  ? 
_reflns.observed_criterion_F_max     ? 
_reflns.observed_criterion_F_min     ? 
_reflns.pdbx_chi_squared             ? 
_reflns.pdbx_scaling_rejects         ? 
_reflns.pdbx_ordinal                 1 
_reflns.pdbx_diffrn_id               1 
# 
_reflns_shell.d_res_high             2.80 
_reflns_shell.d_res_low              2.90 
_reflns_shell.percent_possible_all   100.0 
_reflns_shell.Rmerge_I_obs           ? 
_reflns_shell.pdbx_Rsym_value        ? 
_reflns_shell.meanI_over_sigI_obs    ? 
_reflns_shell.pdbx_redundancy        ? 
_reflns_shell.percent_possible_obs   ? 
_reflns_shell.number_unique_all      ? 
_reflns_shell.number_measured_all    ? 
_reflns_shell.number_measured_obs    ? 
_reflns_shell.number_unique_obs      ? 
_reflns_shell.pdbx_chi_squared       ? 
_reflns_shell.pdbx_ordinal           1 
_reflns_shell.pdbx_diffrn_id         1 
# 
_refine.entry_id                                 1WFX 
_refine.ls_number_reflns_obs                     5213 
_refine.ls_number_reflns_all                     ? 
_refine.pdbx_ls_sigma_I                          ? 
_refine.pdbx_ls_sigma_F                          0.0 
_refine.pdbx_data_cutoff_high_absF               1574085.55 
_refine.pdbx_data_cutoff_low_absF                0.000000 
_refine.pdbx_data_cutoff_high_rms_absF           ? 
_refine.ls_d_res_low                             44.07 
_refine.ls_d_res_high                            2.80 
_refine.ls_percent_reflns_obs                    99.8 
_refine.ls_R_factor_obs                          ? 
_refine.ls_R_factor_all                          ? 
_refine.ls_R_factor_R_work                       0.22 
_refine.ls_R_factor_R_free                       0.286 
_refine.ls_R_factor_R_free_error                 0.012 
_refine.ls_R_factor_R_free_error_details         ? 
_refine.ls_percent_reflns_R_free                 10.3 
_refine.ls_number_reflns_R_free                  536 
_refine.ls_number_parameters                     ? 
_refine.ls_number_restraints                     ? 
_refine.occupancy_min                            ? 
_refine.occupancy_max                            ? 
_refine.correlation_coeff_Fo_to_Fc               ? 
_refine.correlation_coeff_Fo_to_Fc_free          ? 
_refine.B_iso_mean                               29.0 
_refine.aniso_B[1][1]                            -0.13 
_refine.aniso_B[2][2]                            -0.13 
_refine.aniso_B[3][3]                            0.27 
_refine.aniso_B[1][2]                            3.89 
_refine.aniso_B[1][3]                            0.00 
_refine.aniso_B[2][3]                            0.00 
_refine.solvent_model_details                    'FLAT MODEL' 
_refine.solvent_model_param_ksol                 0.388121 
_refine.solvent_model_param_bsol                 42.0314 
_refine.pdbx_solvent_vdw_probe_radii             ? 
_refine.pdbx_solvent_ion_probe_radii             ? 
_refine.pdbx_solvent_shrinkage_radii             ? 
_refine.pdbx_ls_cross_valid_method               THROUGHOUT 
_refine.details                                  ? 
_refine.pdbx_starting_model                      ? 
_refine.pdbx_method_to_determine_struct          MAD 
_refine.pdbx_isotropic_thermal_model             RESTRAINED 
_refine.pdbx_stereochemistry_target_values       ? 
_refine.pdbx_stereochem_target_val_spec_case     ? 
_refine.pdbx_R_Free_selection_details            RANDOM 
_refine.pdbx_overall_ESU_R                       ? 
_refine.pdbx_overall_ESU_R_Free                  ? 
_refine.overall_SU_ML                            ? 
_refine.overall_SU_B                             ? 
_refine.ls_redundancy_reflns_obs                 ? 
_refine.B_iso_min                                ? 
_refine.B_iso_max                                ? 
_refine.overall_SU_R_Cruickshank_DPI             ? 
_refine.overall_SU_R_free                        ? 
_refine.ls_wR_factor_R_free                      ? 
_refine.ls_wR_factor_R_work                      ? 
_refine.overall_FOM_free_R_set                   ? 
_refine.overall_FOM_work_R_set                   ? 
_refine.pdbx_refine_id                           'X-RAY DIFFRACTION' 
_refine.pdbx_diffrn_id                           1 
_refine.pdbx_TLS_residual_ADP_flag               ? 
_refine.pdbx_overall_phase_error                 ? 
_refine.pdbx_overall_SU_R_free_Cruickshank_DPI   ? 
_refine.pdbx_overall_SU_R_Blow_DPI               ? 
_refine.pdbx_overall_SU_R_free_Blow_DPI          ? 
# 
_refine_analyze.entry_id                        1WFX 
_refine_analyze.Luzzati_coordinate_error_obs    0.32 
_refine_analyze.Luzzati_sigma_a_obs             0.38 
_refine_analyze.Luzzati_d_res_low_obs           5.00 
_refine_analyze.Luzzati_coordinate_error_free   0.47 
_refine_analyze.Luzzati_sigma_a_free            0.61 
_refine_analyze.Luzzati_d_res_low_free          ? 
_refine_analyze.number_disordered_residues      ? 
_refine_analyze.occupancy_sum_hydrogen          ? 
_refine_analyze.occupancy_sum_non_hydrogen      ? 
_refine_analyze.pdbx_Luzzati_d_res_high_obs     ? 
_refine_analyze.pdbx_refine_id                  'X-RAY DIFFRACTION' 
# 
_refine_hist.pdbx_refine_id                   'X-RAY DIFFRACTION' 
_refine_hist.cycle_id                         LAST 
_refine_hist.pdbx_number_atoms_protein        1442 
_refine_hist.pdbx_number_atoms_nucleic_acid   0 
_refine_hist.pdbx_number_atoms_ligand         6 
_refine_hist.number_atoms_solvent             16 
_refine_hist.number_atoms_total               1464 
_refine_hist.d_res_high                       2.80 
_refine_hist.d_res_low                        44.07 
# 
loop_
_refine_ls_restr.type 
_refine_ls_restr.dev_ideal 
_refine_ls_restr.dev_ideal_target 
_refine_ls_restr.weight 
_refine_ls_restr.number 
_refine_ls_restr.pdbx_refine_id 
_refine_ls_restr.pdbx_restraint_function 
c_bond_d                0.007 ? ? ? 'X-RAY DIFFRACTION' ? 
c_bond_d_na             ?     ? ? ? 'X-RAY DIFFRACTION' ? 
c_bond_d_prot           ?     ? ? ? 'X-RAY DIFFRACTION' ? 
c_angle_d               ?     ? ? ? 'X-RAY DIFFRACTION' ? 
c_angle_d_na            ?     ? ? ? 'X-RAY DIFFRACTION' ? 
c_angle_d_prot          ?     ? ? ? 'X-RAY DIFFRACTION' ? 
c_angle_deg             1.4   ? ? ? 'X-RAY DIFFRACTION' ? 
c_angle_deg_na          ?     ? ? ? 'X-RAY DIFFRACTION' ? 
c_angle_deg_prot        ?     ? ? ? 'X-RAY DIFFRACTION' ? 
c_dihedral_angle_d      22.9  ? ? ? 'X-RAY DIFFRACTION' ? 
c_dihedral_angle_d_na   ?     ? ? ? 'X-RAY DIFFRACTION' ? 
c_dihedral_angle_d_prot ?     ? ? ? 'X-RAY DIFFRACTION' ? 
c_improper_angle_d      0.93  ? ? ? 'X-RAY DIFFRACTION' ? 
c_improper_angle_d_na   ?     ? ? ? 'X-RAY DIFFRACTION' ? 
c_improper_angle_d_prot ?     ? ? ? 'X-RAY DIFFRACTION' ? 
c_mcbond_it             ?     ? ? ? 'X-RAY DIFFRACTION' ? 
c_mcangle_it            ?     ? ? ? 'X-RAY DIFFRACTION' ? 
c_scbond_it             ?     ? ? ? 'X-RAY DIFFRACTION' ? 
c_scangle_it            ?     ? ? ? 'X-RAY DIFFRACTION' ? 
# 
_refine_ls_shell.pdbx_total_number_of_bins_used   6 
_refine_ls_shell.d_res_high                       2.80 
_refine_ls_shell.d_res_low                        2.98 
_refine_ls_shell.number_reflns_R_work             775 
_refine_ls_shell.R_factor_R_work                  0.298 
_refine_ls_shell.percent_reflns_obs               100.0 
_refine_ls_shell.R_factor_R_free                  0.418 
_refine_ls_shell.R_factor_R_free_error            0.048 
_refine_ls_shell.percent_reflns_R_free            8.8 
_refine_ls_shell.number_reflns_R_free             75 
_refine_ls_shell.number_reflns_obs                ? 
_refine_ls_shell.redundancy_reflns_obs            ? 
_refine_ls_shell.number_reflns_all                ? 
_refine_ls_shell.pdbx_refine_id                   'X-RAY DIFFRACTION' 
_refine_ls_shell.R_factor_all                     ? 
# 
loop_
_pdbx_xplor_file.serial_no 
_pdbx_xplor_file.param_file 
_pdbx_xplor_file.topol_file 
_pdbx_xplor_file.pdbx_refine_id 
1 PROTEIN_REP.PARAM PROTEIN.TOP   'X-RAY DIFFRACTION' 
2 WATER_REP.PARAM   WATER_REP.TOP 'X-RAY DIFFRACTION' 
3 ION.PARAM         ION.TOP       'X-RAY DIFFRACTION' 
# 
_struct.entry_id                  1WFX 
_struct.title                     'Crystal Structure of APE0204 from Aeropyrum pernix' 
_struct.pdbx_model_details        ? 
_struct.pdbx_CASP_flag            ? 
_struct.pdbx_model_type_details   ? 
# 
_struct_keywords.entry_id        1WFX 
_struct_keywords.pdbx_keywords   TRANSFERASE 
_struct_keywords.text            
;RNA 2'-phosphotransferase, tRNA splicing, NAD, Structural Genomics, RIKEN Structural Genomics/Proteomics Initiative, RSGI, transferase
;
# 
loop_
_struct_asym.id 
_struct_asym.pdbx_blank_PDB_chainid_flag 
_struct_asym.pdbx_modified 
_struct_asym.entity_id 
_struct_asym.details 
A N N 1 ? 
B N N 2 ? 
C N N 3 ? 
D N N 3 ? 
E N N 3 ? 
F N N 3 ? 
G N N 3 ? 
H N N 4 ? 
# 
_struct_ref.id                         1 
_struct_ref.db_name                    UNP 
_struct_ref.db_code                    KPTA_AERPE 
_struct_ref.pdbx_db_accession          Q9YFP5 
_struct_ref.entity_id                  1 
_struct_ref.pdbx_seq_one_letter_code   
;MRVRLSKTLAGILRHHPGRYGVRLTREGWARVSEVVEGLRKAGWSWVEEWHIVGVALHDPKGRYELRNGEIRARYGHSIP
VNVEPLPGEPPPILYHGTTEEALPLIMERGIMRGRRLKVHLTSSLEDAVSTGRRHGNLVAVLLVDVECLRRRGLKVERMS
KTVYTVDWVPPECIAEVRRESLGRSL
;
_struct_ref.pdbx_align_begin           35 
_struct_ref.pdbx_db_isoform            ? 
# 
_struct_ref_seq.align_id                      1 
_struct_ref_seq.ref_id                        1 
_struct_ref_seq.pdbx_PDB_id_code              1WFX 
_struct_ref_seq.pdbx_strand_id                A 
_struct_ref_seq.seq_align_beg                 1 
_struct_ref_seq.pdbx_seq_align_beg_ins_code   ? 
_struct_ref_seq.seq_align_end                 186 
_struct_ref_seq.pdbx_seq_align_end_ins_code   ? 
_struct_ref_seq.pdbx_db_accession             Q9YFP5 
_struct_ref_seq.db_align_beg                  35 
_struct_ref_seq.pdbx_db_align_beg_ins_code    ? 
_struct_ref_seq.db_align_end                  220 
_struct_ref_seq.pdbx_db_align_end_ins_code    ? 
_struct_ref_seq.pdbx_auth_seq_align_beg       1 
_struct_ref_seq.pdbx_auth_seq_align_end       186 
# 
loop_
_struct_ref_seq_dif.align_id 
_struct_ref_seq_dif.pdbx_pdb_id_code 
_struct_ref_seq_dif.mon_id 
_struct_ref_seq_dif.pdbx_pdb_strand_id 
_struct_ref_seq_dif.seq_num 
_struct_ref_seq_dif.pdbx_pdb_ins_code 
_struct_ref_seq_dif.pdbx_seq_db_name 
_struct_ref_seq_dif.pdbx_seq_db_accession_code 
_struct_ref_seq_dif.db_mon_id 
_struct_ref_seq_dif.pdbx_seq_db_seq_num 
_struct_ref_seq_dif.details 
_struct_ref_seq_dif.pdbx_auth_seq_num 
_struct_ref_seq_dif.pdbx_ordinal 
1 1WFX MSE A 1   ? UNP Q9YFP5 MET 35  'modified residue' 1   1 
1 1WFX MSE A 107 ? UNP Q9YFP5 MET 141 'modified residue' 107 2 
1 1WFX MSE A 112 ? UNP Q9YFP5 MET 146 'modified residue' 112 3 
1 1WFX MSE A 159 ? UNP Q9YFP5 MET 193 'modified residue' 159 4 
# 
loop_
_pdbx_struct_assembly.id 
_pdbx_struct_assembly.details 
_pdbx_struct_assembly.method_details 
_pdbx_struct_assembly.oligomeric_details 
_pdbx_struct_assembly.oligomeric_count 
1 author_defined_assembly   ?        monomeric 1 
2 software_defined_assembly PISA,PQS trimeric  3 
# 
loop_
_pdbx_struct_assembly_prop.biol_id 
_pdbx_struct_assembly_prop.type 
_pdbx_struct_assembly_prop.value 
_pdbx_struct_assembly_prop.details 
2 'ABSA (A^2)' 5220  ? 
2 MORE         -186  ? 
2 'SSA (A^2)'  27020 ? 
# 
loop_
_pdbx_struct_assembly_gen.assembly_id 
_pdbx_struct_assembly_gen.oper_expression 
_pdbx_struct_assembly_gen.asym_id_list 
1 1     A,B,C,D,E,F,G,H 
2 1,2,3 A,B,C,D,E,F,G,H 
# 
loop_
_pdbx_struct_oper_list.id 
_pdbx_struct_oper_list.type 
_pdbx_struct_oper_list.name 
_pdbx_struct_oper_list.symmetry_operation 
_pdbx_struct_oper_list.matrix[1][1] 
_pdbx_struct_oper_list.matrix[1][2] 
_pdbx_struct_oper_list.matrix[1][3] 
_pdbx_struct_oper_list.vector[1] 
_pdbx_struct_oper_list.matrix[2][1] 
_pdbx_struct_oper_list.matrix[2][2] 
_pdbx_struct_oper_list.matrix[2][3] 
_pdbx_struct_oper_list.vector[2] 
_pdbx_struct_oper_list.matrix[3][1] 
_pdbx_struct_oper_list.matrix[3][2] 
_pdbx_struct_oper_list.matrix[3][3] 
_pdbx_struct_oper_list.vector[3] 
1 'identity operation'         1_555 x,y,z        1.0000000000 0.0000000000 0.0000000000  0.0000000000   0.0000000000 1.0000000000 0.0000000000  0.0000000000  0.0000000000  0.0000000000  1.0000000000  0.0000000000  
2 'crystal symmetry operation' 2_665 -y+1,x-y+1,z 0.1054956921 0.9810583967 0.1624656309  -20.1823147795 0.2553450251 0.1311743591 -0.9579103328 29.3450932432 -0.9610773003 0.1425402041  -0.2366700511 14.8279380854 
3 'crystal symmetry operation' 3_565 -x+y,-x+1,z  0.1054956921 0.2553450251 -0.9610773003 8.8868183980   0.9810583967 0.1311743591 0.1425402041  13.8371282613 0.1624656309  -0.9579103328 -0.2366700511 34.8982294019 
# 
_struct_biol.id                    1 
_struct_biol.pdbx_parent_biol_id   ? 
_struct_biol.details               ? 
# 
loop_
_struct_conf.conf_type_id 
_struct_conf.id 
_struct_conf.pdbx_PDB_helix_id 
_struct_conf.beg_label_comp_id 
_struct_conf.beg_label_asym_id 
_struct_conf.beg_label_seq_id 
_struct_conf.pdbx_beg_PDB_ins_code 
_struct_conf.end_label_comp_id 
_struct_conf.end_label_asym_id 
_struct_conf.end_label_seq_id 
_struct_conf.pdbx_end_PDB_ins_code 
_struct_conf.beg_auth_comp_id 
_struct_conf.beg_auth_asym_id 
_struct_conf.beg_auth_seq_id 
_struct_conf.end_auth_comp_id 
_struct_conf.end_auth_asym_id 
_struct_conf.end_auth_seq_id 
_struct_conf.pdbx_PDB_helix_class 
_struct_conf.details 
_struct_conf.pdbx_PDB_helix_length 
HELX_P HELX_P1 1 ARG A 4   ? HIS A 15  ? ARG A 4   HIS A 15  1 ? 12 
HELX_P HELX_P2 2 PRO A 17  ? GLY A 21  ? PRO A 17  GLY A 21  5 ? 5  
HELX_P HELX_P3 3 VAL A 32  ? ALA A 42  ? VAL A 32  ALA A 42  1 ? 11 
HELX_P HELX_P4 4 GLU A 48  ? ASP A 59  ? GLU A 48  ASP A 59  1 ? 12 
HELX_P HELX_P5 5 THR A 99  ? GLU A 101 ? THR A 99  GLU A 101 5 ? 3  
HELX_P HELX_P6 6 ALA A 102 ? GLY A 110 ? ALA A 102 GLY A 110 1 ? 9  
HELX_P HELX_P7 7 SER A 124 ? ARG A 133 ? SER A 124 ARG A 133 1 ? 10 
HELX_P HELX_P8 8 VAL A 146 ? ARG A 152 ? VAL A 146 ARG A 152 1 ? 7  
HELX_P HELX_P9 9 PRO A 170 ? GLU A 172 ? PRO A 170 GLU A 172 5 ? 3  
# 
_struct_conf_type.id          HELX_P 
_struct_conf_type.criteria    ? 
_struct_conf_type.reference   ? 
# 
loop_
_struct_conn.id 
_struct_conn.conn_type_id 
_struct_conn.pdbx_leaving_atom_flag 
_struct_conn.pdbx_PDB_id 
_struct_conn.ptnr1_label_asym_id 
_struct_conn.ptnr1_label_comp_id 
_struct_conn.ptnr1_label_seq_id 
_struct_conn.ptnr1_label_atom_id 
_struct_conn.pdbx_ptnr1_label_alt_id 
_struct_conn.pdbx_ptnr1_PDB_ins_code 
_struct_conn.pdbx_ptnr1_standard_comp_id 
_struct_conn.ptnr1_symmetry 
_struct_conn.ptnr2_label_asym_id 
_struct_conn.ptnr2_label_comp_id 
_struct_conn.ptnr2_label_seq_id 
_struct_conn.ptnr2_label_atom_id 
_struct_conn.pdbx_ptnr2_label_alt_id 
_struct_conn.pdbx_ptnr2_PDB_ins_code 
_struct_conn.ptnr1_auth_asym_id 
_struct_conn.ptnr1_auth_comp_id 
_struct_conn.ptnr1_auth_seq_id 
_struct_conn.ptnr2_auth_asym_id 
_struct_conn.ptnr2_auth_comp_id 
_struct_conn.ptnr2_auth_seq_id 
_struct_conn.ptnr2_symmetry 
_struct_conn.pdbx_ptnr3_label_atom_id 
_struct_conn.pdbx_ptnr3_label_seq_id 
_struct_conn.pdbx_ptnr3_label_comp_id 
_struct_conn.pdbx_ptnr3_label_asym_id 
_struct_conn.pdbx_ptnr3_label_alt_id 
_struct_conn.pdbx_ptnr3_PDB_ins_code 
_struct_conn.details 
_struct_conn.pdbx_dist_value 
_struct_conn.pdbx_value_order 
_struct_conn.pdbx_role 
disulf1 disulf ?    ? A CYS 148 SG  ? ? ? 1_555 A CYS 173 SG ? ? A CYS 148 A CYS 173 1_555 ? ? ? ? ? ? ? 2.044 ? ? 
covale1 covale both ? A ILE 106 C   ? ? ? 1_555 A MSE 107 N  ? ? A ILE 106 A MSE 107 1_555 ? ? ? ? ? ? ? 1.325 ? ? 
covale2 covale both ? A MSE 107 C   ? ? ? 1_555 A GLU 108 N  ? ? A MSE 107 A GLU 108 1_555 ? ? ? ? ? ? ? 1.330 ? ? 
covale3 covale both ? A ILE 111 C   ? ? ? 1_555 A MSE 112 N  ? ? A ILE 111 A MSE 112 1_555 ? ? ? ? ? ? ? 1.329 ? ? 
covale4 covale both ? A MSE 112 C   ? ? ? 1_555 A ARG 113 N  ? ? A MSE 112 A ARG 113 1_555 ? ? ? ? ? ? ? 1.332 ? ? 
covale5 covale both ? A ARG 158 C   ? ? ? 1_555 A MSE 159 N  ? ? A ARG 158 A MSE 159 1_555 ? ? ? ? ? ? ? 1.329 ? ? 
covale6 covale both ? A MSE 159 C   ? ? ? 1_555 A SER 160 N  ? ? A MSE 159 A SER 160 1_555 ? ? ? ? ? ? ? 1.330 ? ? 
metalc1 metalc ?    ? A HIS 58  NE2 ? ? ? 1_555 B ZN  .   ZN ? ? A HIS 58  A ZN  201 1_555 ? ? ? ? ? ? ? 2.188 ? ? 
metalc2 metalc ?    ? A HIS 58  NE2 ? ? ? 2_665 B ZN  .   ZN ? ? A HIS 58  A ZN  201 1_555 ? ? ? ? ? ? ? 2.217 ? ? 
metalc3 metalc ?    ? A HIS 58  NE2 ? ? ? 3_565 B ZN  .   ZN ? ? A HIS 58  A ZN  201 1_555 ? ? ? ? ? ? ? 2.215 ? ? 
metalc4 metalc ?    ? B ZN  .   ZN  ? ? ? 1_555 H HOH .   O  ? ? A ZN  201 A HOH 316 1_555 ? ? ? ? ? ? ? 2.054 ? ? 
metalc5 metalc ?    ? B ZN  .   ZN  ? ? ? 1_555 H HOH .   O  ? ? A ZN  201 A HOH 316 2_665 ? ? ? ? ? ? ? 2.055 ? ? 
metalc6 metalc ?    ? B ZN  .   ZN  ? ? ? 1_555 H HOH .   O  ? ? A ZN  201 A HOH 316 3_565 ? ? ? ? ? ? ? 2.054 ? ? 
# 
loop_
_struct_conn_type.id 
_struct_conn_type.criteria 
_struct_conn_type.reference 
disulf ? ? 
covale ? ? 
metalc ? ? 
# 
loop_
_pdbx_struct_conn_angle.id 
_pdbx_struct_conn_angle.ptnr1_label_atom_id 
_pdbx_struct_conn_angle.ptnr1_label_alt_id 
_pdbx_struct_conn_angle.ptnr1_label_asym_id 
_pdbx_struct_conn_angle.ptnr1_label_comp_id 
_pdbx_struct_conn_angle.ptnr1_label_seq_id 
_pdbx_struct_conn_angle.ptnr1_auth_atom_id 
_pdbx_struct_conn_angle.ptnr1_auth_asym_id 
_pdbx_struct_conn_angle.ptnr1_auth_comp_id 
_pdbx_struct_conn_angle.ptnr1_auth_seq_id 
_pdbx_struct_conn_angle.ptnr1_PDB_ins_code 
_pdbx_struct_conn_angle.ptnr1_symmetry 
_pdbx_struct_conn_angle.ptnr2_label_atom_id 
_pdbx_struct_conn_angle.ptnr2_label_alt_id 
_pdbx_struct_conn_angle.ptnr2_label_asym_id 
_pdbx_struct_conn_angle.ptnr2_label_comp_id 
_pdbx_struct_conn_angle.ptnr2_label_seq_id 
_pdbx_struct_conn_angle.ptnr2_auth_atom_id 
_pdbx_struct_conn_angle.ptnr2_auth_asym_id 
_pdbx_struct_conn_angle.ptnr2_auth_comp_id 
_pdbx_struct_conn_angle.ptnr2_auth_seq_id 
_pdbx_struct_conn_angle.ptnr2_PDB_ins_code 
_pdbx_struct_conn_angle.ptnr2_symmetry 
_pdbx_struct_conn_angle.ptnr3_label_atom_id 
_pdbx_struct_conn_angle.ptnr3_label_alt_id 
_pdbx_struct_conn_angle.ptnr3_label_asym_id 
_pdbx_struct_conn_angle.ptnr3_label_comp_id 
_pdbx_struct_conn_angle.ptnr3_label_seq_id 
_pdbx_struct_conn_angle.ptnr3_auth_atom_id 
_pdbx_struct_conn_angle.ptnr3_auth_asym_id 
_pdbx_struct_conn_angle.ptnr3_auth_comp_id 
_pdbx_struct_conn_angle.ptnr3_auth_seq_id 
_pdbx_struct_conn_angle.ptnr3_PDB_ins_code 
_pdbx_struct_conn_angle.ptnr3_symmetry 
_pdbx_struct_conn_angle.value 
_pdbx_struct_conn_angle.value_esd 
1  NE2 ? A HIS 58 ? A HIS 58  ? 1_555 ZN ? B ZN . ? A ZN 201 ? 1_555 NE2 ? A HIS 58 ? A HIS 58  ? 2_665 104.3 ? 
2  NE2 ? A HIS 58 ? A HIS 58  ? 1_555 ZN ? B ZN . ? A ZN 201 ? 1_555 NE2 ? A HIS 58 ? A HIS 58  ? 3_565 104.3 ? 
3  NE2 ? A HIS 58 ? A HIS 58  ? 2_665 ZN ? B ZN . ? A ZN 201 ? 1_555 NE2 ? A HIS 58 ? A HIS 58  ? 3_565 103.4 ? 
4  NE2 ? A HIS 58 ? A HIS 58  ? 1_555 ZN ? B ZN . ? A ZN 201 ? 1_555 O   ? H HOH .  ? A HOH 316 ? 1_555 114.8 ? 
5  NE2 ? A HIS 58 ? A HIS 58  ? 2_665 ZN ? B ZN . ? A ZN 201 ? 1_555 O   ? H HOH .  ? A HOH 316 ? 1_555 113.8 ? 
6  NE2 ? A HIS 58 ? A HIS 58  ? 3_565 ZN ? B ZN . ? A ZN 201 ? 1_555 O   ? H HOH .  ? A HOH 316 ? 1_555 114.9 ? 
7  NE2 ? A HIS 58 ? A HIS 58  ? 1_555 ZN ? B ZN . ? A ZN 201 ? 1_555 O   ? H HOH .  ? A HOH 316 ? 2_665 116.1 ? 
8  NE2 ? A HIS 58 ? A HIS 58  ? 2_665 ZN ? B ZN . ? A ZN 201 ? 1_555 O   ? H HOH .  ? A HOH 316 ? 2_665 113.6 ? 
9  NE2 ? A HIS 58 ? A HIS 58  ? 3_565 ZN ? B ZN . ? A ZN 201 ? 1_555 O   ? H HOH .  ? A HOH 316 ? 2_665 113.9 ? 
10 O   ? H HOH .  ? A HOH 316 ? 1_555 ZN ? B ZN . ? A ZN 201 ? 1_555 O   ? H HOH .  ? A HOH 316 ? 2_665 1.3   ? 
11 NE2 ? A HIS 58 ? A HIS 58  ? 1_555 ZN ? B ZN . ? A ZN 201 ? 1_555 O   ? H HOH .  ? A HOH 316 ? 3_565 115.0 ? 
12 NE2 ? A HIS 58 ? A HIS 58  ? 2_665 ZN ? B ZN . ? A ZN 201 ? 1_555 O   ? H HOH .  ? A HOH 316 ? 3_565 114.8 ? 
13 NE2 ? A HIS 58 ? A HIS 58  ? 3_565 ZN ? B ZN . ? A ZN 201 ? 1_555 O   ? H HOH .  ? A HOH 316 ? 3_565 113.7 ? 
14 O   ? H HOH .  ? A HOH 316 ? 1_555 ZN ? B ZN . ? A ZN 201 ? 1_555 O   ? H HOH .  ? A HOH 316 ? 3_565 1.3   ? 
15 O   ? H HOH .  ? A HOH 316 ? 2_665 ZN ? B ZN . ? A ZN 201 ? 1_555 O   ? H HOH .  ? A HOH 316 ? 3_565 1.3   ? 
# 
loop_
_pdbx_modification_feature.ordinal 
_pdbx_modification_feature.label_comp_id 
_pdbx_modification_feature.label_asym_id 
_pdbx_modification_feature.label_seq_id 
_pdbx_modification_feature.label_alt_id 
_pdbx_modification_feature.modified_residue_label_comp_id 
_pdbx_modification_feature.modified_residue_label_asym_id 
_pdbx_modification_feature.modified_residue_label_seq_id 
_pdbx_modification_feature.modified_residue_label_alt_id 
_pdbx_modification_feature.auth_comp_id 
_pdbx_modification_feature.auth_asym_id 
_pdbx_modification_feature.auth_seq_id 
_pdbx_modification_feature.PDB_ins_code 
_pdbx_modification_feature.symmetry 
_pdbx_modification_feature.modified_residue_auth_comp_id 
_pdbx_modification_feature.modified_residue_auth_asym_id 
_pdbx_modification_feature.modified_residue_auth_seq_id 
_pdbx_modification_feature.modified_residue_PDB_ins_code 
_pdbx_modification_feature.modified_residue_symmetry 
_pdbx_modification_feature.comp_id_linking_atom 
_pdbx_modification_feature.modified_residue_id_linking_atom 
_pdbx_modification_feature.modified_residue_id 
_pdbx_modification_feature.ref_pcm_id 
_pdbx_modification_feature.ref_comp_id 
_pdbx_modification_feature.type 
_pdbx_modification_feature.category 
1 MSE A 107 ? .   . .   . MSE A 107 ? 1_555 .   . .   . .     .  .  MET 1 MSE Selenomethionine 'Named protein modification' 
2 MSE A 112 ? .   . .   . MSE A 112 ? 1_555 .   . .   . .     .  .  MET 1 MSE Selenomethionine 'Named protein modification' 
3 MSE A 159 ? .   . .   . MSE A 159 ? 1_555 .   . .   . .     .  .  MET 1 MSE Selenomethionine 'Named protein modification' 
4 CYS A 148 ? CYS A 173 ? CYS A 148 ? 1_555 CYS A 173 ? 1_555 SG SG .   . .   None             'Disulfide bridge'           
# 
loop_
_struct_sheet.id 
_struct_sheet.type 
_struct_sheet.number_strands 
_struct_sheet.details 
A ? 3 ? 
B ? 3 ? 
C ? 3 ? 
# 
loop_
_struct_sheet_order.sheet_id 
_struct_sheet_order.range_id_1 
_struct_sheet_order.range_id_2 
_struct_sheet_order.offset 
_struct_sheet_order.sense 
A 1 2 ? anti-parallel 
A 2 3 ? anti-parallel 
B 1 2 ? anti-parallel 
B 2 3 ? anti-parallel 
C 1 2 ? anti-parallel 
C 2 3 ? anti-parallel 
# 
loop_
_struct_sheet_range.sheet_id 
_struct_sheet_range.id 
_struct_sheet_range.beg_label_comp_id 
_struct_sheet_range.beg_label_asym_id 
_struct_sheet_range.beg_label_seq_id 
_struct_sheet_range.pdbx_beg_PDB_ins_code 
_struct_sheet_range.end_label_comp_id 
_struct_sheet_range.end_label_asym_id 
_struct_sheet_range.end_label_seq_id 
_struct_sheet_range.pdbx_end_PDB_ins_code 
_struct_sheet_range.beg_auth_comp_id 
_struct_sheet_range.beg_auth_asym_id 
_struct_sheet_range.beg_auth_seq_id 
_struct_sheet_range.end_auth_comp_id 
_struct_sheet_range.end_auth_asym_id 
_struct_sheet_range.end_auth_seq_id 
A 1 ALA A 30  ? ARG A 31  ? ALA A 30  ARG A 31  
A 2 GLU A 70  ? ALA A 73  ? GLU A 70  ALA A 73  
A 3 TYR A 64  ? ARG A 67  ? TYR A 64  ARG A 67  
B 1 ILE A 93  ? HIS A 96  ? ILE A 93  HIS A 96  
B 2 ALA A 140 ? ASP A 145 ? ALA A 140 ASP A 145 
B 3 ILE A 174 ? ARG A 179 ? ILE A 174 ARG A 179 
C 1 VAL A 119 ? THR A 122 ? VAL A 119 THR A 122 
C 2 VAL A 163 ? VAL A 166 ? VAL A 163 VAL A 166 
C 3 GLU A 157 ? ARG A 158 ? GLU A 157 ARG A 158 
# 
loop_
_pdbx_struct_sheet_hbond.sheet_id 
_pdbx_struct_sheet_hbond.range_id_1 
_pdbx_struct_sheet_hbond.range_id_2 
_pdbx_struct_sheet_hbond.range_1_label_atom_id 
_pdbx_struct_sheet_hbond.range_1_label_comp_id 
_pdbx_struct_sheet_hbond.range_1_label_asym_id 
_pdbx_struct_sheet_hbond.range_1_label_seq_id 
_pdbx_struct_sheet_hbond.range_1_PDB_ins_code 
_pdbx_struct_sheet_hbond.range_1_auth_atom_id 
_pdbx_struct_sheet_hbond.range_1_auth_comp_id 
_pdbx_struct_sheet_hbond.range_1_auth_asym_id 
_pdbx_struct_sheet_hbond.range_1_auth_seq_id 
_pdbx_struct_sheet_hbond.range_2_label_atom_id 
_pdbx_struct_sheet_hbond.range_2_label_comp_id 
_pdbx_struct_sheet_hbond.range_2_label_asym_id 
_pdbx_struct_sheet_hbond.range_2_label_seq_id 
_pdbx_struct_sheet_hbond.range_2_PDB_ins_code 
_pdbx_struct_sheet_hbond.range_2_auth_atom_id 
_pdbx_struct_sheet_hbond.range_2_auth_comp_id 
_pdbx_struct_sheet_hbond.range_2_auth_asym_id 
_pdbx_struct_sheet_hbond.range_2_auth_seq_id 
A 1 2 N ALA A 30  ? N ALA A 30  O ILE A 71  ? O ILE A 71  
A 2 3 O GLU A 70  ? O GLU A 70  N ARG A 67  ? N ARG A 67  
B 1 2 N LEU A 94  ? N LEU A 94  O VAL A 144 ? O VAL A 144 
B 2 3 N LEU A 143 ? N LEU A 143 O GLU A 176 ? O GLU A 176 
C 1 2 N LEU A 121 ? N LEU A 121 O TYR A 164 ? O TYR A 164 
C 2 3 O THR A 165 ? O THR A 165 N GLU A 157 ? N GLU A 157 
# 
loop_
_struct_site.id 
_struct_site.pdbx_evidence_code 
_struct_site.pdbx_auth_asym_id 
_struct_site.pdbx_auth_comp_id 
_struct_site.pdbx_auth_seq_id 
_struct_site.pdbx_auth_ins_code 
_struct_site.pdbx_num_residues 
_struct_site.details 
AC1 Software A ZN 201 ? 6 'BINDING SITE FOR RESIDUE ZN A 201' 
AC2 Software A CL 202 ? 3 'BINDING SITE FOR RESIDUE CL A 202' 
AC3 Software A CL 203 ? 1 'BINDING SITE FOR RESIDUE CL A 203' 
AC4 Software A CL 204 ? 2 'BINDING SITE FOR RESIDUE CL A 204' 
AC5 Software A CL 206 ? 1 'BINDING SITE FOR RESIDUE CL A 206' 
# 
loop_
_struct_site_gen.id 
_struct_site_gen.site_id 
_struct_site_gen.pdbx_num_res 
_struct_site_gen.label_comp_id 
_struct_site_gen.label_asym_id 
_struct_site_gen.label_seq_id 
_struct_site_gen.pdbx_auth_ins_code 
_struct_site_gen.auth_comp_id 
_struct_site_gen.auth_asym_id 
_struct_site_gen.auth_seq_id 
_struct_site_gen.label_atom_id 
_struct_site_gen.label_alt_id 
_struct_site_gen.symmetry 
_struct_site_gen.details 
1  AC1 6 HIS A 58  ? HIS A 58  . ? 1_555  ? 
2  AC1 6 HIS A 58  ? HIS A 58  . ? 2_665  ? 
3  AC1 6 HIS A 58  ? HIS A 58  . ? 3_565  ? 
4  AC1 6 HOH H .   ? HOH A 316 . ? 3_565  ? 
5  AC1 6 HOH H .   ? HOH A 316 . ? 2_665  ? 
6  AC1 6 HOH H .   ? HOH A 316 . ? 1_555  ? 
7  AC2 3 ARG A 14  ? ARG A 14  . ? 1_555  ? 
8  AC2 3 LYS A 61  ? LYS A 61  . ? 1_555  ? 
9  AC2 3 ARG A 63  ? ARG A 63  . ? 1_555  ? 
10 AC3 1 ARG A 150 ? ARG A 150 . ? 15_554 ? 
11 AC4 2 HIS A 15  ? HIS A 15  . ? 1_555  ? 
12 AC4 2 ARG A 115 ? ARG A 115 . ? 1_555  ? 
13 AC5 1 ARG A 158 ? ARG A 158 . ? 1_555  ? 
# 
_pdbx_entry_details.entry_id                   1WFX 
_pdbx_entry_details.compound_details           ? 
_pdbx_entry_details.source_details             ? 
_pdbx_entry_details.nonpolymer_details         ? 
_pdbx_entry_details.sequence_details           ? 
_pdbx_entry_details.has_ligand_of_interest     ? 
_pdbx_entry_details.has_protein_modification   Y 
# 
loop_
_pdbx_validate_torsion.id 
_pdbx_validate_torsion.PDB_model_num 
_pdbx_validate_torsion.auth_comp_id 
_pdbx_validate_torsion.auth_asym_id 
_pdbx_validate_torsion.auth_seq_id 
_pdbx_validate_torsion.PDB_ins_code 
_pdbx_validate_torsion.label_alt_id 
_pdbx_validate_torsion.phi 
_pdbx_validate_torsion.psi 
1 1 HIS A 15  ? ? -133.09 -33.78  
2 1 ARG A 67  ? ? -174.07 142.47  
3 1 ASN A 68  ? ? 7.08    74.06   
4 1 THR A 98  ? ? -175.87 -166.26 
5 1 LEU A 138 ? ? 77.24   60.04   
# 
_pdbx_SG_project.id                    1 
_pdbx_SG_project.project_name          ? 
_pdbx_SG_project.full_name_of_center   'RIKEN Structural Genomics/Proteomics Initiative' 
_pdbx_SG_project.initial_of_center     RSGI 
# 
loop_
_pdbx_struct_mod_residue.id 
_pdbx_struct_mod_residue.label_asym_id 
_pdbx_struct_mod_residue.label_comp_id 
_pdbx_struct_mod_residue.label_seq_id 
_pdbx_struct_mod_residue.auth_asym_id 
_pdbx_struct_mod_residue.auth_comp_id 
_pdbx_struct_mod_residue.auth_seq_id 
_pdbx_struct_mod_residue.PDB_ins_code 
_pdbx_struct_mod_residue.parent_comp_id 
_pdbx_struct_mod_residue.details 
1 A MSE 107 A MSE 107 ? MET SELENOMETHIONINE 
2 A MSE 112 A MSE 112 ? MET SELENOMETHIONINE 
3 A MSE 159 A MSE 159 ? MET SELENOMETHIONINE 
# 
loop_
_pdbx_struct_special_symmetry.id 
_pdbx_struct_special_symmetry.PDB_model_num 
_pdbx_struct_special_symmetry.auth_asym_id 
_pdbx_struct_special_symmetry.auth_comp_id 
_pdbx_struct_special_symmetry.auth_seq_id 
_pdbx_struct_special_symmetry.PDB_ins_code 
_pdbx_struct_special_symmetry.label_asym_id 
_pdbx_struct_special_symmetry.label_comp_id 
_pdbx_struct_special_symmetry.label_seq_id 
1 1 A ZN  201 ? B ZN  . 
2 1 A HOH 316 ? H HOH . 
# 
loop_
_pdbx_unobs_or_zero_occ_residues.id 
_pdbx_unobs_or_zero_occ_residues.PDB_model_num 
_pdbx_unobs_or_zero_occ_residues.polymer_flag 
_pdbx_unobs_or_zero_occ_residues.occupancy_flag 
_pdbx_unobs_or_zero_occ_residues.auth_asym_id 
_pdbx_unobs_or_zero_occ_residues.auth_comp_id 
_pdbx_unobs_or_zero_occ_residues.auth_seq_id 
_pdbx_unobs_or_zero_occ_residues.PDB_ins_code 
_pdbx_unobs_or_zero_occ_residues.label_asym_id 
_pdbx_unobs_or_zero_occ_residues.label_comp_id 
_pdbx_unobs_or_zero_occ_residues.label_seq_id 
1 1 Y 1 A MSE 1   ? A MSE 1   
2 1 Y 1 A ARG 2   ? A ARG 2   
3 1 Y 1 A GLY 183 ? A GLY 183 
4 1 Y 1 A ARG 184 ? A ARG 184 
5 1 Y 1 A SER 185 ? A SER 185 
6 1 Y 1 A LEU 186 ? A LEU 186 
# 
loop_
_chem_comp_atom.comp_id 
_chem_comp_atom.atom_id 
_chem_comp_atom.type_symbol 
_chem_comp_atom.pdbx_aromatic_flag 
_chem_comp_atom.pdbx_stereo_config 
_chem_comp_atom.pdbx_ordinal 
ALA N    N  N N 1   
ALA CA   C  N S 2   
ALA C    C  N N 3   
ALA O    O  N N 4   
ALA CB   C  N N 5   
ALA OXT  O  N N 6   
ALA H    H  N N 7   
ALA H2   H  N N 8   
ALA HA   H  N N 9   
ALA HB1  H  N N 10  
ALA HB2  H  N N 11  
ALA HB3  H  N N 12  
ALA HXT  H  N N 13  
ARG N    N  N N 14  
ARG CA   C  N S 15  
ARG C    C  N N 16  
ARG O    O  N N 17  
ARG CB   C  N N 18  
ARG CG   C  N N 19  
ARG CD   C  N N 20  
ARG NE   N  N N 21  
ARG CZ   C  N N 22  
ARG NH1  N  N N 23  
ARG NH2  N  N N 24  
ARG OXT  O  N N 25  
ARG H    H  N N 26  
ARG H2   H  N N 27  
ARG HA   H  N N 28  
ARG HB2  H  N N 29  
ARG HB3  H  N N 30  
ARG HG2  H  N N 31  
ARG HG3  H  N N 32  
ARG HD2  H  N N 33  
ARG HD3  H  N N 34  
ARG HE   H  N N 35  
ARG HH11 H  N N 36  
ARG HH12 H  N N 37  
ARG HH21 H  N N 38  
ARG HH22 H  N N 39  
ARG HXT  H  N N 40  
ASN N    N  N N 41  
ASN CA   C  N S 42  
ASN C    C  N N 43  
ASN O    O  N N 44  
ASN CB   C  N N 45  
ASN CG   C  N N 46  
ASN OD1  O  N N 47  
ASN ND2  N  N N 48  
ASN OXT  O  N N 49  
ASN H    H  N N 50  
ASN H2   H  N N 51  
ASN HA   H  N N 52  
ASN HB2  H  N N 53  
ASN HB3  H  N N 54  
ASN HD21 H  N N 55  
ASN HD22 H  N N 56  
ASN HXT  H  N N 57  
ASP N    N  N N 58  
ASP CA   C  N S 59  
ASP C    C  N N 60  
ASP O    O  N N 61  
ASP CB   C  N N 62  
ASP CG   C  N N 63  
ASP OD1  O  N N 64  
ASP OD2  O  N N 65  
ASP OXT  O  N N 66  
ASP H    H  N N 67  
ASP H2   H  N N 68  
ASP HA   H  N N 69  
ASP HB2  H  N N 70  
ASP HB3  H  N N 71  
ASP HD2  H  N N 72  
ASP HXT  H  N N 73  
CL  CL   CL N N 74  
CYS N    N  N N 75  
CYS CA   C  N R 76  
CYS C    C  N N 77  
CYS O    O  N N 78  
CYS CB   C  N N 79  
CYS SG   S  N N 80  
CYS OXT  O  N N 81  
CYS H    H  N N 82  
CYS H2   H  N N 83  
CYS HA   H  N N 84  
CYS HB2  H  N N 85  
CYS HB3  H  N N 86  
CYS HG   H  N N 87  
CYS HXT  H  N N 88  
GLU N    N  N N 89  
GLU CA   C  N S 90  
GLU C    C  N N 91  
GLU O    O  N N 92  
GLU CB   C  N N 93  
GLU CG   C  N N 94  
GLU CD   C  N N 95  
GLU OE1  O  N N 96  
GLU OE2  O  N N 97  
GLU OXT  O  N N 98  
GLU H    H  N N 99  
GLU H2   H  N N 100 
GLU HA   H  N N 101 
GLU HB2  H  N N 102 
GLU HB3  H  N N 103 
GLU HG2  H  N N 104 
GLU HG3  H  N N 105 
GLU HE2  H  N N 106 
GLU HXT  H  N N 107 
GLY N    N  N N 108 
GLY CA   C  N N 109 
GLY C    C  N N 110 
GLY O    O  N N 111 
GLY OXT  O  N N 112 
GLY H    H  N N 113 
GLY H2   H  N N 114 
GLY HA2  H  N N 115 
GLY HA3  H  N N 116 
GLY HXT  H  N N 117 
HIS N    N  N N 118 
HIS CA   C  N S 119 
HIS C    C  N N 120 
HIS O    O  N N 121 
HIS CB   C  N N 122 
HIS CG   C  Y N 123 
HIS ND1  N  Y N 124 
HIS CD2  C  Y N 125 
HIS CE1  C  Y N 126 
HIS NE2  N  Y N 127 
HIS OXT  O  N N 128 
HIS H    H  N N 129 
HIS H2   H  N N 130 
HIS HA   H  N N 131 
HIS HB2  H  N N 132 
HIS HB3  H  N N 133 
HIS HD1  H  N N 134 
HIS HD2  H  N N 135 
HIS HE1  H  N N 136 
HIS HE2  H  N N 137 
HIS HXT  H  N N 138 
HOH O    O  N N 139 
HOH H1   H  N N 140 
HOH H2   H  N N 141 
ILE N    N  N N 142 
ILE CA   C  N S 143 
ILE C    C  N N 144 
ILE O    O  N N 145 
ILE CB   C  N S 146 
ILE CG1  C  N N 147 
ILE CG2  C  N N 148 
ILE CD1  C  N N 149 
ILE OXT  O  N N 150 
ILE H    H  N N 151 
ILE H2   H  N N 152 
ILE HA   H  N N 153 
ILE HB   H  N N 154 
ILE HG12 H  N N 155 
ILE HG13 H  N N 156 
ILE HG21 H  N N 157 
ILE HG22 H  N N 158 
ILE HG23 H  N N 159 
ILE HD11 H  N N 160 
ILE HD12 H  N N 161 
ILE HD13 H  N N 162 
ILE HXT  H  N N 163 
LEU N    N  N N 164 
LEU CA   C  N S 165 
LEU C    C  N N 166 
LEU O    O  N N 167 
LEU CB   C  N N 168 
LEU CG   C  N N 169 
LEU CD1  C  N N 170 
LEU CD2  C  N N 171 
LEU OXT  O  N N 172 
LEU H    H  N N 173 
LEU H2   H  N N 174 
LEU HA   H  N N 175 
LEU HB2  H  N N 176 
LEU HB3  H  N N 177 
LEU HG   H  N N 178 
LEU HD11 H  N N 179 
LEU HD12 H  N N 180 
LEU HD13 H  N N 181 
LEU HD21 H  N N 182 
LEU HD22 H  N N 183 
LEU HD23 H  N N 184 
LEU HXT  H  N N 185 
LYS N    N  N N 186 
LYS CA   C  N S 187 
LYS C    C  N N 188 
LYS O    O  N N 189 
LYS CB   C  N N 190 
LYS CG   C  N N 191 
LYS CD   C  N N 192 
LYS CE   C  N N 193 
LYS NZ   N  N N 194 
LYS OXT  O  N N 195 
LYS H    H  N N 196 
LYS H2   H  N N 197 
LYS HA   H  N N 198 
LYS HB2  H  N N 199 
LYS HB3  H  N N 200 
LYS HG2  H  N N 201 
LYS HG3  H  N N 202 
LYS HD2  H  N N 203 
LYS HD3  H  N N 204 
LYS HE2  H  N N 205 
LYS HE3  H  N N 206 
LYS HZ1  H  N N 207 
LYS HZ2  H  N N 208 
LYS HZ3  H  N N 209 
LYS HXT  H  N N 210 
MET N    N  N N 211 
MET CA   C  N S 212 
MET C    C  N N 213 
MET O    O  N N 214 
MET CB   C  N N 215 
MET CG   C  N N 216 
MET SD   S  N N 217 
MET CE   C  N N 218 
MET OXT  O  N N 219 
MET H    H  N N 220 
MET H2   H  N N 221 
MET HA   H  N N 222 
MET HB2  H  N N 223 
MET HB3  H  N N 224 
MET HG2  H  N N 225 
MET HG3  H  N N 226 
MET HE1  H  N N 227 
MET HE2  H  N N 228 
MET HE3  H  N N 229 
MET HXT  H  N N 230 
MSE N    N  N N 231 
MSE CA   C  N S 232 
MSE C    C  N N 233 
MSE O    O  N N 234 
MSE OXT  O  N N 235 
MSE CB   C  N N 236 
MSE CG   C  N N 237 
MSE SE   SE N N 238 
MSE CE   C  N N 239 
MSE H    H  N N 240 
MSE H2   H  N N 241 
MSE HA   H  N N 242 
MSE HXT  H  N N 243 
MSE HB2  H  N N 244 
MSE HB3  H  N N 245 
MSE HG2  H  N N 246 
MSE HG3  H  N N 247 
MSE HE1  H  N N 248 
MSE HE2  H  N N 249 
MSE HE3  H  N N 250 
PRO N    N  N N 251 
PRO CA   C  N S 252 
PRO C    C  N N 253 
PRO O    O  N N 254 
PRO CB   C  N N 255 
PRO CG   C  N N 256 
PRO CD   C  N N 257 
PRO OXT  O  N N 258 
PRO H    H  N N 259 
PRO HA   H  N N 260 
PRO HB2  H  N N 261 
PRO HB3  H  N N 262 
PRO HG2  H  N N 263 
PRO HG3  H  N N 264 
PRO HD2  H  N N 265 
PRO HD3  H  N N 266 
PRO HXT  H  N N 267 
SER N    N  N N 268 
SER CA   C  N S 269 
SER C    C  N N 270 
SER O    O  N N 271 
SER CB   C  N N 272 
SER OG   O  N N 273 
SER OXT  O  N N 274 
SER H    H  N N 275 
SER H2   H  N N 276 
SER HA   H  N N 277 
SER HB2  H  N N 278 
SER HB3  H  N N 279 
SER HG   H  N N 280 
SER HXT  H  N N 281 
THR N    N  N N 282 
THR CA   C  N S 283 
THR C    C  N N 284 
THR O    O  N N 285 
THR CB   C  N R 286 
THR OG1  O  N N 287 
THR CG2  C  N N 288 
THR OXT  O  N N 289 
THR H    H  N N 290 
THR H2   H  N N 291 
THR HA   H  N N 292 
THR HB   H  N N 293 
THR HG1  H  N N 294 
THR HG21 H  N N 295 
THR HG22 H  N N 296 
THR HG23 H  N N 297 
THR HXT  H  N N 298 
TRP N    N  N N 299 
TRP CA   C  N S 300 
TRP C    C  N N 301 
TRP O    O  N N 302 
TRP CB   C  N N 303 
TRP CG   C  Y N 304 
TRP CD1  C  Y N 305 
TRP CD2  C  Y N 306 
TRP NE1  N  Y N 307 
TRP CE2  C  Y N 308 
TRP CE3  C  Y N 309 
TRP CZ2  C  Y N 310 
TRP CZ3  C  Y N 311 
TRP CH2  C  Y N 312 
TRP OXT  O  N N 313 
TRP H    H  N N 314 
TRP H2   H  N N 315 
TRP HA   H  N N 316 
TRP HB2  H  N N 317 
TRP HB3  H  N N 318 
TRP HD1  H  N N 319 
TRP HE1  H  N N 320 
TRP HE3  H  N N 321 
TRP HZ2  H  N N 322 
TRP HZ3  H  N N 323 
TRP HH2  H  N N 324 
TRP HXT  H  N N 325 
TYR N    N  N N 326 
TYR CA   C  N S 327 
TYR C    C  N N 328 
TYR O    O  N N 329 
TYR CB   C  N N 330 
TYR CG   C  Y N 331 
TYR CD1  C  Y N 332 
TYR CD2  C  Y N 333 
TYR CE1  C  Y N 334 
TYR CE2  C  Y N 335 
TYR CZ   C  Y N 336 
TYR OH   O  N N 337 
TYR OXT  O  N N 338 
TYR H    H  N N 339 
TYR H2   H  N N 340 
TYR HA   H  N N 341 
TYR HB2  H  N N 342 
TYR HB3  H  N N 343 
TYR HD1  H  N N 344 
TYR HD2  H  N N 345 
TYR HE1  H  N N 346 
TYR HE2  H  N N 347 
TYR HH   H  N N 348 
TYR HXT  H  N N 349 
VAL N    N  N N 350 
VAL CA   C  N S 351 
VAL C    C  N N 352 
VAL O    O  N N 353 
VAL CB   C  N N 354 
VAL CG1  C  N N 355 
VAL CG2  C  N N 356 
VAL OXT  O  N N 357 
VAL H    H  N N 358 
VAL H2   H  N N 359 
VAL HA   H  N N 360 
VAL HB   H  N N 361 
VAL HG11 H  N N 362 
VAL HG12 H  N N 363 
VAL HG13 H  N N 364 
VAL HG21 H  N N 365 
VAL HG22 H  N N 366 
VAL HG23 H  N N 367 
VAL HXT  H  N N 368 
ZN  ZN   ZN N N 369 
# 
loop_
_chem_comp_bond.comp_id 
_chem_comp_bond.atom_id_1 
_chem_comp_bond.atom_id_2 
_chem_comp_bond.value_order 
_chem_comp_bond.pdbx_aromatic_flag 
_chem_comp_bond.pdbx_stereo_config 
_chem_comp_bond.pdbx_ordinal 
ALA N   CA   sing N N 1   
ALA N   H    sing N N 2   
ALA N   H2   sing N N 3   
ALA CA  C    sing N N 4   
ALA CA  CB   sing N N 5   
ALA CA  HA   sing N N 6   
ALA C   O    doub N N 7   
ALA C   OXT  sing N N 8   
ALA CB  HB1  sing N N 9   
ALA CB  HB2  sing N N 10  
ALA CB  HB3  sing N N 11  
ALA OXT HXT  sing N N 12  
ARG N   CA   sing N N 13  
ARG N   H    sing N N 14  
ARG N   H2   sing N N 15  
ARG CA  C    sing N N 16  
ARG CA  CB   sing N N 17  
ARG CA  HA   sing N N 18  
ARG C   O    doub N N 19  
ARG C   OXT  sing N N 20  
ARG CB  CG   sing N N 21  
ARG CB  HB2  sing N N 22  
ARG CB  HB3  sing N N 23  
ARG CG  CD   sing N N 24  
ARG CG  HG2  sing N N 25  
ARG CG  HG3  sing N N 26  
ARG CD  NE   sing N N 27  
ARG CD  HD2  sing N N 28  
ARG CD  HD3  sing N N 29  
ARG NE  CZ   sing N N 30  
ARG NE  HE   sing N N 31  
ARG CZ  NH1  sing N N 32  
ARG CZ  NH2  doub N N 33  
ARG NH1 HH11 sing N N 34  
ARG NH1 HH12 sing N N 35  
ARG NH2 HH21 sing N N 36  
ARG NH2 HH22 sing N N 37  
ARG OXT HXT  sing N N 38  
ASN N   CA   sing N N 39  
ASN N   H    sing N N 40  
ASN N   H2   sing N N 41  
ASN CA  C    sing N N 42  
ASN CA  CB   sing N N 43  
ASN CA  HA   sing N N 44  
ASN C   O    doub N N 45  
ASN C   OXT  sing N N 46  
ASN CB  CG   sing N N 47  
ASN CB  HB2  sing N N 48  
ASN CB  HB3  sing N N 49  
ASN CG  OD1  doub N N 50  
ASN CG  ND2  sing N N 51  
ASN ND2 HD21 sing N N 52  
ASN ND2 HD22 sing N N 53  
ASN OXT HXT  sing N N 54  
ASP N   CA   sing N N 55  
ASP N   H    sing N N 56  
ASP N   H2   sing N N 57  
ASP CA  C    sing N N 58  
ASP CA  CB   sing N N 59  
ASP CA  HA   sing N N 60  
ASP C   O    doub N N 61  
ASP C   OXT  sing N N 62  
ASP CB  CG   sing N N 63  
ASP CB  HB2  sing N N 64  
ASP CB  HB3  sing N N 65  
ASP CG  OD1  doub N N 66  
ASP CG  OD2  sing N N 67  
ASP OD2 HD2  sing N N 68  
ASP OXT HXT  sing N N 69  
CYS N   CA   sing N N 70  
CYS N   H    sing N N 71  
CYS N   H2   sing N N 72  
CYS CA  C    sing N N 73  
CYS CA  CB   sing N N 74  
CYS CA  HA   sing N N 75  
CYS C   O    doub N N 76  
CYS C   OXT  sing N N 77  
CYS CB  SG   sing N N 78  
CYS CB  HB2  sing N N 79  
CYS CB  HB3  sing N N 80  
CYS SG  HG   sing N N 81  
CYS OXT HXT  sing N N 82  
GLU N   CA   sing N N 83  
GLU N   H    sing N N 84  
GLU N   H2   sing N N 85  
GLU CA  C    sing N N 86  
GLU CA  CB   sing N N 87  
GLU CA  HA   sing N N 88  
GLU C   O    doub N N 89  
GLU C   OXT  sing N N 90  
GLU CB  CG   sing N N 91  
GLU CB  HB2  sing N N 92  
GLU CB  HB3  sing N N 93  
GLU CG  CD   sing N N 94  
GLU CG  HG2  sing N N 95  
GLU CG  HG3  sing N N 96  
GLU CD  OE1  doub N N 97  
GLU CD  OE2  sing N N 98  
GLU OE2 HE2  sing N N 99  
GLU OXT HXT  sing N N 100 
GLY N   CA   sing N N 101 
GLY N   H    sing N N 102 
GLY N   H2   sing N N 103 
GLY CA  C    sing N N 104 
GLY CA  HA2  sing N N 105 
GLY CA  HA3  sing N N 106 
GLY C   O    doub N N 107 
GLY C   OXT  sing N N 108 
GLY OXT HXT  sing N N 109 
HIS N   CA   sing N N 110 
HIS N   H    sing N N 111 
HIS N   H2   sing N N 112 
HIS CA  C    sing N N 113 
HIS CA  CB   sing N N 114 
HIS CA  HA   sing N N 115 
HIS C   O    doub N N 116 
HIS C   OXT  sing N N 117 
HIS CB  CG   sing N N 118 
HIS CB  HB2  sing N N 119 
HIS CB  HB3  sing N N 120 
HIS CG  ND1  sing Y N 121 
HIS CG  CD2  doub Y N 122 
HIS ND1 CE1  doub Y N 123 
HIS ND1 HD1  sing N N 124 
HIS CD2 NE2  sing Y N 125 
HIS CD2 HD2  sing N N 126 
HIS CE1 NE2  sing Y N 127 
HIS CE1 HE1  sing N N 128 
HIS NE2 HE2  sing N N 129 
HIS OXT HXT  sing N N 130 
HOH O   H1   sing N N 131 
HOH O   H2   sing N N 132 
ILE N   CA   sing N N 133 
ILE N   H    sing N N 134 
ILE N   H2   sing N N 135 
ILE CA  C    sing N N 136 
ILE CA  CB   sing N N 137 
ILE CA  HA   sing N N 138 
ILE C   O    doub N N 139 
ILE C   OXT  sing N N 140 
ILE CB  CG1  sing N N 141 
ILE CB  CG2  sing N N 142 
ILE CB  HB   sing N N 143 
ILE CG1 CD1  sing N N 144 
ILE CG1 HG12 sing N N 145 
ILE CG1 HG13 sing N N 146 
ILE CG2 HG21 sing N N 147 
ILE CG2 HG22 sing N N 148 
ILE CG2 HG23 sing N N 149 
ILE CD1 HD11 sing N N 150 
ILE CD1 HD12 sing N N 151 
ILE CD1 HD13 sing N N 152 
ILE OXT HXT  sing N N 153 
LEU N   CA   sing N N 154 
LEU N   H    sing N N 155 
LEU N   H2   sing N N 156 
LEU CA  C    sing N N 157 
LEU CA  CB   sing N N 158 
LEU CA  HA   sing N N 159 
LEU C   O    doub N N 160 
LEU C   OXT  sing N N 161 
LEU CB  CG   sing N N 162 
LEU CB  HB2  sing N N 163 
LEU CB  HB3  sing N N 164 
LEU CG  CD1  sing N N 165 
LEU CG  CD2  sing N N 166 
LEU CG  HG   sing N N 167 
LEU CD1 HD11 sing N N 168 
LEU CD1 HD12 sing N N 169 
LEU CD1 HD13 sing N N 170 
LEU CD2 HD21 sing N N 171 
LEU CD2 HD22 sing N N 172 
LEU CD2 HD23 sing N N 173 
LEU OXT HXT  sing N N 174 
LYS N   CA   sing N N 175 
LYS N   H    sing N N 176 
LYS N   H2   sing N N 177 
LYS CA  C    sing N N 178 
LYS CA  CB   sing N N 179 
LYS CA  HA   sing N N 180 
LYS C   O    doub N N 181 
LYS C   OXT  sing N N 182 
LYS CB  CG   sing N N 183 
LYS CB  HB2  sing N N 184 
LYS CB  HB3  sing N N 185 
LYS CG  CD   sing N N 186 
LYS CG  HG2  sing N N 187 
LYS CG  HG3  sing N N 188 
LYS CD  CE   sing N N 189 
LYS CD  HD2  sing N N 190 
LYS CD  HD3  sing N N 191 
LYS CE  NZ   sing N N 192 
LYS CE  HE2  sing N N 193 
LYS CE  HE3  sing N N 194 
LYS NZ  HZ1  sing N N 195 
LYS NZ  HZ2  sing N N 196 
LYS NZ  HZ3  sing N N 197 
LYS OXT HXT  sing N N 198 
MET N   CA   sing N N 199 
MET N   H    sing N N 200 
MET N   H2   sing N N 201 
MET CA  C    sing N N 202 
MET CA  CB   sing N N 203 
MET CA  HA   sing N N 204 
MET C   O    doub N N 205 
MET C   OXT  sing N N 206 
MET CB  CG   sing N N 207 
MET CB  HB2  sing N N 208 
MET CB  HB3  sing N N 209 
MET CG  SD   sing N N 210 
MET CG  HG2  sing N N 211 
MET CG  HG3  sing N N 212 
MET SD  CE   sing N N 213 
MET CE  HE1  sing N N 214 
MET CE  HE2  sing N N 215 
MET CE  HE3  sing N N 216 
MET OXT HXT  sing N N 217 
MSE N   CA   sing N N 218 
MSE N   H    sing N N 219 
MSE N   H2   sing N N 220 
MSE CA  C    sing N N 221 
MSE CA  CB   sing N N 222 
MSE CA  HA   sing N N 223 
MSE C   O    doub N N 224 
MSE C   OXT  sing N N 225 
MSE OXT HXT  sing N N 226 
MSE CB  CG   sing N N 227 
MSE CB  HB2  sing N N 228 
MSE CB  HB3  sing N N 229 
MSE CG  SE   sing N N 230 
MSE CG  HG2  sing N N 231 
MSE CG  HG3  sing N N 232 
MSE SE  CE   sing N N 233 
MSE CE  HE1  sing N N 234 
MSE CE  HE2  sing N N 235 
MSE CE  HE3  sing N N 236 
PRO N   CA   sing N N 237 
PRO N   CD   sing N N 238 
PRO N   H    sing N N 239 
PRO CA  C    sing N N 240 
PRO CA  CB   sing N N 241 
PRO CA  HA   sing N N 242 
PRO C   O    doub N N 243 
PRO C   OXT  sing N N 244 
PRO CB  CG   sing N N 245 
PRO CB  HB2  sing N N 246 
PRO CB  HB3  sing N N 247 
PRO CG  CD   sing N N 248 
PRO CG  HG2  sing N N 249 
PRO CG  HG3  sing N N 250 
PRO CD  HD2  sing N N 251 
PRO CD  HD3  sing N N 252 
PRO OXT HXT  sing N N 253 
SER N   CA   sing N N 254 
SER N   H    sing N N 255 
SER N   H2   sing N N 256 
SER CA  C    sing N N 257 
SER CA  CB   sing N N 258 
SER CA  HA   sing N N 259 
SER C   O    doub N N 260 
SER C   OXT  sing N N 261 
SER CB  OG   sing N N 262 
SER CB  HB2  sing N N 263 
SER CB  HB3  sing N N 264 
SER OG  HG   sing N N 265 
SER OXT HXT  sing N N 266 
THR N   CA   sing N N 267 
THR N   H    sing N N 268 
THR N   H2   sing N N 269 
THR CA  C    sing N N 270 
THR CA  CB   sing N N 271 
THR CA  HA   sing N N 272 
THR C   O    doub N N 273 
THR C   OXT  sing N N 274 
THR CB  OG1  sing N N 275 
THR CB  CG2  sing N N 276 
THR CB  HB   sing N N 277 
THR OG1 HG1  sing N N 278 
THR CG2 HG21 sing N N 279 
THR CG2 HG22 sing N N 280 
THR CG2 HG23 sing N N 281 
THR OXT HXT  sing N N 282 
TRP N   CA   sing N N 283 
TRP N   H    sing N N 284 
TRP N   H2   sing N N 285 
TRP CA  C    sing N N 286 
TRP CA  CB   sing N N 287 
TRP CA  HA   sing N N 288 
TRP C   O    doub N N 289 
TRP C   OXT  sing N N 290 
TRP CB  CG   sing N N 291 
TRP CB  HB2  sing N N 292 
TRP CB  HB3  sing N N 293 
TRP CG  CD1  doub Y N 294 
TRP CG  CD2  sing Y N 295 
TRP CD1 NE1  sing Y N 296 
TRP CD1 HD1  sing N N 297 
TRP CD2 CE2  doub Y N 298 
TRP CD2 CE3  sing Y N 299 
TRP NE1 CE2  sing Y N 300 
TRP NE1 HE1  sing N N 301 
TRP CE2 CZ2  sing Y N 302 
TRP CE3 CZ3  doub Y N 303 
TRP CE3 HE3  sing N N 304 
TRP CZ2 CH2  doub Y N 305 
TRP CZ2 HZ2  sing N N 306 
TRP CZ3 CH2  sing Y N 307 
TRP CZ3 HZ3  sing N N 308 
TRP CH2 HH2  sing N N 309 
TRP OXT HXT  sing N N 310 
TYR N   CA   sing N N 311 
TYR N   H    sing N N 312 
TYR N   H2   sing N N 313 
TYR CA  C    sing N N 314 
TYR CA  CB   sing N N 315 
TYR CA  HA   sing N N 316 
TYR C   O    doub N N 317 
TYR C   OXT  sing N N 318 
TYR CB  CG   sing N N 319 
TYR CB  HB2  sing N N 320 
TYR CB  HB3  sing N N 321 
TYR CG  CD1  doub Y N 322 
TYR CG  CD2  sing Y N 323 
TYR CD1 CE1  sing Y N 324 
TYR CD1 HD1  sing N N 325 
TYR CD2 CE2  doub Y N 326 
TYR CD2 HD2  sing N N 327 
TYR CE1 CZ   doub Y N 328 
TYR CE1 HE1  sing N N 329 
TYR CE2 CZ   sing Y N 330 
TYR CE2 HE2  sing N N 331 
TYR CZ  OH   sing N N 332 
TYR OH  HH   sing N N 333 
TYR OXT HXT  sing N N 334 
VAL N   CA   sing N N 335 
VAL N   H    sing N N 336 
VAL N   H2   sing N N 337 
VAL CA  C    sing N N 338 
VAL CA  CB   sing N N 339 
VAL CA  HA   sing N N 340 
VAL C   O    doub N N 341 
VAL C   OXT  sing N N 342 
VAL CB  CG1  sing N N 343 
VAL CB  CG2  sing N N 344 
VAL CB  HB   sing N N 345 
VAL CG1 HG11 sing N N 346 
VAL CG1 HG12 sing N N 347 
VAL CG1 HG13 sing N N 348 
VAL CG2 HG21 sing N N 349 
VAL CG2 HG22 sing N N 350 
VAL CG2 HG23 sing N N 351 
VAL OXT HXT  sing N N 352 
# 
_atom_sites.entry_id                    1WFX 
_atom_sites.fract_transf_matrix[1][1]   -0.00867236 
_atom_sites.fract_transf_matrix[1][2]   0.00632678 
_atom_sites.fract_transf_matrix[1][3]   -0.00335545 
_atom_sites.fract_transf_matrix[2][1]   -0.00392580 
_atom_sites.fract_transf_matrix[2][2]   0.00815652 
_atom_sites.fract_transf_matrix[2][3]   0.00667490 
_atom_sites.fract_transf_matrix[3][1]   0.00626006 
_atom_sites.fract_transf_matrix[3][2]   0.00639142 
_atom_sites.fract_transf_matrix[3][3]   -0.00412832 
_atom_sites.fract_transf_vector[1]      0.265259 
_atom_sites.fract_transf_vector[2]      0.423838 
_atom_sites.fract_transf_vector[3]      0.480650 
# 
loop_
_atom_type.symbol 
C  
CL 
N  
O  
S  
SE 
ZN 
# 
loop_
_atom_site.group_PDB 
_atom_site.id 
_atom_site.type_symbol 
_atom_site.label_atom_id 
_atom_site.label_alt_id 
_atom_site.label_comp_id 
_atom_site.label_asym_id 
_atom_site.label_entity_id 
_atom_site.label_seq_id 
_atom_site.pdbx_PDB_ins_code 
_atom_site.Cartn_x 
_atom_site.Cartn_y 
_atom_site.Cartn_z 
_atom_site.occupancy 
_atom_site.B_iso_or_equiv 
_atom_site.pdbx_formal_charge 
_atom_site.auth_seq_id 
_atom_site.auth_comp_id 
_atom_site.auth_asym_id 
_atom_site.auth_atom_id 
_atom_site.pdbx_PDB_model_num 
ATOM   1    N  N   . VAL A 1 3   ? -12.393 -2.579  13.878  1.00 33.29 ? 3   VAL A N   1 
ATOM   2    C  CA  . VAL A 1 3   ? -12.507 -1.870  15.193  1.00 32.42 ? 3   VAL A CA  1 
ATOM   3    C  C   . VAL A 1 3   ? -11.464 -0.761  15.277  1.00 30.71 ? 3   VAL A C   1 
ATOM   4    O  O   . VAL A 1 3   ? -11.585 0.161   16.083  1.00 29.39 ? 3   VAL A O   1 
ATOM   5    C  CB  . VAL A 1 3   ? -12.301 -2.845  16.375  1.00 33.46 ? 3   VAL A CB  1 
ATOM   6    C  CG1 . VAL A 1 3   ? -12.465 -2.095  17.713  1.00 31.41 ? 3   VAL A CG1 1 
ATOM   7    C  CG2 . VAL A 1 3   ? -13.288 -4.012  16.256  1.00 31.72 ? 3   VAL A CG2 1 
ATOM   8    N  N   . ARG A 1 4   ? -10.429 -0.877  14.453  1.00 29.20 ? 4   ARG A N   1 
ATOM   9    C  CA  . ARG A 1 4   ? -9.380  0.128   14.397  1.00 27.42 ? 4   ARG A CA  1 
ATOM   10   C  C   . ARG A 1 4   ? -9.816  1.109   13.315  1.00 25.55 ? 4   ARG A C   1 
ATOM   11   O  O   . ARG A 1 4   ? -10.073 0.715   12.177  1.00 24.57 ? 4   ARG A O   1 
ATOM   12   C  CB  . ARG A 1 4   ? -8.048  -0.484  13.984  1.00 28.53 ? 4   ARG A CB  1 
ATOM   13   C  CG  . ARG A 1 4   ? -7.572  -1.665  14.798  1.00 30.59 ? 4   ARG A CG  1 
ATOM   14   C  CD  . ARG A 1 4   ? -6.253  -2.128  14.215  1.00 34.23 ? 4   ARG A CD  1 
ATOM   15   N  NE  . ARG A 1 4   ? -5.978  -3.546  14.424  1.00 37.61 ? 4   ARG A NE  1 
ATOM   16   C  CZ  . ARG A 1 4   ? -4.963  -4.197  13.855  1.00 39.34 ? 4   ARG A CZ  1 
ATOM   17   N  NH1 . ARG A 1 4   ? -4.121  -3.560  13.039  1.00 38.15 ? 4   ARG A NH1 1 
ATOM   18   N  NH2 . ARG A 1 4   ? -4.788  -5.489  14.102  1.00 39.48 ? 4   ARG A NH2 1 
ATOM   19   N  N   . LEU A 1 5   ? -9.896  2.383   13.673  1.00 22.82 ? 5   LEU A N   1 
ATOM   20   C  CA  . LEU A 1 5   ? -10.309 3.418   12.732  1.00 20.87 ? 5   LEU A CA  1 
ATOM   21   C  C   . LEU A 1 5   ? -9.464  3.490   11.451  1.00 20.65 ? 5   LEU A C   1 
ATOM   22   O  O   . LEU A 1 5   ? -10.002 3.444   10.343  1.00 20.07 ? 5   LEU A O   1 
ATOM   23   C  CB  . LEU A 1 5   ? -10.301 4.779   13.426  1.00 17.59 ? 5   LEU A CB  1 
ATOM   24   C  CG  . LEU A 1 5   ? -10.774 5.907   12.525  1.00 16.50 ? 5   LEU A CG  1 
ATOM   25   C  CD1 . LEU A 1 5   ? -12.171 5.579   12.011  1.00 15.77 ? 5   LEU A CD1 1 
ATOM   26   C  CD2 . LEU A 1 5   ? -10.774 7.219   13.300  1.00 18.25 ? 5   LEU A CD2 1 
ATOM   27   N  N   . SER A 1 6   ? -8.146  3.600   11.600  1.00 20.50 ? 6   SER A N   1 
ATOM   28   C  CA  . SER A 1 6   ? -7.252  3.686   10.447  1.00 19.65 ? 6   SER A CA  1 
ATOM   29   C  C   . SER A 1 6   ? -7.366  2.465   9.533   1.00 18.37 ? 6   SER A C   1 
ATOM   30   O  O   . SER A 1 6   ? -7.585  2.590   8.332   1.00 18.29 ? 6   SER A O   1 
ATOM   31   C  CB  . SER A 1 6   ? -5.803  3.856   10.913  1.00 19.69 ? 6   SER A CB  1 
ATOM   32   O  OG  . SER A 1 6   ? -4.927  3.997   9.805   1.00 20.65 ? 6   SER A OG  1 
ATOM   33   N  N   . LYS A 1 7   ? -7.214  1.282   10.104  1.00 17.86 ? 7   LYS A N   1 
ATOM   34   C  CA  . LYS A 1 7   ? -7.310  0.065   9.320   1.00 18.04 ? 7   LYS A CA  1 
ATOM   35   C  C   . LYS A 1 7   ? -8.615  0.105   8.535   1.00 17.96 ? 7   LYS A C   1 
ATOM   36   O  O   . LYS A 1 7   ? -8.654  -0.217  7.356   1.00 18.37 ? 7   LYS A O   1 
ATOM   37   C  CB  . LYS A 1 7   ? -7.264  -1.143  10.260  1.00 19.09 ? 7   LYS A CB  1 
ATOM   38   C  CG  . LYS A 1 7   ? -7.414  -2.510  9.618   1.00 20.02 ? 7   LYS A CG  1 
ATOM   39   C  CD  . LYS A 1 7   ? -7.129  -3.598  10.661  1.00 24.11 ? 7   LYS A CD  1 
ATOM   40   C  CE  . LYS A 1 7   ? -7.800  -4.918  10.321  1.00 23.20 ? 7   LYS A CE  1 
ATOM   41   N  NZ  . LYS A 1 7   ? -7.536  -5.317  8.908   1.00 24.83 ? 7   LYS A NZ  1 
ATOM   42   N  N   . THR A 1 8   ? -9.680  0.534   9.190   1.00 18.09 ? 8   THR A N   1 
ATOM   43   C  CA  . THR A 1 8   ? -10.973 0.608   8.546   1.00 18.16 ? 8   THR A CA  1 
ATOM   44   C  C   . THR A 1 8   ? -11.029 1.688   7.469   1.00 19.38 ? 8   THR A C   1 
ATOM   45   O  O   . THR A 1 8   ? -11.644 1.496   6.410   1.00 19.87 ? 8   THR A O   1 
ATOM   46   C  CB  . THR A 1 8   ? -12.057 0.856   9.581   1.00 18.14 ? 8   THR A CB  1 
ATOM   47   O  OG1 . THR A 1 8   ? -12.051 -0.226  10.521  1.00 20.30 ? 8   THR A OG1 1 
ATOM   48   C  CG2 . THR A 1 8   ? -13.425 0.950   8.915   1.00 18.05 ? 8   THR A CG2 1 
ATOM   49   N  N   . LEU A 1 9   ? -10.389 2.822   7.731   1.00 18.61 ? 9   LEU A N   1 
ATOM   50   C  CA  . LEU A 1 9   ? -10.375 3.907   6.763   1.00 18.17 ? 9   LEU A CA  1 
ATOM   51   C  C   . LEU A 1 9   ? -9.684  3.448   5.469   1.00 18.25 ? 9   LEU A C   1 
ATOM   52   O  O   . LEU A 1 9   ? -10.212 3.647   4.366   1.00 17.97 ? 9   LEU A O   1 
ATOM   53   C  CB  . LEU A 1 9   ? -9.644  5.113   7.349   1.00 18.36 ? 9   LEU A CB  1 
ATOM   54   C  CG  . LEU A 1 9   ? -9.646  6.408   6.531   1.00 21.17 ? 9   LEU A CG  1 
ATOM   55   C  CD1 . LEU A 1 9   ? -11.063 6.982   6.442   1.00 20.09 ? 9   LEU A CD1 1 
ATOM   56   C  CD2 . LEU A 1 9   ? -8.714  7.409   7.186   1.00 22.21 ? 9   LEU A CD2 1 
ATOM   57   N  N   . ALA A 1 10  ? -8.515  2.823   5.602   1.00 16.71 ? 10  ALA A N   1 
ATOM   58   C  CA  . ALA A 1 10  ? -7.774  2.359   4.438   1.00 15.83 ? 10  ALA A CA  1 
ATOM   59   C  C   . ALA A 1 10  ? -8.598  1.399   3.603   1.00 16.53 ? 10  ALA A C   1 
ATOM   60   O  O   . ALA A 1 10  ? -8.432  1.330   2.382   1.00 18.71 ? 10  ALA A O   1 
ATOM   61   C  CB  . ALA A 1 10  ? -6.500  1.700   4.859   1.00 14.92 ? 10  ALA A CB  1 
ATOM   62   N  N   . GLY A 1 11  ? -9.484  0.651   4.247   1.00 15.19 ? 11  GLY A N   1 
ATOM   63   C  CA  . GLY A 1 11  ? -10.314 -0.270  3.497   1.00 15.32 ? 11  GLY A CA  1 
ATOM   64   C  C   . GLY A 1 11  ? -11.344 0.506   2.690   1.00 17.43 ? 11  GLY A C   1 
ATOM   65   O  O   . GLY A 1 11  ? -11.699 0.131   1.563   1.00 17.50 ? 11  GLY A O   1 
ATOM   66   N  N   . ILE A 1 12  ? -11.823 1.606   3.268   1.00 16.62 ? 12  ILE A N   1 
ATOM   67   C  CA  . ILE A 1 12  ? -12.819 2.437   2.609   1.00 15.43 ? 12  ILE A CA  1 
ATOM   68   C  C   . ILE A 1 12  ? -12.261 3.204   1.409   1.00 14.58 ? 12  ILE A C   1 
ATOM   69   O  O   . ILE A 1 12  ? -12.963 3.408   0.418   1.00 16.43 ? 12  ILE A O   1 
ATOM   70   C  CB  . ILE A 1 12  ? -13.435 3.454   3.604   1.00 15.76 ? 12  ILE A CB  1 
ATOM   71   C  CG1 . ILE A 1 12  ? -14.068 2.713   4.785   1.00 17.32 ? 12  ILE A CG1 1 
ATOM   72   C  CG2 . ILE A 1 12  ? -14.487 4.302   2.904   1.00 14.13 ? 12  ILE A CG2 1 
ATOM   73   C  CD1 . ILE A 1 12  ? -14.491 3.623   5.949   1.00 16.72 ? 12  ILE A CD1 1 
ATOM   74   N  N   . LEU A 1 13  ? -11.002 3.619   1.489   1.00 12.41 ? 13  LEU A N   1 
ATOM   75   C  CA  . LEU A 1 13  ? -10.393 4.398   0.410   1.00 12.29 ? 13  LEU A CA  1 
ATOM   76   C  C   . LEU A 1 13  ? -9.592  3.578   -0.583  1.00 12.95 ? 13  LEU A C   1 
ATOM   77   O  O   . LEU A 1 13  ? -9.136  4.099   -1.598  1.00 12.35 ? 13  LEU A O   1 
ATOM   78   C  CB  . LEU A 1 13  ? -9.456  5.454   0.985   1.00 11.08 ? 13  LEU A CB  1 
ATOM   79   C  CG  . LEU A 1 13  ? -9.964  6.395   2.057   1.00 9.58  ? 13  LEU A CG  1 
ATOM   80   C  CD1 . LEU A 1 13  ? -8.819  7.309   2.429   1.00 11.31 ? 13  LEU A CD1 1 
ATOM   81   C  CD2 . LEU A 1 13  ? -11.159 7.185   1.558   1.00 8.72  ? 13  LEU A CD2 1 
ATOM   82   N  N   . ARG A 1 14  ? -9.394  2.307   -0.277  1.00 12.86 ? 14  ARG A N   1 
ATOM   83   C  CA  . ARG A 1 14  ? -8.618  1.447   -1.147  1.00 15.16 ? 14  ARG A CA  1 
ATOM   84   C  C   . ARG A 1 14  ? -9.457  0.333   -1.781  1.00 16.89 ? 14  ARG A C   1 
ATOM   85   O  O   . ARG A 1 14  ? -9.146  -0.148  -2.872  1.00 16.52 ? 14  ARG A O   1 
ATOM   86   C  CB  . ARG A 1 14  ? -7.487  0.777   -0.353  1.00 14.38 ? 14  ARG A CB  1 
ATOM   87   C  CG  . ARG A 1 14  ? -6.325  1.645   0.094   1.00 13.81 ? 14  ARG A CG  1 
ATOM   88   C  CD  . ARG A 1 14  ? -5.501  0.833   1.078   1.00 14.57 ? 14  ARG A CD  1 
ATOM   89   N  NE  . ARG A 1 14  ? -4.243  1.452   1.472   1.00 16.74 ? 14  ARG A NE  1 
ATOM   90   C  CZ  . ARG A 1 14  ? -3.427  0.931   2.384   1.00 18.97 ? 14  ARG A CZ  1 
ATOM   91   N  NH1 . ARG A 1 14  ? -3.755  -0.204  2.981   1.00 21.06 ? 14  ARG A NH1 1 
ATOM   92   N  NH2 . ARG A 1 14  ? -2.280  1.526   2.691   1.00 19.26 ? 14  ARG A NH2 1 
ATOM   93   N  N   . HIS A 1 15  ? -10.522 -0.074  -1.100  1.00 18.53 ? 15  HIS A N   1 
ATOM   94   C  CA  . HIS A 1 15  ? -11.307 -1.190  -1.582  1.00 18.88 ? 15  HIS A CA  1 
ATOM   95   C  C   . HIS A 1 15  ? -12.838 -1.090  -1.634  1.00 20.85 ? 15  HIS A C   1 
ATOM   96   O  O   . HIS A 1 15  ? -13.447 -1.666  -2.538  1.00 22.32 ? 15  HIS A O   1 
ATOM   97   C  CB  . HIS A 1 15  ? -10.914 -2.407  -0.754  1.00 15.74 ? 15  HIS A CB  1 
ATOM   98   C  CG  . HIS A 1 15  ? -9.440  -2.522  -0.517  1.00 16.82 ? 15  HIS A CG  1 
ATOM   99   N  ND1 . HIS A 1 15  ? -8.549  -2.881  -1.506  1.00 17.03 ? 15  HIS A ND1 1 
ATOM   100  C  CD2 . HIS A 1 15  ? -8.702  -2.344  0.605   1.00 16.81 ? 15  HIS A CD2 1 
ATOM   101  C  CE1 . HIS A 1 15  ? -7.328  -2.925  -1.006  1.00 15.57 ? 15  HIS A CE1 1 
ATOM   102  N  NE2 . HIS A 1 15  ? -7.393  -2.603  0.273   1.00 15.99 ? 15  HIS A NE2 1 
ATOM   103  N  N   . HIS A 1 16  ? -13.472 -0.383  -0.699  1.00 21.03 ? 16  HIS A N   1 
ATOM   104  C  CA  . HIS A 1 16  ? -14.937 -0.341  -0.704  1.00 21.97 ? 16  HIS A CA  1 
ATOM   105  C  C   . HIS A 1 16  ? -15.616 0.958   -0.280  1.00 20.97 ? 16  HIS A C   1 
ATOM   106  O  O   . HIS A 1 16  ? -16.218 1.035   0.790   1.00 17.74 ? 16  HIS A O   1 
ATOM   107  C  CB  . HIS A 1 16  ? -15.476 -1.483  0.162   1.00 22.89 ? 16  HIS A CB  1 
ATOM   108  C  CG  . HIS A 1 16  ? -14.690 -1.704  1.415   1.00 24.65 ? 16  HIS A CG  1 
ATOM   109  N  ND1 . HIS A 1 16  ? -13.655 -2.610  1.493   1.00 26.31 ? 16  HIS A ND1 1 
ATOM   110  C  CD2 . HIS A 1 16  ? -14.759 -1.109  2.630   1.00 26.28 ? 16  HIS A CD2 1 
ATOM   111  C  CE1 . HIS A 1 16  ? -13.120 -2.566  2.701   1.00 25.18 ? 16  HIS A CE1 1 
ATOM   112  N  NE2 . HIS A 1 16  ? -13.773 -1.663  3.411   1.00 25.64 ? 16  HIS A NE2 1 
ATOM   113  N  N   . PRO A 1 17  ? -15.551 1.985   -1.133  1.00 21.72 ? 17  PRO A N   1 
ATOM   114  C  CA  . PRO A 1 17  ? -16.160 3.292   -0.859  1.00 22.90 ? 17  PRO A CA  1 
ATOM   115  C  C   . PRO A 1 17  ? -17.680 3.213   -0.619  1.00 24.98 ? 17  PRO A C   1 
ATOM   116  O  O   . PRO A 1 17  ? -18.163 3.500   0.484   1.00 26.45 ? 17  PRO A O   1 
ATOM   117  C  CB  . PRO A 1 17  ? -15.820 4.098   -2.109  1.00 21.07 ? 17  PRO A CB  1 
ATOM   118  C  CG  . PRO A 1 17  ? -14.551 3.477   -2.585  1.00 20.91 ? 17  PRO A CG  1 
ATOM   119  C  CD  . PRO A 1 17  ? -14.785 2.010   -2.390  1.00 20.85 ? 17  PRO A CD  1 
ATOM   120  N  N   . GLY A 1 18  ? -18.419 2.812   -1.654  1.00 25.82 ? 18  GLY A N   1 
ATOM   121  C  CA  . GLY A 1 18  ? -19.873 2.714   -1.571  1.00 26.19 ? 18  GLY A CA  1 
ATOM   122  C  C   . GLY A 1 18  ? -20.409 1.914   -0.402  1.00 26.02 ? 18  GLY A C   1 
ATOM   123  O  O   . GLY A 1 18  ? -21.473 2.208   0.146   1.00 27.01 ? 18  GLY A O   1 
ATOM   124  N  N   . ARG A 1 19  ? -19.674 0.879   -0.031  1.00 25.80 ? 19  ARG A N   1 
ATOM   125  C  CA  . ARG A 1 19  ? -20.050 0.042   1.090   1.00 24.90 ? 19  ARG A CA  1 
ATOM   126  C  C   . ARG A 1 19  ? -20.342 0.961   2.273   1.00 24.48 ? 19  ARG A C   1 
ATOM   127  O  O   . ARG A 1 19  ? -21.178 0.653   3.128   1.00 24.09 ? 19  ARG A O   1 
ATOM   128  C  CB  . ARG A 1 19  ? -18.885 -0.881  1.416   1.00 25.48 ? 19  ARG A CB  1 
ATOM   129  C  CG  . ARG A 1 19  ? -19.236 -2.029  2.291   1.00 26.64 ? 19  ARG A CG  1 
ATOM   130  C  CD  . ARG A 1 19  ? -18.338 -3.180  1.933   1.00 28.70 ? 19  ARG A CD  1 
ATOM   131  N  NE  . ARG A 1 19  ? -18.284 -3.373  0.484   1.00 27.07 ? 19  ARG A NE  1 
ATOM   132  C  CZ  . ARG A 1 19  ? -17.732 -4.431  -0.096  1.00 26.19 ? 19  ARG A CZ  1 
ATOM   133  N  NH1 . ARG A 1 19  ? -17.198 -5.383  0.662   1.00 23.18 ? 19  ARG A NH1 1 
ATOM   134  N  NH2 . ARG A 1 19  ? -17.704 -4.534  -1.423  1.00 25.40 ? 19  ARG A NH2 1 
ATOM   135  N  N   . TYR A 1 20  ? -19.632 2.090   2.310   1.00 23.25 ? 20  TYR A N   1 
ATOM   136  C  CA  . TYR A 1 20  ? -19.796 3.089   3.366   1.00 23.68 ? 20  TYR A CA  1 
ATOM   137  C  C   . TYR A 1 20  ? -20.370 4.396   2.820   1.00 23.50 ? 20  TYR A C   1 
ATOM   138  O  O   . TYR A 1 20  ? -20.261 5.448   3.450   1.00 23.25 ? 20  TYR A O   1 
ATOM   139  C  CB  . TYR A 1 20  ? -18.456 3.379   4.057   1.00 21.74 ? 20  TYR A CB  1 
ATOM   140  C  CG  . TYR A 1 20  ? -18.002 2.311   5.026   1.00 20.00 ? 20  TYR A CG  1 
ATOM   141  C  CD1 . TYR A 1 20  ? -17.380 1.142   4.574   1.00 19.02 ? 20  TYR A CD1 1 
ATOM   142  C  CD2 . TYR A 1 20  ? -18.197 2.469   6.400   1.00 20.17 ? 20  TYR A CD2 1 
ATOM   143  C  CE1 . TYR A 1 20  ? -16.961 0.155   5.468   1.00 19.18 ? 20  TYR A CE1 1 
ATOM   144  C  CE2 . TYR A 1 20  ? -17.788 1.490   7.308   1.00 20.69 ? 20  TYR A CE2 1 
ATOM   145  C  CZ  . TYR A 1 20  ? -17.169 0.335   6.836   1.00 20.44 ? 20  TYR A CZ  1 
ATOM   146  O  OH  . TYR A 1 20  ? -16.766 -0.625  7.733   1.00 17.86 ? 20  TYR A OH  1 
ATOM   147  N  N   . GLY A 1 21  ? -20.969 4.321   1.637   1.00 23.16 ? 21  GLY A N   1 
ATOM   148  C  CA  . GLY A 1 21  ? -21.564 5.486   1.023   1.00 22.38 ? 21  GLY A CA  1 
ATOM   149  C  C   . GLY A 1 21  ? -20.576 6.574   0.675   1.00 22.70 ? 21  GLY A C   1 
ATOM   150  O  O   . GLY A 1 21  ? -20.913 7.753   0.701   1.00 24.97 ? 21  GLY A O   1 
ATOM   151  N  N   . VAL A 1 22  ? -19.351 6.198   0.344   1.00 22.51 ? 22  VAL A N   1 
ATOM   152  C  CA  . VAL A 1 22  ? -18.350 7.195   -0.010  1.00 21.39 ? 22  VAL A CA  1 
ATOM   153  C  C   . VAL A 1 22  ? -18.064 7.129   -1.500  1.00 21.38 ? 22  VAL A C   1 
ATOM   154  O  O   . VAL A 1 22  ? -17.863 6.049   -2.048  1.00 20.86 ? 22  VAL A O   1 
ATOM   155  C  CB  . VAL A 1 22  ? -17.044 6.968   0.767   1.00 20.40 ? 22  VAL A CB  1 
ATOM   156  C  CG1 . VAL A 1 22  ? -16.046 8.065   0.427   1.00 18.76 ? 22  VAL A CG1 1 
ATOM   157  C  CG2 . VAL A 1 22  ? -17.337 6.925   2.270   1.00 16.87 ? 22  VAL A CG2 1 
ATOM   158  N  N   . ARG A 1 23  ? -18.063 8.285   -2.152  1.00 21.97 ? 23  ARG A N   1 
ATOM   159  C  CA  . ARG A 1 23  ? -17.805 8.338   -3.581  1.00 23.54 ? 23  ARG A CA  1 
ATOM   160  C  C   . ARG A 1 23  ? -16.407 8.874   -3.864  1.00 23.30 ? 23  ARG A C   1 
ATOM   161  O  O   . ARG A 1 23  ? -16.012 9.898   -3.314  1.00 24.43 ? 23  ARG A O   1 
ATOM   162  C  CB  . ARG A 1 23  ? -18.837 9.226   -4.276  1.00 25.74 ? 23  ARG A CB  1 
ATOM   163  C  CG  . ARG A 1 23  ? -18.706 9.232   -5.791  1.00 27.95 ? 23  ARG A CG  1 
ATOM   164  C  CD  . ARG A 1 23  ? -19.459 10.387  -6.411  1.00 30.88 ? 23  ARG A CD  1 
ATOM   165  N  NE  . ARG A 1 23  ? -19.436 10.316  -7.869  1.00 33.47 ? 23  ARG A NE  1 
ATOM   166  C  CZ  . ARG A 1 23  ? -20.153 9.458   -8.590  1.00 34.09 ? 23  ARG A CZ  1 
ATOM   167  N  NH1 . ARG A 1 23  ? -20.960 8.593   -7.985  1.00 33.54 ? 23  ARG A NH1 1 
ATOM   168  N  NH2 . ARG A 1 23  ? -20.065 9.468   -9.917  1.00 34.06 ? 23  ARG A NH2 1 
ATOM   169  N  N   . LEU A 1 24  ? -15.669 8.193   -4.736  1.00 22.22 ? 24  LEU A N   1 
ATOM   170  C  CA  . LEU A 1 24  ? -14.315 8.616   -5.064  1.00 21.86 ? 24  LEU A CA  1 
ATOM   171  C  C   . LEU A 1 24  ? -14.135 9.061   -6.515  1.00 22.76 ? 24  LEU A C   1 
ATOM   172  O  O   . LEU A 1 24  ? -14.770 8.545   -7.427  1.00 22.79 ? 24  LEU A O   1 
ATOM   173  C  CB  . LEU A 1 24  ? -13.328 7.481   -4.783  1.00 21.12 ? 24  LEU A CB  1 
ATOM   174  C  CG  . LEU A 1 24  ? -13.322 6.746   -3.442  1.00 18.93 ? 24  LEU A CG  1 
ATOM   175  C  CD1 . LEU A 1 24  ? -12.131 5.800   -3.437  1.00 17.70 ? 24  LEU A CD1 1 
ATOM   176  C  CD2 . LEU A 1 24  ? -13.219 7.720   -2.285  1.00 18.89 ? 24  LEU A CD2 1 
ATOM   177  N  N   . THR A 1 25  ? -13.246 10.021  -6.721  1.00 24.24 ? 25  THR A N   1 
ATOM   178  C  CA  . THR A 1 25  ? -12.963 10.510  -8.060  1.00 25.74 ? 25  THR A CA  1 
ATOM   179  C  C   . THR A 1 25  ? -11.941 9.564   -8.693  1.00 27.25 ? 25  THR A C   1 
ATOM   180  O  O   . THR A 1 25  ? -11.518 8.588   -8.061  1.00 25.94 ? 25  THR A O   1 
ATOM   181  C  CB  . THR A 1 25  ? -12.348 11.916  -8.016  1.00 25.93 ? 25  THR A CB  1 
ATOM   182  O  OG1 . THR A 1 25  ? -10.952 11.813  -7.699  1.00 24.66 ? 25  THR A OG1 1 
ATOM   183  C  CG2 . THR A 1 25  ? -13.045 12.766  -6.955  1.00 25.31 ? 25  THR A CG2 1 
ATOM   184  N  N   . ARG A 1 26  ? -11.564 9.841   -9.943  1.00 29.21 ? 26  ARG A N   1 
ATOM   185  C  CA  . ARG A 1 26  ? -10.566 9.032   -10.640 1.00 30.42 ? 26  ARG A CA  1 
ATOM   186  C  C   . ARG A 1 26  ? -9.237  9.269   -9.934  1.00 31.11 ? 26  ARG A C   1 
ATOM   187  O  O   . ARG A 1 26  ? -8.361  8.402   -9.928  1.00 31.74 ? 26  ARG A O   1 
ATOM   188  C  CB  . ARG A 1 26  ? -10.415 9.449   -12.108 1.00 31.08 ? 26  ARG A CB  1 
ATOM   189  C  CG  . ARG A 1 26  ? -11.407 8.824   -13.080 1.00 34.66 ? 26  ARG A CG  1 
ATOM   190  C  CD  . ARG A 1 26  ? -10.915 8.950   -14.543 1.00 35.53 ? 26  ARG A CD  1 
ATOM   191  N  NE  . ARG A 1 26  ? -10.888 10.331  -15.037 1.00 35.71 ? 26  ARG A NE  1 
ATOM   192  C  CZ  . ARG A 1 26  ? -9.825  10.934  -15.575 1.00 36.14 ? 26  ARG A CZ  1 
ATOM   193  N  NH1 . ARG A 1 26  ? -8.669  10.290  -15.701 1.00 34.80 ? 26  ARG A NH1 1 
ATOM   194  N  NH2 . ARG A 1 26  ? -9.920  12.193  -15.994 1.00 36.96 ? 26  ARG A NH2 1 
ATOM   195  N  N   . GLU A 1 27  ? -9.089  10.452  -9.345  1.00 30.51 ? 27  GLU A N   1 
ATOM   196  C  CA  . GLU A 1 27  ? -7.866  10.790  -8.628  1.00 30.70 ? 27  GLU A CA  1 
ATOM   197  C  C   . GLU A 1 27  ? -7.853  10.138  -7.240  1.00 28.43 ? 27  GLU A C   1 
ATOM   198  O  O   . GLU A 1 27  ? -6.887  10.279  -6.488  1.00 27.27 ? 27  GLU A O   1 
ATOM   199  C  CB  . GLU A 1 27  ? -7.732  12.311  -8.515  1.00 33.75 ? 27  GLU A CB  1 
ATOM   200  C  CG  . GLU A 1 27  ? -6.794  12.924  -9.540  1.00 38.21 ? 27  GLU A CG  1 
ATOM   201  C  CD  . GLU A 1 27  ? -5.366  13.076  -9.014  1.00 41.87 ? 27  GLU A CD  1 
ATOM   202  O  OE1 . GLU A 1 27  ? -5.099  14.016  -8.216  1.00 42.42 ? 27  GLU A OE1 1 
ATOM   203  O  OE2 . GLU A 1 27  ? -4.511  12.246  -9.393  1.00 43.00 ? 27  GLU A OE2 1 
ATOM   204  N  N   . GLY A 1 28  ? -8.938  9.438   -6.915  1.00 25.60 ? 28  GLY A N   1 
ATOM   205  C  CA  . GLY A 1 28  ? -9.039  8.744   -5.644  1.00 23.68 ? 28  GLY A CA  1 
ATOM   206  C  C   . GLY A 1 28  ? -9.564  9.520   -4.452  1.00 23.53 ? 28  GLY A C   1 
ATOM   207  O  O   . GLY A 1 28  ? -9.778  8.945   -3.381  1.00 23.56 ? 28  GLY A O   1 
ATOM   208  N  N   . TRP A 1 29  ? -9.803  10.814  -4.630  1.00 22.85 ? 29  TRP A N   1 
ATOM   209  C  CA  . TRP A 1 29  ? -10.277 11.657  -3.537  1.00 22.22 ? 29  TRP A CA  1 
ATOM   210  C  C   . TRP A 1 29  ? -11.664 11.374  -2.995  1.00 22.42 ? 29  TRP A C   1 
ATOM   211  O  O   . TRP A 1 29  ? -12.503 10.799  -3.681  1.00 24.46 ? 29  TRP A O   1 
ATOM   212  C  CB  . TRP A 1 29  ? -10.189 13.120  -3.945  1.00 21.69 ? 29  TRP A CB  1 
ATOM   213  C  CG  . TRP A 1 29  ? -8.795  13.530  -4.183  1.00 21.39 ? 29  TRP A CG  1 
ATOM   214  C  CD1 . TRP A 1 29  ? -8.130  13.529  -5.373  1.00 21.89 ? 29  TRP A CD1 1 
ATOM   215  C  CD2 . TRP A 1 29  ? -7.844  13.913  -3.188  1.00 21.18 ? 29  TRP A CD2 1 
ATOM   216  N  NE1 . TRP A 1 29  ? -6.816  13.885  -5.182  1.00 22.29 ? 29  TRP A NE1 1 
ATOM   217  C  CE2 . TRP A 1 29  ? -6.614  14.126  -3.848  1.00 21.60 ? 29  TRP A CE2 1 
ATOM   218  C  CE3 . TRP A 1 29  ? -7.910  14.091  -1.801  1.00 19.52 ? 29  TRP A CE3 1 
ATOM   219  C  CZ2 . TRP A 1 29  ? -5.457  14.511  -3.167  1.00 20.59 ? 29  TRP A CZ2 1 
ATOM   220  C  CZ3 . TRP A 1 29  ? -6.764  14.470  -1.126  1.00 19.57 ? 29  TRP A CZ3 1 
ATOM   221  C  CH2 . TRP A 1 29  ? -5.551  14.677  -1.810  1.00 20.50 ? 29  TRP A CH2 1 
ATOM   222  N  N   . ALA A 1 30  ? -11.888 11.785  -1.749  1.00 21.97 ? 30  ALA A N   1 
ATOM   223  C  CA  . ALA A 1 30  ? -13.174 11.624  -1.076  1.00 22.93 ? 30  ALA A CA  1 
ATOM   224  C  C   . ALA A 1 30  ? -13.357 12.789  -0.102  1.00 24.74 ? 30  ALA A C   1 
ATOM   225  O  O   . ALA A 1 30  ? -12.377 13.410  0.312   1.00 24.80 ? 30  ALA A O   1 
ATOM   226  C  CB  . ALA A 1 30  ? -13.218 10.305  -0.323  1.00 20.73 ? 30  ALA A CB  1 
ATOM   227  N  N   . ARG A 1 31  ? -14.605 13.102  0.249   1.00 26.69 ? 31  ARG A N   1 
ATOM   228  C  CA  . ARG A 1 31  ? -14.866 14.190  1.195   1.00 26.50 ? 31  ARG A CA  1 
ATOM   229  C  C   . ARG A 1 31  ? -14.777 13.612  2.596   1.00 24.94 ? 31  ARG A C   1 
ATOM   230  O  O   . ARG A 1 31  ? -15.345 12.555  2.878   1.00 23.95 ? 31  ARG A O   1 
ATOM   231  C  CB  . ARG A 1 31  ? -16.256 14.795  0.988   1.00 28.07 ? 31  ARG A CB  1 
ATOM   232  C  CG  . ARG A 1 31  ? -16.498 15.351  -0.401  1.00 32.14 ? 31  ARG A CG  1 
ATOM   233  C  CD  . ARG A 1 31  ? -16.763 16.844  -0.400  1.00 34.61 ? 31  ARG A CD  1 
ATOM   234  N  NE  . ARG A 1 31  ? -15.552 17.641  -0.217  1.00 38.66 ? 31  ARG A NE  1 
ATOM   235  C  CZ  . ARG A 1 31  ? -15.484 18.959  -0.424  1.00 39.84 ? 31  ARG A CZ  1 
ATOM   236  N  NH1 . ARG A 1 31  ? -16.562 19.627  -0.819  1.00 40.80 ? 31  ARG A NH1 1 
ATOM   237  N  NH2 . ARG A 1 31  ? -14.341 19.613  -0.251  1.00 39.50 ? 31  ARG A NH2 1 
ATOM   238  N  N   . VAL A 1 32  ? -14.058 14.306  3.469   1.00 23.25 ? 32  VAL A N   1 
ATOM   239  C  CA  . VAL A 1 32  ? -13.901 13.846  4.835   1.00 20.75 ? 32  VAL A CA  1 
ATOM   240  C  C   . VAL A 1 32  ? -15.277 13.714  5.474   1.00 21.22 ? 32  VAL A C   1 
ATOM   241  O  O   . VAL A 1 32  ? -15.574 12.706  6.101   1.00 22.38 ? 32  VAL A O   1 
ATOM   242  C  CB  . VAL A 1 32  ? -13.022 14.822  5.640   1.00 18.90 ? 32  VAL A CB  1 
ATOM   243  C  CG1 . VAL A 1 32  ? -12.723 14.260  7.009   1.00 17.95 ? 32  VAL A CG1 1 
ATOM   244  C  CG2 . VAL A 1 32  ? -11.738 15.079  4.896   1.00 16.66 ? 32  VAL A CG2 1 
ATOM   245  N  N   . SER A 1 33  ? -16.130 14.716  5.285   1.00 21.80 ? 33  SER A N   1 
ATOM   246  C  CA  . SER A 1 33  ? -17.482 14.703  5.854   1.00 22.56 ? 33  SER A CA  1 
ATOM   247  C  C   . SER A 1 33  ? -18.269 13.469  5.451   1.00 23.13 ? 33  SER A C   1 
ATOM   248  O  O   . SER A 1 33  ? -18.909 12.822  6.289   1.00 22.97 ? 33  SER A O   1 
ATOM   249  C  CB  . SER A 1 33  ? -18.258 15.932  5.403   1.00 22.83 ? 33  SER A CB  1 
ATOM   250  O  OG  . SER A 1 33  ? -18.416 15.927  3.995   1.00 23.83 ? 33  SER A OG  1 
ATOM   251  N  N   . GLU A 1 34  ? -18.228 13.165  4.155   1.00 24.06 ? 34  GLU A N   1 
ATOM   252  C  CA  . GLU A 1 34  ? -18.921 12.016  3.589   1.00 23.58 ? 34  GLU A CA  1 
ATOM   253  C  C   . GLU A 1 34  ? -18.350 10.739  4.228   1.00 22.27 ? 34  GLU A C   1 
ATOM   254  O  O   . GLU A 1 34  ? -19.071 9.771   4.490   1.00 21.32 ? 34  GLU A O   1 
ATOM   255  C  CB  . GLU A 1 34  ? -18.737 12.024  2.065   1.00 26.42 ? 34  GLU A CB  1 
ATOM   256  C  CG  . GLU A 1 34  ? -19.747 11.177  1.277   1.00 32.12 ? 34  GLU A CG  1 
ATOM   257  C  CD  . GLU A 1 34  ? -19.596 11.311  -0.246  1.00 34.92 ? 34  GLU A CD  1 
ATOM   258  O  OE1 . GLU A 1 34  ? -20.267 10.550  -0.982  1.00 35.25 ? 34  GLU A OE1 1 
ATOM   259  O  OE2 . GLU A 1 34  ? -18.812 12.175  -0.709  1.00 37.01 ? 34  GLU A OE2 1 
ATOM   260  N  N   . VAL A 1 35  ? -17.052 10.742  4.498   1.00 20.97 ? 35  VAL A N   1 
ATOM   261  C  CA  . VAL A 1 35  ? -16.438 9.590   5.134   1.00 20.69 ? 35  VAL A CA  1 
ATOM   262  C  C   . VAL A 1 35  ? -16.945 9.494   6.570   1.00 21.35 ? 35  VAL A C   1 
ATOM   263  O  O   . VAL A 1 35  ? -17.321 8.415   7.031   1.00 22.12 ? 35  VAL A O   1 
ATOM   264  C  CB  . VAL A 1 35  ? -14.892 9.686   5.115   1.00 19.45 ? 35  VAL A CB  1 
ATOM   265  C  CG1 . VAL A 1 35  ? -14.295 8.723   6.135   1.00 18.58 ? 35  VAL A CG1 1 
ATOM   266  C  CG2 . VAL A 1 35  ? -14.371 9.348   3.715   1.00 15.65 ? 35  VAL A CG2 1 
ATOM   267  N  N   . VAL A 1 36  ? -16.969 10.630  7.264   1.00 21.81 ? 36  VAL A N   1 
ATOM   268  C  CA  . VAL A 1 36  ? -17.446 10.685  8.646   1.00 22.75 ? 36  VAL A CA  1 
ATOM   269  C  C   . VAL A 1 36  ? -18.881 10.189  8.756   1.00 23.96 ? 36  VAL A C   1 
ATOM   270  O  O   . VAL A 1 36  ? -19.197 9.344   9.588   1.00 24.87 ? 36  VAL A O   1 
ATOM   271  C  CB  . VAL A 1 36  ? -17.413 12.120  9.218   1.00 21.84 ? 36  VAL A CB  1 
ATOM   272  C  CG1 . VAL A 1 36  ? -18.154 12.153  10.536  1.00 19.89 ? 36  VAL A CG1 1 
ATOM   273  C  CG2 . VAL A 1 36  ? -15.974 12.579  9.426   1.00 21.26 ? 36  VAL A CG2 1 
ATOM   274  N  N   . GLU A 1 37  ? -19.759 10.724  7.925   1.00 25.25 ? 37  GLU A N   1 
ATOM   275  C  CA  . GLU A 1 37  ? -21.133 10.289  7.984   1.00 27.17 ? 37  GLU A CA  1 
ATOM   276  C  C   . GLU A 1 37  ? -21.175 8.790   7.730   1.00 26.17 ? 37  GLU A C   1 
ATOM   277  O  O   . GLU A 1 37  ? -21.795 8.036   8.480   1.00 25.45 ? 37  GLU A O   1 
ATOM   278  C  CB  . GLU A 1 37  ? -21.974 11.033  6.951   1.00 31.11 ? 37  GLU A CB  1 
ATOM   279  C  CG  . GLU A 1 37  ? -23.488 10.944  7.199   1.00 38.89 ? 37  GLU A CG  1 
ATOM   280  C  CD  . GLU A 1 37  ? -23.912 11.286  8.649   1.00 43.01 ? 37  GLU A CD  1 
ATOM   281  O  OE1 . GLU A 1 37  ? -25.138 11.300  8.916   1.00 44.44 ? 37  GLU A OE1 1 
ATOM   282  O  OE2 . GLU A 1 37  ? -23.035 11.532  9.518   1.00 44.08 ? 37  GLU A OE2 1 
ATOM   283  N  N   . GLY A 1 38  ? -20.484 8.363   6.682   1.00 25.42 ? 38  GLY A N   1 
ATOM   284  C  CA  . GLY A 1 38  ? -20.452 6.953   6.342   1.00 25.11 ? 38  GLY A CA  1 
ATOM   285  C  C   . GLY A 1 38  ? -20.037 6.064   7.495   1.00 25.62 ? 38  GLY A C   1 
ATOM   286  O  O   . GLY A 1 38  ? -20.617 4.997   7.701   1.00 25.18 ? 38  GLY A O   1 
ATOM   287  N  N   . LEU A 1 39  ? -19.024 6.487   8.245   1.00 25.91 ? 39  LEU A N   1 
ATOM   288  C  CA  . LEU A 1 39  ? -18.566 5.701   9.379   1.00 25.59 ? 39  LEU A CA  1 
ATOM   289  C  C   . LEU A 1 39  ? -19.613 5.710   10.474  1.00 26.32 ? 39  LEU A C   1 
ATOM   290  O  O   . LEU A 1 39  ? -19.805 4.698   11.152  1.00 24.36 ? 39  LEU A O   1 
ATOM   291  C  CB  . LEU A 1 39  ? -17.243 6.246   9.923   1.00 26.13 ? 39  LEU A CB  1 
ATOM   292  C  CG  . LEU A 1 39  ? -15.980 5.749   9.214   1.00 25.33 ? 39  LEU A CG  1 
ATOM   293  C  CD1 . LEU A 1 39  ? -14.758 6.443   9.783   1.00 24.73 ? 39  LEU A CD1 1 
ATOM   294  C  CD2 . LEU A 1 39  ? -15.865 4.248   9.394   1.00 24.58 ? 39  LEU A CD2 1 
ATOM   295  N  N   . ARG A 1 40  ? -20.296 6.845   10.651  1.00 27.55 ? 40  ARG A N   1 
ATOM   296  C  CA  . ARG A 1 40  ? -21.332 6.933   11.676  1.00 28.30 ? 40  ARG A CA  1 
ATOM   297  C  C   . ARG A 1 40  ? -22.463 5.986   11.322  1.00 28.45 ? 40  ARG A C   1 
ATOM   298  O  O   . ARG A 1 40  ? -22.897 5.208   12.168  1.00 29.11 ? 40  ARG A O   1 
ATOM   299  C  CB  . ARG A 1 40  ? -21.853 8.367   11.826  1.00 29.81 ? 40  ARG A CB  1 
ATOM   300  C  CG  . ARG A 1 40  ? -20.878 9.294   12.550  1.00 31.66 ? 40  ARG A CG  1 
ATOM   301  C  CD  . ARG A 1 40  ? -21.416 10.714  12.717  1.00 34.23 ? 40  ARG A CD  1 
ATOM   302  N  NE  . ARG A 1 40  ? -20.357 11.639  13.136  1.00 36.37 ? 40  ARG A NE  1 
ATOM   303  C  CZ  . ARG A 1 40  ? -20.479 12.967  13.192  1.00 36.48 ? 40  ARG A CZ  1 
ATOM   304  N  NH1 . ARG A 1 40  ? -21.626 13.552  12.861  1.00 36.02 ? 40  ARG A NH1 1 
ATOM   305  N  NH2 . ARG A 1 40  ? -19.438 13.717  13.554  1.00 35.33 ? 40  ARG A NH2 1 
ATOM   306  N  N   . LYS A 1 41  ? -22.920 6.027   10.071  1.00 29.21 ? 41  LYS A N   1 
ATOM   307  C  CA  . LYS A 1 41  ? -23.995 5.139   9.618   1.00 29.69 ? 41  LYS A CA  1 
ATOM   308  C  C   . LYS A 1 41  ? -23.578 3.677   9.729   1.00 29.37 ? 41  LYS A C   1 
ATOM   309  O  O   . LYS A 1 41  ? -24.406 2.780   9.642   1.00 30.95 ? 41  LYS A O   1 
ATOM   310  C  CB  . LYS A 1 41  ? -24.389 5.445   8.170   1.00 30.02 ? 41  LYS A CB  1 
ATOM   311  C  CG  . LYS A 1 41  ? -24.894 6.869   7.958   1.00 33.22 ? 41  LYS A CG  1 
ATOM   312  C  CD  . LYS A 1 41  ? -26.068 6.907   6.983   1.00 34.11 ? 41  LYS A CD  1 
ATOM   313  C  CE  . LYS A 1 41  ? -26.660 8.314   6.847   1.00 33.95 ? 41  LYS A CE  1 
ATOM   314  N  NZ  . LYS A 1 41  ? -25.785 9.260   6.099   1.00 33.54 ? 41  LYS A NZ  1 
ATOM   315  N  N   . ALA A 1 42  ? -22.288 3.439   9.913   1.00 29.14 ? 42  ALA A N   1 
ATOM   316  C  CA  . ALA A 1 42  ? -21.782 2.081   10.057  1.00 28.50 ? 42  ALA A CA  1 
ATOM   317  C  C   . ALA A 1 42  ? -21.640 1.801   11.542  1.00 27.88 ? 42  ALA A C   1 
ATOM   318  O  O   . ALA A 1 42  ? -20.955 0.858   11.945  1.00 28.31 ? 42  ALA A O   1 
ATOM   319  C  CB  . ALA A 1 42  ? -20.424 1.931   9.360   1.00 29.78 ? 42  ALA A CB  1 
ATOM   320  N  N   . GLY A 1 43  ? -22.271 2.645   12.353  1.00 26.75 ? 43  GLY A N   1 
ATOM   321  C  CA  . GLY A 1 43  ? -22.219 2.465   13.791  1.00 25.75 ? 43  GLY A CA  1 
ATOM   322  C  C   . GLY A 1 43  ? -21.082 3.142   14.531  1.00 25.12 ? 43  GLY A C   1 
ATOM   323  O  O   . GLY A 1 43  ? -20.942 2.949   15.733  1.00 25.91 ? 43  GLY A O   1 
ATOM   324  N  N   . TRP A 1 44  ? -20.253 3.917   13.844  1.00 24.78 ? 44  TRP A N   1 
ATOM   325  C  CA  . TRP A 1 44  ? -19.166 4.601   14.537  1.00 26.49 ? 44  TRP A CA  1 
ATOM   326  C  C   . TRP A 1 44  ? -19.706 5.974   14.953  1.00 26.23 ? 44  TRP A C   1 
ATOM   327  O  O   . TRP A 1 44  ? -19.458 6.987   14.296  1.00 25.76 ? 44  TRP A O   1 
ATOM   328  C  CB  . TRP A 1 44  ? -17.939 4.774   13.627  1.00 28.67 ? 44  TRP A CB  1 
ATOM   329  C  CG  . TRP A 1 44  ? -17.284 3.497   13.138  1.00 30.66 ? 44  TRP A CG  1 
ATOM   330  C  CD1 . TRP A 1 44  ? -17.772 2.630   12.197  1.00 32.23 ? 44  TRP A CD1 1 
ATOM   331  C  CD2 . TRP A 1 44  ? -15.994 2.991   13.513  1.00 30.83 ? 44  TRP A CD2 1 
ATOM   332  N  NE1 . TRP A 1 44  ? -16.865 1.624   11.961  1.00 32.11 ? 44  TRP A NE1 1 
ATOM   333  C  CE2 . TRP A 1 44  ? -15.766 1.822   12.753  1.00 31.52 ? 44  TRP A CE2 1 
ATOM   334  C  CE3 . TRP A 1 44  ? -15.011 3.412   14.416  1.00 31.23 ? 44  TRP A CE3 1 
ATOM   335  C  CZ2 . TRP A 1 44  ? -14.592 1.072   12.868  1.00 30.90 ? 44  TRP A CZ2 1 
ATOM   336  C  CZ3 . TRP A 1 44  ? -13.845 2.664   14.531  1.00 30.47 ? 44  TRP A CZ3 1 
ATOM   337  C  CH2 . TRP A 1 44  ? -13.647 1.506   13.759  1.00 31.41 ? 44  TRP A CH2 1 
ATOM   338  N  N   . SER A 1 45  ? -20.434 5.997   16.061  1.00 26.44 ? 45  SER A N   1 
ATOM   339  C  CA  . SER A 1 45  ? -21.056 7.222   16.545  1.00 27.69 ? 45  SER A CA  1 
ATOM   340  C  C   . SER A 1 45  ? -20.130 8.368   16.934  1.00 26.47 ? 45  SER A C   1 
ATOM   341  O  O   . SER A 1 45  ? -20.400 9.523   16.608  1.00 26.57 ? 45  SER A O   1 
ATOM   342  C  CB  . SER A 1 45  ? -21.970 6.896   17.729  1.00 29.35 ? 45  SER A CB  1 
ATOM   343  O  OG  . SER A 1 45  ? -23.017 6.022   17.338  1.00 31.98 ? 45  SER A OG  1 
ATOM   344  N  N   . TRP A 1 46  ? -19.051 8.052   17.636  1.00 24.95 ? 46  TRP A N   1 
ATOM   345  C  CA  . TRP A 1 46  ? -18.113 9.062   18.092  1.00 24.65 ? 46  TRP A CA  1 
ATOM   346  C  C   . TRP A 1 46  ? -17.224 9.663   17.009  1.00 25.60 ? 46  TRP A C   1 
ATOM   347  O  O   . TRP A 1 46  ? -16.637 10.724  17.215  1.00 26.86 ? 46  TRP A O   1 
ATOM   348  C  CB  . TRP A 1 46  ? -17.219 8.481   19.184  1.00 24.59 ? 46  TRP A CB  1 
ATOM   349  C  CG  . TRP A 1 46  ? -16.537 7.246   18.744  1.00 24.59 ? 46  TRP A CG  1 
ATOM   350  C  CD1 . TRP A 1 46  ? -17.059 5.985   18.733  1.00 25.35 ? 46  TRP A CD1 1 
ATOM   351  C  CD2 . TRP A 1 46  ? -15.239 7.149   18.146  1.00 26.02 ? 46  TRP A CD2 1 
ATOM   352  N  NE1 . TRP A 1 46  ? -16.169 5.106   18.159  1.00 25.32 ? 46  TRP A NE1 1 
ATOM   353  C  CE2 . TRP A 1 46  ? -15.043 5.792   17.788  1.00 25.90 ? 46  TRP A CE2 1 
ATOM   354  C  CE3 . TRP A 1 46  ? -14.220 8.075   17.874  1.00 26.78 ? 46  TRP A CE3 1 
ATOM   355  C  CZ2 . TRP A 1 46  ? -13.868 5.337   17.168  1.00 24.73 ? 46  TRP A CZ2 1 
ATOM   356  C  CZ3 . TRP A 1 46  ? -13.043 7.618   17.254  1.00 25.72 ? 46  TRP A CZ3 1 
ATOM   357  C  CH2 . TRP A 1 46  ? -12.885 6.261   16.910  1.00 23.94 ? 46  TRP A CH2 1 
ATOM   358  N  N   . VAL A 1 47  ? -17.115 9.006   15.860  1.00 25.13 ? 47  VAL A N   1 
ATOM   359  C  CA  . VAL A 1 47  ? -16.245 9.514   14.799  1.00 24.39 ? 47  VAL A CA  1 
ATOM   360  C  C   . VAL A 1 47  ? -16.561 10.943  14.379  1.00 23.43 ? 47  VAL A C   1 
ATOM   361  O  O   . VAL A 1 47  ? -17.703 11.279  14.081  1.00 20.67 ? 47  VAL A O   1 
ATOM   362  C  CB  . VAL A 1 47  ? -16.292 8.614   13.550  1.00 25.39 ? 47  VAL A CB  1 
ATOM   363  C  CG1 . VAL A 1 47  ? -15.208 9.023   12.568  1.00 24.81 ? 47  VAL A CG1 1 
ATOM   364  C  CG2 . VAL A 1 47  ? -16.095 7.179   13.951  1.00 26.97 ? 47  VAL A CG2 1 
ATOM   365  N  N   . GLU A 1 48  ? -15.522 11.775  14.365  1.00 23.91 ? 48  GLU A N   1 
ATOM   366  C  CA  . GLU A 1 48  ? -15.642 13.178  13.980  1.00 24.59 ? 48  GLU A CA  1 
ATOM   367  C  C   . GLU A 1 48  ? -14.500 13.518  13.033  1.00 23.96 ? 48  GLU A C   1 
ATOM   368  O  O   . GLU A 1 48  ? -13.446 12.897  13.071  1.00 23.74 ? 48  GLU A O   1 
ATOM   369  C  CB  . GLU A 1 48  ? -15.572 14.094  15.208  1.00 25.77 ? 48  GLU A CB  1 
ATOM   370  C  CG  . GLU A 1 48  ? -16.421 13.645  16.390  1.00 26.49 ? 48  GLU A CG  1 
ATOM   371  C  CD  . GLU A 1 48  ? -16.373 14.628  17.537  1.00 27.74 ? 48  GLU A CD  1 
ATOM   372  O  OE1 . GLU A 1 48  ? -17.329 15.422  17.660  1.00 29.23 ? 48  GLU A OE1 1 
ATOM   373  O  OE2 . GLU A 1 48  ? -15.379 14.613  18.305  1.00 26.79 ? 48  GLU A OE2 1 
ATOM   374  N  N   . GLU A 1 49  ? -14.720 14.528  12.201  1.00 24.62 ? 49  GLU A N   1 
ATOM   375  C  CA  . GLU A 1 49  ? -13.747 14.962  11.204  1.00 25.33 ? 49  GLU A CA  1 
ATOM   376  C  C   . GLU A 1 49  ? -12.313 15.136  11.696  1.00 23.03 ? 49  GLU A C   1 
ATOM   377  O  O   . GLU A 1 49  ? -11.365 14.940  10.933  1.00 22.48 ? 49  GLU A O   1 
ATOM   378  C  CB  . GLU A 1 49  ? -14.228 16.263  10.554  1.00 27.31 ? 49  GLU A CB  1 
ATOM   379  C  CG  . GLU A 1 49  ? -15.709 16.241  10.226  1.00 32.28 ? 49  GLU A CG  1 
ATOM   380  C  CD  . GLU A 1 49  ? -16.050 16.952  8.927   1.00 36.41 ? 49  GLU A CD  1 
ATOM   381  O  OE1 . GLU A 1 49  ? -17.206 16.799  8.468   1.00 37.65 ? 49  GLU A OE1 1 
ATOM   382  O  OE2 . GLU A 1 49  ? -15.174 17.657  8.366   1.00 38.40 ? 49  GLU A OE2 1 
ATOM   383  N  N   . TRP A 1 50  ? -12.139 15.499  12.958  1.00 19.92 ? 50  TRP A N   1 
ATOM   384  C  CA  . TRP A 1 50  ? -10.790 15.694  13.435  1.00 18.34 ? 50  TRP A CA  1 
ATOM   385  C  C   . TRP A 1 50  ? -10.057 14.367  13.597  1.00 17.32 ? 50  TRP A C   1 
ATOM   386  O  O   . TRP A 1 50  ? -8.837  14.300  13.416  1.00 17.80 ? 50  TRP A O   1 
ATOM   387  C  CB  . TRP A 1 50  ? -10.784 16.495  14.736  1.00 17.44 ? 50  TRP A CB  1 
ATOM   388  C  CG  . TRP A 1 50  ? -11.322 15.779  15.910  1.00 16.63 ? 50  TRP A CG  1 
ATOM   389  C  CD1 . TRP A 1 50  ? -12.631 15.659  16.274  1.00 17.00 ? 50  TRP A CD1 1 
ATOM   390  C  CD2 . TRP A 1 50  ? -10.559 15.134  16.930  1.00 16.87 ? 50  TRP A CD2 1 
ATOM   391  N  NE1 . TRP A 1 50  ? -12.732 14.987  17.470  1.00 17.80 ? 50  TRP A NE1 1 
ATOM   392  C  CE2 . TRP A 1 50  ? -11.472 14.651  17.893  1.00 17.40 ? 50  TRP A CE2 1 
ATOM   393  C  CE3 . TRP A 1 50  ? -9.190  14.918  17.128  1.00 16.42 ? 50  TRP A CE3 1 
ATOM   394  C  CZ2 . TRP A 1 50  ? -11.056 13.965  19.041  1.00 16.31 ? 50  TRP A CZ2 1 
ATOM   395  C  CZ3 . TRP A 1 50  ? -8.781  14.239  18.269  1.00 15.31 ? 50  TRP A CZ3 1 
ATOM   396  C  CH2 . TRP A 1 50  ? -9.711  13.773  19.209  1.00 15.22 ? 50  TRP A CH2 1 
ATOM   397  N  N   . HIS A 1 51  ? -10.780 13.307  13.930  1.00 15.63 ? 51  HIS A N   1 
ATOM   398  C  CA  . HIS A 1 51  ? -10.125 12.011  14.047  1.00 15.89 ? 51  HIS A CA  1 
ATOM   399  C  C   . HIS A 1 51  ? -9.518  11.687  12.678  1.00 16.71 ? 51  HIS A C   1 
ATOM   400  O  O   . HIS A 1 51  ? -8.339  11.327  12.567  1.00 16.71 ? 51  HIS A O   1 
ATOM   401  C  CB  . HIS A 1 51  ? -11.121 10.911  14.420  1.00 14.97 ? 51  HIS A CB  1 
ATOM   402  C  CG  . HIS A 1 51  ? -11.780 11.109  15.748  1.00 14.42 ? 51  HIS A CG  1 
ATOM   403  N  ND1 . HIS A 1 51  ? -13.037 11.663  15.884  1.00 13.56 ? 51  HIS A ND1 1 
ATOM   404  C  CD2 . HIS A 1 51  ? -11.371 10.794  17.001  1.00 12.73 ? 51  HIS A CD2 1 
ATOM   405  C  CE1 . HIS A 1 51  ? -13.375 11.674  17.160  1.00 13.58 ? 51  HIS A CE1 1 
ATOM   406  N  NE2 . HIS A 1 51  ? -12.382 11.151  17.859  1.00 14.30 ? 51  HIS A NE2 1 
ATOM   407  N  N   . ILE A 1 52  ? -10.339 11.836  11.642  1.00 16.32 ? 52  ILE A N   1 
ATOM   408  C  CA  . ILE A 1 52  ? -9.925  11.570  10.271  1.00 16.94 ? 52  ILE A CA  1 
ATOM   409  C  C   . ILE A 1 52  ? -8.666  12.356  9.870   1.00 16.90 ? 52  ILE A C   1 
ATOM   410  O  O   . ILE A 1 52  ? -7.803  11.841  9.159   1.00 15.72 ? 52  ILE A O   1 
ATOM   411  C  CB  . ILE A 1 52  ? -11.079 11.894  9.288   1.00 17.40 ? 52  ILE A CB  1 
ATOM   412  C  CG1 . ILE A 1 52  ? -12.351 11.151  9.720   1.00 17.87 ? 52  ILE A CG1 1 
ATOM   413  C  CG2 . ILE A 1 52  ? -10.686 11.502  7.867   1.00 16.03 ? 52  ILE A CG2 1 
ATOM   414  C  CD1 . ILE A 1 52  ? -12.182 9.618   9.877   1.00 16.61 ? 52  ILE A CD1 1 
ATOM   415  N  N   . VAL A 1 53  ? -8.566  13.604  10.319  1.00 17.15 ? 53  VAL A N   1 
ATOM   416  C  CA  . VAL A 1 53  ? -7.398  14.419  10.011  1.00 17.49 ? 53  VAL A CA  1 
ATOM   417  C  C   . VAL A 1 53  ? -6.232  13.902  10.850  1.00 19.92 ? 53  VAL A C   1 
ATOM   418  O  O   . VAL A 1 53  ? -5.090  13.803  10.374  1.00 19.39 ? 53  VAL A O   1 
ATOM   419  C  CB  . VAL A 1 53  ? -7.647  15.904  10.326  1.00 15.29 ? 53  VAL A CB  1 
ATOM   420  C  CG1 . VAL A 1 53  ? -6.337  16.662  10.330  1.00 12.94 ? 53  VAL A CG1 1 
ATOM   421  C  CG2 . VAL A 1 53  ? -8.575  16.492  9.281   1.00 12.33 ? 53  VAL A CG2 1 
ATOM   422  N  N   . GLY A 1 54  ? -6.526  13.564  12.102  1.00 20.13 ? 54  GLY A N   1 
ATOM   423  C  CA  . GLY A 1 54  ? -5.490  13.025  12.956  1.00 21.28 ? 54  GLY A CA  1 
ATOM   424  C  C   . GLY A 1 54  ? -4.941  11.748  12.336  1.00 21.87 ? 54  GLY A C   1 
ATOM   425  O  O   . GLY A 1 54  ? -3.724  11.577  12.203  1.00 24.34 ? 54  GLY A O   1 
ATOM   426  N  N   . VAL A 1 55  ? -5.837  10.845  11.946  1.00 20.05 ? 55  VAL A N   1 
ATOM   427  C  CA  . VAL A 1 55  ? -5.423  9.589   11.341  1.00 17.76 ? 55  VAL A CA  1 
ATOM   428  C  C   . VAL A 1 55  ? -4.505  9.831   10.150  1.00 18.02 ? 55  VAL A C   1 
ATOM   429  O  O   . VAL A 1 55  ? -3.496  9.144   9.978   1.00 18.44 ? 55  VAL A O   1 
ATOM   430  C  CB  . VAL A 1 55  ? -6.629  8.785   10.843  1.00 16.68 ? 55  VAL A CB  1 
ATOM   431  C  CG1 . VAL A 1 55  ? -6.159  7.462   10.226  1.00 15.72 ? 55  VAL A CG1 1 
ATOM   432  C  CG2 . VAL A 1 55  ? -7.584  8.543   11.977  1.00 14.19 ? 55  VAL A CG2 1 
ATOM   433  N  N   . ALA A 1 56  ? -4.860  10.820  9.337   1.00 16.68 ? 56  ALA A N   1 
ATOM   434  C  CA  . ALA A 1 56  ? -4.096  11.134  8.141   1.00 15.69 ? 56  ALA A CA  1 
ATOM   435  C  C   . ALA A 1 56  ? -2.791  11.832  8.424   1.00 15.70 ? 56  ALA A C   1 
ATOM   436  O  O   . ALA A 1 56  ? -1.778  11.521  7.811   1.00 15.59 ? 56  ALA A O   1 
ATOM   437  C  CB  . ALA A 1 56  ? -4.933  11.984  7.194   1.00 13.67 ? 56  ALA A CB  1 
ATOM   438  N  N   . LEU A 1 57  ? -2.809  12.784  9.347   1.00 16.76 ? 57  LEU A N   1 
ATOM   439  C  CA  . LEU A 1 57  ? -1.597  13.528  9.645   1.00 17.44 ? 57  LEU A CA  1 
ATOM   440  C  C   . LEU A 1 57  ? -0.595  12.779  10.496  1.00 18.30 ? 57  LEU A C   1 
ATOM   441  O  O   . LEU A 1 57  ? 0.595   13.074  10.441  1.00 19.49 ? 57  LEU A O   1 
ATOM   442  C  CB  . LEU A 1 57  ? -1.934  14.874  10.301  1.00 16.94 ? 57  LEU A CB  1 
ATOM   443  C  CG  . LEU A 1 57  ? -2.629  15.892  9.385   1.00 15.86 ? 57  LEU A CG  1 
ATOM   444  C  CD1 . LEU A 1 57  ? -2.701  17.219  10.083  1.00 13.35 ? 57  LEU A CD1 1 
ATOM   445  C  CD2 . LEU A 1 57  ? -1.872  16.032  8.072   1.00 13.16 ? 57  LEU A CD2 1 
ATOM   446  N  N   . HIS A 1 58  ? -1.051  11.801  11.266  1.00 18.58 ? 58  HIS A N   1 
ATOM   447  C  CA  . HIS A 1 58  ? -0.123  11.068  12.107  1.00 19.35 ? 58  HIS A CA  1 
ATOM   448  C  C   . HIS A 1 58  ? 0.286   9.721   11.567  1.00 20.08 ? 58  HIS A C   1 
ATOM   449  O  O   . HIS A 1 58  ? 1.132   9.059   12.165  1.00 21.40 ? 58  HIS A O   1 
ATOM   450  C  CB  . HIS A 1 58  ? -0.695  10.891  13.506  1.00 21.02 ? 58  HIS A CB  1 
ATOM   451  C  CG  . HIS A 1 58  ? -0.942  12.181  14.210  1.00 20.68 ? 58  HIS A CG  1 
ATOM   452  N  ND1 . HIS A 1 58  ? -0.284  13.342  13.875  1.00 22.19 ? 58  HIS A ND1 1 
ATOM   453  C  CD2 . HIS A 1 58  ? -1.766  12.496  15.235  1.00 22.25 ? 58  HIS A CD2 1 
ATOM   454  C  CE1 . HIS A 1 58  ? -0.694  14.322  14.663  1.00 24.06 ? 58  HIS A CE1 1 
ATOM   455  N  NE2 . HIS A 1 58  ? -1.594  13.835  15.497  1.00 23.37 ? 58  HIS A NE2 1 
ATOM   456  N  N   . ASP A 1 59  ? -0.303  9.298   10.451  1.00 19.41 ? 59  ASP A N   1 
ATOM   457  C  CA  . ASP A 1 59  ? 0.058   8.005   9.891   1.00 18.97 ? 59  ASP A CA  1 
ATOM   458  C  C   . ASP A 1 59  ? 1.563   7.967   9.690   1.00 20.58 ? 59  ASP A C   1 
ATOM   459  O  O   . ASP A 1 59  ? 2.149   8.914   9.180   1.00 22.65 ? 59  ASP A O   1 
ATOM   460  C  CB  . ASP A 1 59  ? -0.644  7.772   8.562   1.00 17.73 ? 59  ASP A CB  1 
ATOM   461  C  CG  . ASP A 1 59  ? -0.298  6.426   7.965   1.00 17.81 ? 59  ASP A CG  1 
ATOM   462  O  OD1 . ASP A 1 59  ? 0.783   6.322   7.346   1.00 19.55 ? 59  ASP A OD1 1 
ATOM   463  O  OD2 . ASP A 1 59  ? -1.089  5.469   8.137   1.00 14.07 ? 59  ASP A OD2 1 
ATOM   464  N  N   . PRO A 1 60  ? 2.217   6.874   10.087  1.00 21.52 ? 60  PRO A N   1 
ATOM   465  C  CA  . PRO A 1 60  ? 3.670   6.868   9.889   1.00 22.42 ? 60  PRO A CA  1 
ATOM   466  C  C   . PRO A 1 60  ? 4.095   6.579   8.456   1.00 23.51 ? 60  PRO A C   1 
ATOM   467  O  O   . PRO A 1 60  ? 5.031   7.195   7.952   1.00 25.22 ? 60  PRO A O   1 
ATOM   468  C  CB  . PRO A 1 60  ? 4.159   5.786   10.859  1.00 21.54 ? 60  PRO A CB  1 
ATOM   469  C  CG  . PRO A 1 60  ? 3.013   5.620   11.837  1.00 22.20 ? 60  PRO A CG  1 
ATOM   470  C  CD  . PRO A 1 60  ? 1.801   5.762   10.951  1.00 21.56 ? 60  PRO A CD  1 
ATOM   471  N  N   . LYS A 1 61  ? 3.413   5.644   7.804   1.00 23.63 ? 61  LYS A N   1 
ATOM   472  C  CA  . LYS A 1 61  ? 3.752   5.272   6.437   1.00 24.26 ? 61  LYS A CA  1 
ATOM   473  C  C   . LYS A 1 61  ? 3.396   6.344   5.426   1.00 25.19 ? 61  LYS A C   1 
ATOM   474  O  O   . LYS A 1 61  ? 3.772   6.252   4.255   1.00 26.91 ? 61  LYS A O   1 
ATOM   475  C  CB  . LYS A 1 61  ? 3.042   3.981   6.043   1.00 24.85 ? 61  LYS A CB  1 
ATOM   476  C  CG  . LYS A 1 61  ? 3.713   2.713   6.514   1.00 26.83 ? 61  LYS A CG  1 
ATOM   477  C  CD  . LYS A 1 61  ? 2.980   1.513   5.953   1.00 28.67 ? 61  LYS A CD  1 
ATOM   478  C  CE  . LYS A 1 61  ? 3.725   0.222   6.195   1.00 29.97 ? 61  LYS A CE  1 
ATOM   479  N  NZ  . LYS A 1 61  ? 2.938   -0.923  5.647   1.00 33.36 ? 61  LYS A NZ  1 
ATOM   480  N  N   . GLY A 1 62  ? 2.677   7.365   5.870   1.00 24.47 ? 62  GLY A N   1 
ATOM   481  C  CA  . GLY A 1 62  ? 2.276   8.401   4.941   1.00 23.87 ? 62  GLY A CA  1 
ATOM   482  C  C   . GLY A 1 62  ? 1.232   7.786   4.033   1.00 23.19 ? 62  GLY A C   1 
ATOM   483  O  O   . GLY A 1 62  ? 1.178   8.060   2.843   1.00 25.81 ? 62  GLY A O   1 
ATOM   484  N  N   . ARG A 1 63  ? 0.400   6.934   4.612   1.00 21.66 ? 63  ARG A N   1 
ATOM   485  C  CA  . ARG A 1 63  ? -0.648  6.273   3.867   1.00 20.09 ? 63  ARG A CA  1 
ATOM   486  C  C   . ARG A 1 63  ? -1.690  7.200   3.241   1.00 19.46 ? 63  ARG A C   1 
ATOM   487  O  O   . ARG A 1 63  ? -2.248  6.865   2.203   1.00 21.66 ? 63  ARG A O   1 
ATOM   488  C  CB  . ARG A 1 63  ? -1.372  5.261   4.756   1.00 18.78 ? 63  ARG A CB  1 
ATOM   489  C  CG  . ARG A 1 63  ? -0.514  4.130   5.281   1.00 19.31 ? 63  ARG A CG  1 
ATOM   490  C  CD  . ARG A 1 63  ? -1.401  3.062   5.909   1.00 21.55 ? 63  ARG A CD  1 
ATOM   491  N  NE  . ARG A 1 63  ? -0.644  1.923   6.429   1.00 24.04 ? 63  ARG A NE  1 
ATOM   492  C  CZ  . ARG A 1 63  ? -0.055  1.874   7.623   1.00 24.51 ? 63  ARG A CZ  1 
ATOM   493  N  NH1 . ARG A 1 63  ? -0.130  2.910   8.454   1.00 25.37 ? 63  ARG A NH1 1 
ATOM   494  N  NH2 . ARG A 1 63  ? 0.618   0.784   7.984   1.00 24.01 ? 63  ARG A NH2 1 
ATOM   495  N  N   . TYR A 1 64  ? -1.968  8.355   3.841   1.00 18.82 ? 64  TYR A N   1 
ATOM   496  C  CA  . TYR A 1 64  ? -3.006  9.229   3.270   1.00 17.61 ? 64  TYR A CA  1 
ATOM   497  C  C   . TYR A 1 64  ? -2.585  10.632  2.872   1.00 16.29 ? 64  TYR A C   1 
ATOM   498  O  O   . TYR A 1 64  ? -1.516  11.109  3.237   1.00 16.09 ? 64  TYR A O   1 
ATOM   499  C  CB  . TYR A 1 64  ? -4.195  9.380   4.226   1.00 16.10 ? 64  TYR A CB  1 
ATOM   500  C  CG  . TYR A 1 64  ? -4.642  8.122   4.913   1.00 17.72 ? 64  TYR A CG  1 
ATOM   501  C  CD1 . TYR A 1 64  ? -4.002  7.669   6.073   1.00 17.66 ? 64  TYR A CD1 1 
ATOM   502  C  CD2 . TYR A 1 64  ? -5.727  7.391   4.424   1.00 18.41 ? 64  TYR A CD2 1 
ATOM   503  C  CE1 . TYR A 1 64  ? -4.434  6.515   6.736   1.00 18.26 ? 64  TYR A CE1 1 
ATOM   504  C  CE2 . TYR A 1 64  ? -6.170  6.231   5.080   1.00 20.45 ? 64  TYR A CE2 1 
ATOM   505  C  CZ  . TYR A 1 64  ? -5.519  5.803   6.235   1.00 19.97 ? 64  TYR A CZ  1 
ATOM   506  O  OH  . TYR A 1 64  ? -5.964  4.676   6.884   1.00 20.24 ? 64  TYR A OH  1 
ATOM   507  N  N   . GLU A 1 65  ? -3.456  11.291  2.122   1.00 15.00 ? 65  GLU A N   1 
ATOM   508  C  CA  . GLU A 1 65  ? -3.208  12.654  1.709   1.00 15.46 ? 65  GLU A CA  1 
ATOM   509  C  C   . GLU A 1 65  ? -4.487  13.458  1.920   1.00 16.32 ? 65  GLU A C   1 
ATOM   510  O  O   . GLU A 1 65  ? -5.592  12.912  1.848   1.00 15.44 ? 65  GLU A O   1 
ATOM   511  C  CB  . GLU A 1 65  ? -2.786  12.721  0.252   1.00 14.95 ? 65  GLU A CB  1 
ATOM   512  C  CG  . GLU A 1 65  ? -1.986  13.957  -0.029  1.00 17.69 ? 65  GLU A CG  1 
ATOM   513  C  CD  . GLU A 1 65  ? -1.993  14.317  -1.480  1.00 21.01 ? 65  GLU A CD  1 
ATOM   514  O  OE1 . GLU A 1 65  ? -1.693  13.418  -2.295  1.00 22.54 ? 65  GLU A OE1 1 
ATOM   515  O  OE2 . GLU A 1 65  ? -2.301  15.492  -1.800  1.00 22.26 ? 65  GLU A OE2 1 
ATOM   516  N  N   . LEU A 1 66  ? -4.315  14.753  2.192   1.00 18.14 ? 66  LEU A N   1 
ATOM   517  C  CA  . LEU A 1 66  ? -5.417  15.687  2.455   1.00 18.74 ? 66  LEU A CA  1 
ATOM   518  C  C   . LEU A 1 66  ? -5.368  16.922  1.561   1.00 20.56 ? 66  LEU A C   1 
ATOM   519  O  O   . LEU A 1 66  ? -4.326  17.262  1.007   1.00 21.78 ? 66  LEU A O   1 
ATOM   520  C  CB  . LEU A 1 66  ? -5.345  16.162  3.909   1.00 16.51 ? 66  LEU A CB  1 
ATOM   521  C  CG  . LEU A 1 66  ? -5.966  15.365  5.062   1.00 15.77 ? 66  LEU A CG  1 
ATOM   522  C  CD1 . LEU A 1 66  ? -5.830  13.875  4.853   1.00 14.59 ? 66  LEU A CD1 1 
ATOM   523  C  CD2 . LEU A 1 66  ? -5.302  15.808  6.357   1.00 13.79 ? 66  LEU A CD2 1 
ATOM   524  N  N   . ARG A 1 67  ? -6.505  17.591  1.428   1.00 22.82 ? 67  ARG A N   1 
ATOM   525  C  CA  . ARG A 1 67  ? -6.602  18.827  0.650   1.00 25.13 ? 67  ARG A CA  1 
ATOM   526  C  C   . ARG A 1 67  ? -8.013  19.353  0.867   1.00 26.91 ? 67  ARG A C   1 
ATOM   527  O  O   . ARG A 1 67  ? -8.951  18.566  0.961   1.00 26.77 ? 67  ARG A O   1 
ATOM   528  C  CB  . ARG A 1 67  ? -6.347  18.587  -0.840  1.00 24.83 ? 67  ARG A CB  1 
ATOM   529  C  CG  . ARG A 1 67  ? -7.517  18.000  -1.581  1.00 25.73 ? 67  ARG A CG  1 
ATOM   530  C  CD  . ARG A 1 67  ? -7.328  18.017  -3.100  1.00 24.35 ? 67  ARG A CD  1 
ATOM   531  N  NE  . ARG A 1 67  ? -8.424  17.277  -3.725  1.00 24.99 ? 67  ARG A NE  1 
ATOM   532  C  CZ  . ARG A 1 67  ? -8.678  17.218  -5.027  1.00 20.74 ? 67  ARG A CZ  1 
ATOM   533  N  NH1 . ARG A 1 67  ? -7.909  17.865  -5.889  1.00 17.52 ? 67  ARG A NH1 1 
ATOM   534  N  NH2 . ARG A 1 67  ? -9.714  16.507  -5.451  1.00 17.18 ? 67  ARG A NH2 1 
ATOM   535  N  N   . ASN A 1 68  ? -8.140  20.676  0.963   1.00 29.52 ? 68  ASN A N   1 
ATOM   536  C  CA  . ASN A 1 68  ? -9.409  21.359  1.210   1.00 31.24 ? 68  ASN A CA  1 
ATOM   537  C  C   . ASN A 1 68  ? -10.584 20.433  1.524   1.00 30.47 ? 68  ASN A C   1 
ATOM   538  O  O   . ASN A 1 68  ? -11.461 20.221  0.685   1.00 31.11 ? 68  ASN A O   1 
ATOM   539  C  CB  . ASN A 1 68  ? -9.761  22.264  0.020   1.00 36.13 ? 68  ASN A CB  1 
ATOM   540  C  CG  . ASN A 1 68  ? -10.731 23.400  0.405   1.00 41.52 ? 68  ASN A CG  1 
ATOM   541  O  OD1 . ASN A 1 68  ? -10.502 24.124  1.379   1.00 44.51 ? 68  ASN A OD1 1 
ATOM   542  N  ND2 . ASN A 1 68  ? -11.804 23.566  -0.371  1.00 42.13 ? 68  ASN A ND2 1 
ATOM   543  N  N   . GLY A 1 69  ? -10.591 19.875  2.734   1.00 28.22 ? 69  GLY A N   1 
ATOM   544  C  CA  . GLY A 1 69  ? -11.671 18.990  3.146   1.00 26.88 ? 69  GLY A CA  1 
ATOM   545  C  C   . GLY A 1 69  ? -11.824 17.664  2.408   1.00 27.09 ? 69  GLY A C   1 
ATOM   546  O  O   . GLY A 1 69  ? -12.944 17.167  2.247   1.00 25.89 ? 69  GLY A O   1 
ATOM   547  N  N   . GLU A 1 70  ? -10.713 17.067  1.976   1.00 26.56 ? 70  GLU A N   1 
ATOM   548  C  CA  . GLU A 1 70  ? -10.774 15.796  1.252   1.00 25.28 ? 70  GLU A CA  1 
ATOM   549  C  C   . GLU A 1 70  ? -9.663  14.839  1.656   1.00 22.80 ? 70  GLU A C   1 
ATOM   550  O  O   . GLU A 1 70  ? -8.677  15.238  2.274   1.00 23.77 ? 70  GLU A O   1 
ATOM   551  C  CB  . GLU A 1 70  ? -10.701 16.042  -0.259  1.00 26.96 ? 70  GLU A CB  1 
ATOM   552  C  CG  . GLU A 1 70  ? -11.767 16.992  -0.775  1.00 31.40 ? 70  GLU A CG  1 
ATOM   553  C  CD  . GLU A 1 70  ? -11.853 17.014  -2.294  1.00 34.89 ? 70  GLU A CD  1 
ATOM   554  O  OE1 . GLU A 1 70  ? -10.829 17.320  -2.947  1.00 34.39 ? 70  GLU A OE1 1 
ATOM   555  O  OE2 . GLU A 1 70  ? -12.951 16.727  -2.835  1.00 36.96 ? 70  GLU A OE2 1 
ATOM   556  N  N   . ILE A 1 71  ? -9.826  13.573  1.298   1.00 19.13 ? 71  ILE A N   1 
ATOM   557  C  CA  . ILE A 1 71  ? -8.828  12.566  1.619   1.00 16.27 ? 71  ILE A CA  1 
ATOM   558  C  C   . ILE A 1 71  ? -8.836  11.369  0.646   1.00 17.01 ? 71  ILE A C   1 
ATOM   559  O  O   . ILE A 1 71  ? -9.872  11.024  0.065   1.00 16.71 ? 71  ILE A O   1 
ATOM   560  C  CB  . ILE A 1 71  ? -9.028  12.058  3.081   1.00 14.59 ? 71  ILE A CB  1 
ATOM   561  C  CG1 . ILE A 1 71  ? -7.879  11.117  3.474   1.00 12.13 ? 71  ILE A CG1 1 
ATOM   562  C  CG2 . ILE A 1 71  ? -10.391 11.384  3.228   1.00 10.00 ? 71  ILE A CG2 1 
ATOM   563  C  CD1 . ILE A 1 71  ? -7.803  10.817  4.965   1.00 8.94  ? 71  ILE A CD1 1 
ATOM   564  N  N   . ARG A 1 72  ? -7.668  10.754  0.460   1.00 16.02 ? 72  ARG A N   1 
ATOM   565  C  CA  . ARG A 1 72  ? -7.535  9.575   -0.396  1.00 13.97 ? 72  ARG A CA  1 
ATOM   566  C  C   . ARG A 1 72  ? -6.313  8.799   0.059   1.00 13.72 ? 72  ARG A C   1 
ATOM   567  O  O   . ARG A 1 72  ? -5.452  9.345   0.742   1.00 14.32 ? 72  ARG A O   1 
ATOM   568  C  CB  . ARG A 1 72  ? -7.336  9.972   -1.857  1.00 11.11 ? 72  ARG A CB  1 
ATOM   569  C  CG  . ARG A 1 72  ? -6.034  10.677  -2.109  1.00 11.52 ? 72  ARG A CG  1 
ATOM   570  C  CD  . ARG A 1 72  ? -5.726  10.806  -3.595  1.00 12.37 ? 72  ARG A CD  1 
ATOM   571  N  NE  . ARG A 1 72  ? -4.533  11.626  -3.820  1.00 12.06 ? 72  ARG A NE  1 
ATOM   572  C  CZ  . ARG A 1 72  ? -3.957  11.818  -5.003  1.00 12.15 ? 72  ARG A CZ  1 
ATOM   573  N  NH1 . ARG A 1 72  ? -4.454  11.244  -6.098  1.00 11.88 ? 72  ARG A NH1 1 
ATOM   574  N  NH2 . ARG A 1 72  ? -2.894  12.603  -5.094  1.00 11.46 ? 72  ARG A NH2 1 
ATOM   575  N  N   . ALA A 1 73  ? -6.237  7.524   -0.303  1.00 14.56 ? 73  ALA A N   1 
ATOM   576  C  CA  . ALA A 1 73  ? -5.064  6.725   0.042   1.00 15.16 ? 73  ALA A CA  1 
ATOM   577  C  C   . ALA A 1 73  ? -4.016  7.070   -1.024  1.00 16.37 ? 73  ALA A C   1 
ATOM   578  O  O   . ALA A 1 73  ? -4.371  7.484   -2.132  1.00 17.94 ? 73  ALA A O   1 
ATOM   579  C  CB  . ALA A 1 73  ? -5.405  5.241   0.006   1.00 13.30 ? 73  ALA A CB  1 
ATOM   580  N  N   . ARG A 1 74  ? -2.734  6.932   -0.702  1.00 17.63 ? 74  ARG A N   1 
ATOM   581  C  CA  . ARG A 1 74  ? -1.680  7.261   -1.669  1.00 17.56 ? 74  ARG A CA  1 
ATOM   582  C  C   . ARG A 1 74  ? -1.313  6.037   -2.489  1.00 16.71 ? 74  ARG A C   1 
ATOM   583  O  O   . ARG A 1 74  ? -0.739  6.168   -3.569  1.00 17.08 ? 74  ARG A O   1 
ATOM   584  C  CB  . ARG A 1 74  ? -0.411  7.778   -0.961  1.00 19.00 ? 74  ARG A CB  1 
ATOM   585  C  CG  . ARG A 1 74  ? -0.506  9.169   -0.335  1.00 18.47 ? 74  ARG A CG  1 
ATOM   586  C  CD  . ARG A 1 74  ? -0.623  10.242  -1.400  1.00 20.13 ? 74  ARG A CD  1 
ATOM   587  N  NE  . ARG A 1 74  ? 0.543   10.266  -2.278  1.00 23.11 ? 74  ARG A NE  1 
ATOM   588  C  CZ  . ARG A 1 74  ? 0.642   11.010  -3.378  1.00 25.19 ? 74  ARG A CZ  1 
ATOM   589  N  NH1 . ARG A 1 74  ? -0.359  11.799  -3.749  1.00 25.41 ? 74  ARG A NH1 1 
ATOM   590  N  NH2 . ARG A 1 74  ? 1.745   10.965  -4.112  1.00 26.46 ? 74  ARG A NH2 1 
ATOM   591  N  N   . TYR A 1 75  ? -1.649  4.857   -1.967  1.00 15.84 ? 75  TYR A N   1 
ATOM   592  C  CA  . TYR A 1 75  ? -1.331  3.585   -2.622  1.00 16.17 ? 75  TYR A CA  1 
ATOM   593  C  C   . TYR A 1 75  ? -2.180  2.447   -2.061  1.00 15.76 ? 75  TYR A C   1 
ATOM   594  O  O   . TYR A 1 75  ? -3.112  2.681   -1.304  1.00 16.77 ? 75  TYR A O   1 
ATOM   595  C  CB  . TYR A 1 75  ? 0.159   3.255   -2.427  1.00 14.43 ? 75  TYR A CB  1 
ATOM   596  C  CG  . TYR A 1 75  ? 0.548   3.015   -0.983  1.00 15.60 ? 75  TYR A CG  1 
ATOM   597  C  CD1 . TYR A 1 75  ? 0.302   1.786   -0.371  1.00 16.90 ? 75  TYR A CD1 1 
ATOM   598  C  CD2 . TYR A 1 75  ? 1.125   4.032   -0.211  1.00 16.70 ? 75  TYR A CD2 1 
ATOM   599  C  CE1 . TYR A 1 75  ? 0.613   1.570   0.976   1.00 19.11 ? 75  TYR A CE1 1 
ATOM   600  C  CE2 . TYR A 1 75  ? 1.442   3.832   1.140   1.00 17.58 ? 75  TYR A CE2 1 
ATOM   601  C  CZ  . TYR A 1 75  ? 1.179   2.596   1.729   1.00 19.31 ? 75  TYR A CZ  1 
ATOM   602  O  OH  . TYR A 1 75  ? 1.440   2.379   3.066   1.00 19.20 ? 75  TYR A OH  1 
ATOM   603  N  N   . GLY A 1 76  ? -1.856  1.216   -2.445  1.00 16.60 ? 76  GLY A N   1 
ATOM   604  C  CA  . GLY A 1 76  ? -2.584  0.054   -1.957  1.00 15.46 ? 76  GLY A CA  1 
ATOM   605  C  C   . GLY A 1 76  ? -3.988  -0.140  -2.487  1.00 14.55 ? 76  GLY A C   1 
ATOM   606  O  O   . GLY A 1 76  ? -4.736  -0.965  -1.983  1.00 15.17 ? 76  GLY A O   1 
ATOM   607  N  N   . HIS A 1 77  ? -4.351  0.615   -3.507  1.00 15.68 ? 77  HIS A N   1 
ATOM   608  C  CA  . HIS A 1 77  ? -5.683  0.519   -4.085  1.00 18.73 ? 77  HIS A CA  1 
ATOM   609  C  C   . HIS A 1 77  ? -5.912  -0.790  -4.823  1.00 20.60 ? 77  HIS A C   1 
ATOM   610  O  O   . HIS A 1 77  ? -4.992  -1.353  -5.427  1.00 20.97 ? 77  HIS A O   1 
ATOM   611  C  CB  . HIS A 1 77  ? -5.914  1.644   -5.093  1.00 20.42 ? 77  HIS A CB  1 
ATOM   612  C  CG  . HIS A 1 77  ? -5.776  3.016   -4.523  1.00 21.14 ? 77  HIS A CG  1 
ATOM   613  N  ND1 . HIS A 1 77  ? -6.770  3.618   -3.784  1.00 21.50 ? 77  HIS A ND1 1 
ATOM   614  C  CD2 . HIS A 1 77  ? -4.770  3.917   -4.607  1.00 21.17 ? 77  HIS A CD2 1 
ATOM   615  C  CE1 . HIS A 1 77  ? -6.386  4.834   -3.440  1.00 21.71 ? 77  HIS A CE1 1 
ATOM   616  N  NE2 . HIS A 1 77  ? -5.175  5.039   -3.927  1.00 22.71 ? 77  HIS A NE2 1 
ATOM   617  N  N   . SER A 1 78  ? -7.158  -1.250  -4.784  1.00 20.77 ? 78  SER A N   1 
ATOM   618  C  CA  . SER A 1 78  ? -7.566  -2.447  -5.490  1.00 20.95 ? 78  SER A CA  1 
ATOM   619  C  C   . SER A 1 78  ? -8.657  -1.948  -6.443  1.00 22.30 ? 78  SER A C   1 
ATOM   620  O  O   . SER A 1 78  ? -9.292  -2.721  -7.155  1.00 23.73 ? 78  SER A O   1 
ATOM   621  C  CB  . SER A 1 78  ? -8.145  -3.453  -4.524  1.00 19.76 ? 78  SER A CB  1 
ATOM   622  O  OG  . SER A 1 78  ? -9.362  -2.961  -4.018  1.00 22.33 ? 78  SER A OG  1 
ATOM   623  N  N   . ILE A 1 79  ? -8.862  -0.632  -6.426  1.00 22.40 ? 79  ILE A N   1 
ATOM   624  C  CA  . ILE A 1 79  ? -9.843  0.047   -7.267  1.00 21.95 ? 79  ILE A CA  1 
ATOM   625  C  C   . ILE A 1 79  ? -9.057  0.863   -8.284  1.00 22.64 ? 79  ILE A C   1 
ATOM   626  O  O   . ILE A 1 79  ? -8.077  1.525   -7.928  1.00 22.45 ? 79  ILE A O   1 
ATOM   627  C  CB  . ILE A 1 79  ? -10.698 1.050   -6.445  1.00 21.97 ? 79  ILE A CB  1 
ATOM   628  C  CG1 . ILE A 1 79  ? -11.641 0.314   -5.507  1.00 20.30 ? 79  ILE A CG1 1 
ATOM   629  C  CG2 . ILE A 1 79  ? -11.476 1.971   -7.374  1.00 21.74 ? 79  ILE A CG2 1 
ATOM   630  C  CD1 . ILE A 1 79  ? -12.503 1.266   -4.722  1.00 21.62 ? 79  ILE A CD1 1 
ATOM   631  N  N   . PRO A 1 80  ? -9.470  0.835   -9.565  1.00 22.99 ? 80  PRO A N   1 
ATOM   632  C  CA  . PRO A 1 80  ? -8.744  1.613   -10.579 1.00 23.40 ? 80  PRO A CA  1 
ATOM   633  C  C   . PRO A 1 80  ? -8.756  3.089   -10.169 1.00 23.86 ? 80  PRO A C   1 
ATOM   634  O  O   . PRO A 1 80  ? -9.819  3.674   -9.953  1.00 24.40 ? 80  PRO A O   1 
ATOM   635  C  CB  . PRO A 1 80  ? -9.547  1.356   -11.847 1.00 21.90 ? 80  PRO A CB  1 
ATOM   636  C  CG  . PRO A 1 80  ? -10.113 -0.006  -11.608 1.00 21.43 ? 80  PRO A CG  1 
ATOM   637  C  CD  . PRO A 1 80  ? -10.556 0.057   -10.180 1.00 21.33 ? 80  PRO A CD  1 
ATOM   638  N  N   . VAL A 1 81  ? -7.580  3.690   -10.056 1.00 23.65 ? 81  VAL A N   1 
ATOM   639  C  CA  . VAL A 1 81  ? -7.504  5.081   -9.643  1.00 23.42 ? 81  VAL A CA  1 
ATOM   640  C  C   . VAL A 1 81  ? -6.153  5.651   -10.050 1.00 24.43 ? 81  VAL A C   1 
ATOM   641  O  O   . VAL A 1 81  ? -5.205  4.906   -10.240 1.00 25.36 ? 81  VAL A O   1 
ATOM   642  C  CB  . VAL A 1 81  ? -7.700  5.177   -8.105  1.00 22.63 ? 81  VAL A CB  1 
ATOM   643  C  CG1 . VAL A 1 81  ? -6.416  5.577   -7.418  1.00 19.97 ? 81  VAL A CG1 1 
ATOM   644  C  CG2 . VAL A 1 81  ? -8.816  6.137   -7.789  1.00 23.81 ? 81  VAL A CG2 1 
ATOM   645  N  N   . ASN A 1 82  ? -6.053  6.964   -10.187 1.00 26.18 ? 82  ASN A N   1 
ATOM   646  C  CA  . ASN A 1 82  ? -4.782  7.553   -10.575 1.00 27.63 ? 82  ASN A CA  1 
ATOM   647  C  C   . ASN A 1 82  ? -4.224  8.519   -9.544  1.00 28.61 ? 82  ASN A C   1 
ATOM   648  O  O   . ASN A 1 82  ? -4.812  9.572   -9.293  1.00 29.12 ? 82  ASN A O   1 
ATOM   649  C  CB  . ASN A 1 82  ? -4.912  8.277   -11.906 1.00 28.86 ? 82  ASN A CB  1 
ATOM   650  C  CG  . ASN A 1 82  ? -3.604  8.881   -12.358 1.00 31.08 ? 82  ASN A CG  1 
ATOM   651  O  OD1 . ASN A 1 82  ? -2.646  8.162   -12.663 1.00 31.97 ? 82  ASN A OD1 1 
ATOM   652  N  ND2 . ASN A 1 82  ? -3.545  10.211  -12.388 1.00 31.55 ? 82  ASN A ND2 1 
ATOM   653  N  N   . VAL A 1 83  ? -3.084  8.153   -8.956  1.00 29.98 ? 83  VAL A N   1 
ATOM   654  C  CA  . VAL A 1 83  ? -2.413  8.980   -7.948  1.00 30.32 ? 83  VAL A CA  1 
ATOM   655  C  C   . VAL A 1 83  ? -1.006  9.277   -8.458  1.00 32.36 ? 83  VAL A C   1 
ATOM   656  O  O   . VAL A 1 83  ? -0.258  8.358   -8.792  1.00 33.36 ? 83  VAL A O   1 
ATOM   657  C  CB  . VAL A 1 83  ? -2.301  8.237   -6.580  1.00 28.63 ? 83  VAL A CB  1 
ATOM   658  C  CG1 . VAL A 1 83  ? -1.826  9.198   -5.490  1.00 26.31 ? 83  VAL A CG1 1 
ATOM   659  C  CG2 . VAL A 1 83  ? -3.639  7.612   -6.202  1.00 25.86 ? 83  VAL A CG2 1 
ATOM   660  N  N   . GLU A 1 84  ? -0.643  10.555  -8.530  1.00 34.40 ? 84  GLU A N   1 
ATOM   661  C  CA  . GLU A 1 84  ? 0.690   10.927  -9.003  1.00 36.69 ? 84  GLU A CA  1 
ATOM   662  C  C   . GLU A 1 84  ? 1.773   10.580  -7.983  1.00 36.56 ? 84  GLU A C   1 
ATOM   663  O  O   . GLU A 1 84  ? 1.533   10.602  -6.776  1.00 36.30 ? 84  GLU A O   1 
ATOM   664  C  CB  . GLU A 1 84  ? 0.748   12.424  -9.324  1.00 38.88 ? 84  GLU A CB  1 
ATOM   665  C  CG  . GLU A 1 84  ? -0.212  12.856  -10.416 1.00 42.69 ? 84  GLU A CG  1 
ATOM   666  C  CD  . GLU A 1 84  ? -0.347  11.823  -11.529 1.00 44.80 ? 84  GLU A CD  1 
ATOM   667  O  OE1 . GLU A 1 84  ? -1.028  10.798  -11.302 1.00 45.48 ? 84  GLU A OE1 1 
ATOM   668  O  OE2 . GLU A 1 84  ? 0.230   12.032  -12.622 1.00 46.42 ? 84  GLU A OE2 1 
ATOM   669  N  N   . PRO A 1 85  ? 2.986   10.260  -8.462  1.00 36.82 ? 85  PRO A N   1 
ATOM   670  C  CA  . PRO A 1 85  ? 4.118   9.901   -7.601  1.00 36.88 ? 85  PRO A CA  1 
ATOM   671  C  C   . PRO A 1 85  ? 4.750   11.091  -6.897  1.00 37.10 ? 85  PRO A C   1 
ATOM   672  O  O   . PRO A 1 85  ? 4.478   12.247  -7.217  1.00 38.15 ? 85  PRO A O   1 
ATOM   673  C  CB  . PRO A 1 85  ? 5.110   9.253   -8.564  1.00 36.55 ? 85  PRO A CB  1 
ATOM   674  C  CG  . PRO A 1 85  ? 4.285   8.907   -9.773  1.00 37.61 ? 85  PRO A CG  1 
ATOM   675  C  CD  . PRO A 1 85  ? 3.335   10.056  -9.875  1.00 36.81 ? 85  PRO A CD  1 
ATOM   676  N  N   . LEU A 1 86  ? 5.606   10.788  -5.936  1.00 37.14 ? 86  LEU A N   1 
ATOM   677  C  CA  . LEU A 1 86  ? 6.307   11.814  -5.192  1.00 37.93 ? 86  LEU A CA  1 
ATOM   678  C  C   . LEU A 1 86  ? 7.713   11.939  -5.751  1.00 38.72 ? 86  LEU A C   1 
ATOM   679  O  O   . LEU A 1 86  ? 8.247   11.008  -6.356  1.00 38.17 ? 86  LEU A O   1 
ATOM   680  C  CB  . LEU A 1 86  ? 6.394   11.431  -3.720  1.00 38.16 ? 86  LEU A CB  1 
ATOM   681  C  CG  . LEU A 1 86  ? 5.062   11.185  -3.027  1.00 38.85 ? 86  LEU A CG  1 
ATOM   682  C  CD1 . LEU A 1 86  ? 5.324   10.748  -1.604  1.00 38.96 ? 86  LEU A CD1 1 
ATOM   683  C  CD2 . LEU A 1 86  ? 4.226   12.462  -3.056  1.00 40.08 ? 86  LEU A CD2 1 
ATOM   684  N  N   . PRO A 1 87  ? 8.331   13.106  -5.568  1.00 40.04 ? 87  PRO A N   1 
ATOM   685  C  CA  . PRO A 1 87  ? 9.690   13.333  -6.058  1.00 40.62 ? 87  PRO A CA  1 
ATOM   686  C  C   . PRO A 1 87  ? 10.711  12.422  -5.381  1.00 40.47 ? 87  PRO A C   1 
ATOM   687  O  O   . PRO A 1 87  ? 10.595  12.138  -4.188  1.00 39.59 ? 87  PRO A O   1 
ATOM   688  C  CB  . PRO A 1 87  ? 9.925   14.801  -5.721  1.00 40.66 ? 87  PRO A CB  1 
ATOM   689  C  CG  . PRO A 1 87  ? 8.570   15.391  -5.904  1.00 41.02 ? 87  PRO A CG  1 
ATOM   690  C  CD  . PRO A 1 87  ? 7.682   14.380  -5.215  1.00 40.81 ? 87  PRO A CD  1 
ATOM   691  N  N   . GLY A 1 88  ? 11.698  11.962  -6.148  1.00 40.61 ? 88  GLY A N   1 
ATOM   692  C  CA  . GLY A 1 88  ? 12.745  11.123  -5.588  1.00 41.98 ? 88  GLY A CA  1 
ATOM   693  C  C   . GLY A 1 88  ? 13.009  9.797   -6.276  1.00 43.21 ? 88  GLY A C   1 
ATOM   694  O  O   . GLY A 1 88  ? 12.141  8.929   -6.302  1.00 44.63 ? 88  GLY A O   1 
ATOM   695  N  N   . GLU A 1 89  ? 14.205  9.633   -6.836  1.00 44.01 ? 89  GLU A N   1 
ATOM   696  C  CA  . GLU A 1 89  ? 14.558  8.380   -7.492  1.00 43.71 ? 89  GLU A CA  1 
ATOM   697  C  C   . GLU A 1 89  ? 14.538  7.307   -6.402  1.00 42.40 ? 89  GLU A C   1 
ATOM   698  O  O   . GLU A 1 89  ? 14.769  7.599   -5.222  1.00 40.96 ? 89  GLU A O   1 
ATOM   699  C  CB  . GLU A 1 89  ? 15.949  8.479   -8.138  1.00 46.59 ? 89  GLU A CB  1 
ATOM   700  C  CG  . GLU A 1 89  ? 16.542  7.126   -8.577  1.00 52.14 ? 89  GLU A CG  1 
ATOM   701  C  CD  . GLU A 1 89  ? 17.789  7.254   -9.464  1.00 55.11 ? 89  GLU A CD  1 
ATOM   702  O  OE1 . GLU A 1 89  ? 17.646  7.529   -10.684 1.00 55.58 ? 89  GLU A OE1 1 
ATOM   703  O  OE2 . GLU A 1 89  ? 18.914  7.079   -8.934  1.00 55.19 ? 89  GLU A OE2 1 
ATOM   704  N  N   . PRO A 1 90  ? 14.257  6.050   -6.780  1.00 41.22 ? 90  PRO A N   1 
ATOM   705  C  CA  . PRO A 1 90  ? 14.210  4.974   -5.789  1.00 39.03 ? 90  PRO A CA  1 
ATOM   706  C  C   . PRO A 1 90  ? 15.587  4.513   -5.356  1.00 36.83 ? 90  PRO A C   1 
ATOM   707  O  O   . PRO A 1 90  ? 16.581  4.789   -6.023  1.00 35.86 ? 90  PRO A O   1 
ATOM   708  C  CB  . PRO A 1 90  ? 13.464  3.854   -6.516  1.00 40.53 ? 90  PRO A CB  1 
ATOM   709  C  CG  . PRO A 1 90  ? 12.918  4.500   -7.788  1.00 41.67 ? 90  PRO A CG  1 
ATOM   710  C  CD  . PRO A 1 90  ? 13.929  5.533   -8.117  1.00 41.27 ? 90  PRO A CD  1 
ATOM   711  N  N   . PRO A 1 91  ? 15.661  3.817   -4.214  1.00 35.49 ? 91  PRO A N   1 
ATOM   712  C  CA  . PRO A 1 91  ? 16.948  3.318   -3.726  1.00 33.82 ? 91  PRO A CA  1 
ATOM   713  C  C   . PRO A 1 91  ? 17.301  2.134   -4.621  1.00 32.58 ? 91  PRO A C   1 
ATOM   714  O  O   . PRO A 1 91  ? 16.435  1.594   -5.304  1.00 32.54 ? 91  PRO A O   1 
ATOM   715  C  CB  . PRO A 1 91  ? 16.632  2.878   -2.298  1.00 33.64 ? 91  PRO A CB  1 
ATOM   716  C  CG  . PRO A 1 91  ? 15.447  3.732   -1.919  1.00 34.41 ? 91  PRO A CG  1 
ATOM   717  C  CD  . PRO A 1 91  ? 14.626  3.688   -3.174  1.00 34.82 ? 91  PRO A CD  1 
ATOM   718  N  N   . PRO A 1 92  ? 18.572  1.718   -4.633  1.00 31.50 ? 92  PRO A N   1 
ATOM   719  C  CA  . PRO A 1 92  ? 19.010  0.586   -5.460  1.00 30.25 ? 92  PRO A CA  1 
ATOM   720  C  C   . PRO A 1 92  ? 18.288  -0.714  -5.100  1.00 28.63 ? 92  PRO A C   1 
ATOM   721  O  O   . PRO A 1 92  ? 18.036  -1.556  -5.960  1.00 28.74 ? 92  PRO A O   1 
ATOM   722  C  CB  . PRO A 1 92  ? 20.505  0.507   -5.164  1.00 30.76 ? 92  PRO A CB  1 
ATOM   723  C  CG  . PRO A 1 92  ? 20.862  1.916   -4.821  1.00 31.13 ? 92  PRO A CG  1 
ATOM   724  C  CD  . PRO A 1 92  ? 19.717  2.338   -3.949  1.00 31.60 ? 92  PRO A CD  1 
ATOM   725  N  N   . ILE A 1 93  ? 17.965  -0.867  -3.820  1.00 27.47 ? 93  ILE A N   1 
ATOM   726  C  CA  . ILE A 1 93  ? 17.278  -2.054  -3.321  1.00 25.81 ? 93  ILE A CA  1 
ATOM   727  C  C   . ILE A 1 93  ? 16.020  -1.688  -2.563  1.00 25.74 ? 93  ILE A C   1 
ATOM   728  O  O   . ILE A 1 93  ? 16.016  -0.749  -1.767  1.00 27.45 ? 93  ILE A O   1 
ATOM   729  C  CB  . ILE A 1 93  ? 18.157  -2.859  -2.346  1.00 24.35 ? 93  ILE A CB  1 
ATOM   730  C  CG1 . ILE A 1 93  ? 19.258  -3.601  -3.103  1.00 24.81 ? 93  ILE A CG1 1 
ATOM   731  C  CG2 . ILE A 1 93  ? 17.300  -3.845  -1.577  1.00 24.10 ? 93  ILE A CG2 1 
ATOM   732  C  CD1 . ILE A 1 93  ? 18.743  -4.638  -4.065  1.00 27.10 ? 93  ILE A CD1 1 
ATOM   733  N  N   . LEU A 1 94  ? 14.952  -2.433  -2.811  1.00 24.57 ? 94  LEU A N   1 
ATOM   734  C  CA  . LEU A 1 94  ? 13.691  -2.219  -2.117  1.00 23.26 ? 94  LEU A CA  1 
ATOM   735  C  C   . LEU A 1 94  ? 13.216  -3.580  -1.625  1.00 23.46 ? 94  LEU A C   1 
ATOM   736  O  O   . LEU A 1 94  ? 13.452  -4.606  -2.276  1.00 23.34 ? 94  LEU A O   1 
ATOM   737  C  CB  . LEU A 1 94  ? 12.672  -1.572  -3.047  1.00 22.71 ? 94  LEU A CB  1 
ATOM   738  C  CG  . LEU A 1 94  ? 12.864  -0.056  -3.150  1.00 23.43 ? 94  LEU A CG  1 
ATOM   739  C  CD1 . LEU A 1 94  ? 12.019  0.534   -4.280  1.00 22.43 ? 94  LEU A CD1 1 
ATOM   740  C  CD2 . LEU A 1 94  ? 12.487  0.568   -1.806  1.00 23.96 ? 94  LEU A CD2 1 
ATOM   741  N  N   . TYR A 1 95  ? 12.573  -3.598  -0.462  1.00 23.11 ? 95  TYR A N   1 
ATOM   742  C  CA  . TYR A 1 95  ? 12.121  -4.853  0.110   1.00 22.17 ? 95  TYR A CA  1 
ATOM   743  C  C   . TYR A 1 95  ? 10.652  -5.098  -0.112  1.00 20.74 ? 95  TYR A C   1 
ATOM   744  O  O   . TYR A 1 95  ? 9.893   -4.191  -0.421  1.00 20.43 ? 95  TYR A O   1 
ATOM   745  C  CB  . TYR A 1 95  ? 12.403  -4.910  1.609   1.00 23.44 ? 95  TYR A CB  1 
ATOM   746  C  CG  . TYR A 1 95  ? 13.727  -4.331  2.030   1.00 27.36 ? 95  TYR A CG  1 
ATOM   747  C  CD1 . TYR A 1 95  ? 13.903  -2.946  2.158   1.00 28.38 ? 95  TYR A CD1 1 
ATOM   748  C  CD2 . TYR A 1 95  ? 14.801  -5.162  2.336   1.00 29.91 ? 95  TYR A CD2 1 
ATOM   749  C  CE1 . TYR A 1 95  ? 15.110  -2.411  2.588   1.00 28.93 ? 95  TYR A CE1 1 
ATOM   750  C  CE2 . TYR A 1 95  ? 16.020  -4.636  2.769   1.00 30.61 ? 95  TYR A CE2 1 
ATOM   751  C  CZ  . TYR A 1 95  ? 16.164  -3.266  2.895   1.00 31.01 ? 95  TYR A CZ  1 
ATOM   752  O  OH  . TYR A 1 95  ? 17.356  -2.765  3.354   1.00 33.20 ? 95  TYR A OH  1 
ATOM   753  N  N   . HIS A 1 96  ? 10.272  -6.353  0.058   1.00 20.41 ? 96  HIS A N   1 
ATOM   754  C  CA  . HIS A 1 96  ? 8.906   -6.792  -0.102  1.00 20.94 ? 96  HIS A CA  1 
ATOM   755  C  C   . HIS A 1 96  ? 8.739   -8.032  0.762   1.00 22.73 ? 96  HIS A C   1 
ATOM   756  O  O   . HIS A 1 96  ? 9.486   -9.014  0.610   1.00 21.48 ? 96  HIS A O   1 
ATOM   757  C  CB  . HIS A 1 96  ? 8.621   -7.151  -1.554  1.00 18.39 ? 96  HIS A CB  1 
ATOM   758  C  CG  . HIS A 1 96  ? 7.276   -7.773  -1.761  1.00 17.40 ? 96  HIS A CG  1 
ATOM   759  N  ND1 . HIS A 1 96  ? 6.137   -7.030  -1.978  1.00 17.24 ? 96  HIS A ND1 1 
ATOM   760  C  CD2 . HIS A 1 96  ? 6.886   -9.069  -1.763  1.00 15.86 ? 96  HIS A CD2 1 
ATOM   761  C  CE1 . HIS A 1 96  ? 5.104   -7.842  -2.112  1.00 15.81 ? 96  HIS A CE1 1 
ATOM   762  N  NE2 . HIS A 1 96  ? 5.532   -9.084  -1.985  1.00 15.41 ? 96  HIS A NE2 1 
ATOM   763  N  N   . GLY A 1 97  ? 7.770   -7.979  1.674   1.00 23.80 ? 97  GLY A N   1 
ATOM   764  C  CA  . GLY A 1 97  ? 7.530   -9.107  2.551   1.00 25.75 ? 97  GLY A CA  1 
ATOM   765  C  C   . GLY A 1 97  ? 6.477   -10.010 1.955   1.00 28.07 ? 97  GLY A C   1 
ATOM   766  O  O   . GLY A 1 97  ? 5.743   -9.608  1.059   1.00 28.93 ? 97  GLY A O   1 
ATOM   767  N  N   . THR A 1 98  ? 6.404   -11.240 2.441   1.00 30.57 ? 98  THR A N   1 
ATOM   768  C  CA  . THR A 1 98  ? 5.416   -12.196 1.951   1.00 32.26 ? 98  THR A CA  1 
ATOM   769  C  C   . THR A 1 98  ? 5.550   -13.463 2.798   1.00 32.43 ? 98  THR A C   1 
ATOM   770  O  O   . THR A 1 98  ? 6.190   -13.438 3.849   1.00 31.42 ? 98  THR A O   1 
ATOM   771  C  CB  . THR A 1 98  ? 5.651   -12.506 0.446   1.00 32.61 ? 98  THR A CB  1 
ATOM   772  O  OG1 . THR A 1 98  ? 4.561   -13.284 -0.065  1.00 32.81 ? 98  THR A OG1 1 
ATOM   773  C  CG2 . THR A 1 98  ? 6.966   -13.263 0.255   1.00 32.64 ? 98  THR A CG2 1 
ATOM   774  N  N   . THR A 1 99  ? 4.950   -14.563 2.359   1.00 33.44 ? 99  THR A N   1 
ATOM   775  C  CA  . THR A 1 99  ? 5.047   -15.803 3.123   1.00 36.06 ? 99  THR A CA  1 
ATOM   776  C  C   . THR A 1 99  ? 6.092   -16.723 2.510   1.00 36.69 ? 99  THR A C   1 
ATOM   777  O  O   . THR A 1 99  ? 6.296   -16.714 1.297   1.00 37.05 ? 99  THR A O   1 
ATOM   778  C  CB  . THR A 1 99  ? 3.719   -16.572 3.136   1.00 35.95 ? 99  THR A CB  1 
ATOM   779  O  OG1 . THR A 1 99  ? 3.509   -17.166 1.848   1.00 35.97 ? 99  THR A OG1 1 
ATOM   780  C  CG2 . THR A 1 99  ? 2.566   -15.641 3.447   1.00 36.64 ? 99  THR A CG2 1 
ATOM   781  N  N   . GLU A 1 100 ? 6.754   -17.515 3.350   1.00 37.20 ? 100 GLU A N   1 
ATOM   782  C  CA  . GLU A 1 100 ? 7.750   -18.453 2.856   1.00 37.93 ? 100 GLU A CA  1 
ATOM   783  C  C   . GLU A 1 100 ? 7.051   -19.372 1.856   1.00 38.40 ? 100 GLU A C   1 
ATOM   784  O  O   . GLU A 1 100 ? 7.625   -19.788 0.852   1.00 39.28 ? 100 GLU A O   1 
ATOM   785  C  CB  . GLU A 1 100 ? 8.330   -19.285 4.007   1.00 36.43 ? 100 GLU A CB  1 
ATOM   786  C  CG  . GLU A 1 100 ? 9.340   -18.559 4.882   1.00 36.55 ? 100 GLU A CG  1 
ATOM   787  C  CD  . GLU A 1 100 ? 9.981   -19.476 5.932   1.00 38.25 ? 100 GLU A CD  1 
ATOM   788  O  OE1 . GLU A 1 100 ? 10.508  -20.551 5.563   1.00 38.98 ? 100 GLU A OE1 1 
ATOM   789  O  OE2 . GLU A 1 100 ? 9.969   -19.122 7.132   1.00 38.76 ? 100 GLU A OE2 1 
ATOM   790  N  N   . GLU A 1 101 ? 5.790   -19.662 2.134   1.00 38.66 ? 101 GLU A N   1 
ATOM   791  C  CA  . GLU A 1 101 ? 4.986   -20.529 1.295   1.00 39.21 ? 101 GLU A CA  1 
ATOM   792  C  C   . GLU A 1 101 ? 4.845   -19.978 -0.123  1.00 38.43 ? 101 GLU A C   1 
ATOM   793  O  O   . GLU A 1 101 ? 4.628   -20.730 -1.075  1.00 38.83 ? 101 GLU A O   1 
ATOM   794  C  CB  . GLU A 1 101 ? 3.614   -20.721 1.948   1.00 41.60 ? 101 GLU A CB  1 
ATOM   795  C  CG  . GLU A 1 101 ? 3.699   -21.263 3.392   1.00 47.11 ? 101 GLU A CG  1 
ATOM   796  C  CD  . GLU A 1 101 ? 4.025   -20.192 4.453   1.00 49.79 ? 101 GLU A CD  1 
ATOM   797  O  OE1 . GLU A 1 101 ? 4.808   -19.259 4.167   1.00 51.12 ? 101 GLU A OE1 1 
ATOM   798  O  OE2 . GLU A 1 101 ? 3.504   -20.292 5.591   1.00 50.49 ? 101 GLU A OE2 1 
ATOM   799  N  N   . ALA A 1 102 ? 4.994   -18.665 -0.265  1.00 36.54 ? 102 ALA A N   1 
ATOM   800  C  CA  . ALA A 1 102 ? 4.877   -18.017 -1.567  1.00 34.36 ? 102 ALA A CA  1 
ATOM   801  C  C   . ALA A 1 102 ? 6.169   -18.076 -2.375  1.00 34.16 ? 102 ALA A C   1 
ATOM   802  O  O   . ALA A 1 102 ? 6.153   -17.891 -3.590  1.00 34.80 ? 102 ALA A O   1 
ATOM   803  C  CB  . ALA A 1 102 ? 4.457   -16.564 -1.381  1.00 33.11 ? 102 ALA A CB  1 
ATOM   804  N  N   . LEU A 1 103 ? 7.286   -18.335 -1.706  1.00 33.31 ? 103 LEU A N   1 
ATOM   805  C  CA  . LEU A 1 103 ? 8.578   -18.377 -2.376  1.00 33.18 ? 103 LEU A CA  1 
ATOM   806  C  C   . LEU A 1 103 ? 8.710   -19.368 -3.530  1.00 32.74 ? 103 LEU A C   1 
ATOM   807  O  O   . LEU A 1 103 ? 9.246   -19.033 -4.585  1.00 32.34 ? 103 LEU A O   1 
ATOM   808  C  CB  . LEU A 1 103 ? 9.687   -18.634 -1.354  1.00 33.94 ? 103 LEU A CB  1 
ATOM   809  C  CG  . LEU A 1 103 ? 9.927   -17.532 -0.316  1.00 33.89 ? 103 LEU A CG  1 
ATOM   810  C  CD1 . LEU A 1 103 ? 11.071  -17.926 0.600   1.00 32.37 ? 103 LEU A CD1 1 
ATOM   811  C  CD2 . LEU A 1 103 ? 10.249  -16.233 -1.027  1.00 34.66 ? 103 LEU A CD2 1 
ATOM   812  N  N   . PRO A 1 104 ? 8.231   -20.603 -3.349  1.00 33.05 ? 104 PRO A N   1 
ATOM   813  C  CA  . PRO A 1 104 ? 8.337   -21.593 -4.430  1.00 33.63 ? 104 PRO A CA  1 
ATOM   814  C  C   . PRO A 1 104 ? 7.829   -21.052 -5.766  1.00 33.65 ? 104 PRO A C   1 
ATOM   815  O  O   . PRO A 1 104 ? 8.523   -21.108 -6.786  1.00 32.85 ? 104 PRO A O   1 
ATOM   816  C  CB  . PRO A 1 104 ? 7.494   -22.751 -3.911  1.00 33.22 ? 104 PRO A CB  1 
ATOM   817  C  CG  . PRO A 1 104 ? 7.714   -22.666 -2.429  1.00 33.28 ? 104 PRO A CG  1 
ATOM   818  C  CD  . PRO A 1 104 ? 7.576   -21.185 -2.167  1.00 33.05 ? 104 PRO A CD  1 
ATOM   819  N  N   . LEU A 1 105 ? 6.609   -20.532 -5.740  1.00 34.20 ? 105 LEU A N   1 
ATOM   820  C  CA  . LEU A 1 105 ? 5.976   -19.958 -6.916  1.00 35.13 ? 105 LEU A CA  1 
ATOM   821  C  C   . LEU A 1 105 ? 6.757   -18.737 -7.395  1.00 35.55 ? 105 LEU A C   1 
ATOM   822  O  O   . LEU A 1 105 ? 7.138   -18.651 -8.562  1.00 34.03 ? 105 LEU A O   1 
ATOM   823  C  CB  . LEU A 1 105 ? 4.556   -19.534 -6.564  1.00 36.44 ? 105 LEU A CB  1 
ATOM   824  C  CG  . LEU A 1 105 ? 3.707   -19.136 -7.761  1.00 38.59 ? 105 LEU A CG  1 
ATOM   825  C  CD1 . LEU A 1 105 ? 3.319   -20.409 -8.516  1.00 38.99 ? 105 LEU A CD1 1 
ATOM   826  C  CD2 . LEU A 1 105 ? 2.474   -18.374 -7.299  1.00 38.90 ? 105 LEU A CD2 1 
ATOM   827  N  N   . ILE A 1 106 ? 6.978   -17.802 -6.468  1.00 37.34 ? 106 ILE A N   1 
ATOM   828  C  CA  . ILE A 1 106 ? 7.701   -16.553 -6.718  1.00 39.19 ? 106 ILE A CA  1 
ATOM   829  C  C   . ILE A 1 106 ? 9.062   -16.753 -7.360  1.00 40.66 ? 106 ILE A C   1 
ATOM   830  O  O   . ILE A 1 106 ? 9.504   -15.925 -8.152  1.00 41.39 ? 106 ILE A O   1 
ATOM   831  C  CB  . ILE A 1 106 ? 7.911   -15.756 -5.408  1.00 39.11 ? 106 ILE A CB  1 
ATOM   832  C  CG1 . ILE A 1 106 ? 6.577   -15.192 -4.921  1.00 39.18 ? 106 ILE A CG1 1 
ATOM   833  C  CG2 . ILE A 1 106 ? 8.911   -14.627 -5.630  1.00 39.04 ? 106 ILE A CG2 1 
ATOM   834  C  CD1 . ILE A 1 106 ? 6.687   -14.391 -3.638  1.00 39.57 ? 106 ILE A CD1 1 
HETATM 835  N  N   . MSE A 1 107 ? 9.741   -17.833 -7.000  1.00 42.64 ? 107 MSE A N   1 
HETATM 836  C  CA  . MSE A 1 107 ? 11.044  -18.112 -7.578  1.00 45.03 ? 107 MSE A CA  1 
HETATM 837  C  C   . MSE A 1 107 ? 10.872  -18.302 -9.080  1.00 44.33 ? 107 MSE A C   1 
HETATM 838  O  O   . MSE A 1 107 ? 11.680  -17.824 -9.871  1.00 43.65 ? 107 MSE A O   1 
HETATM 839  C  CB  . MSE A 1 107 ? 11.639  -19.375 -6.952  1.00 49.74 ? 107 MSE A CB  1 
HETATM 840  C  CG  . MSE A 1 107 ? 12.964  -19.144 -6.233  1.00 56.68 ? 107 MSE A CG  1 
HETATM 841  SE SE  . MSE A 1 107 ? 12.866  -17.804 -4.820  1.00 66.80 ? 107 MSE A SE  1 
HETATM 842  C  CE  . MSE A 1 107 ? 13.202  -16.216 -5.884  1.00 61.39 ? 107 MSE A CE  1 
ATOM   843  N  N   . GLU A 1 108 ? 9.797   -18.990 -9.455  1.00 44.25 ? 108 GLU A N   1 
ATOM   844  C  CA  . GLU A 1 108 ? 9.484   -19.273 -10.853 1.00 44.38 ? 108 GLU A CA  1 
ATOM   845  C  C   . GLU A 1 108 ? 8.877   -18.094 -11.587 1.00 43.86 ? 108 GLU A C   1 
ATOM   846  O  O   . GLU A 1 108 ? 9.403   -17.645 -12.606 1.00 43.43 ? 108 GLU A O   1 
ATOM   847  C  CB  . GLU A 1 108 ? 8.506   -20.448 -10.953 1.00 45.78 ? 108 GLU A CB  1 
ATOM   848  C  CG  . GLU A 1 108 ? 9.088   -21.775 -10.524 1.00 50.64 ? 108 GLU A CG  1 
ATOM   849  C  CD  . GLU A 1 108 ? 10.376  -22.106 -11.268 1.00 53.55 ? 108 GLU A CD  1 
ATOM   850  O  OE1 . GLU A 1 108 ? 10.337  -22.124 -12.524 1.00 55.18 ? 108 GLU A OE1 1 
ATOM   851  O  OE2 . GLU A 1 108 ? 11.419  -22.342 -10.602 1.00 52.84 ? 108 GLU A OE2 1 
ATOM   852  N  N   . ARG A 1 109 ? 7.761   -17.609 -11.051 1.00 42.80 ? 109 ARG A N   1 
ATOM   853  C  CA  . ARG A 1 109 ? 7.000   -16.513 -11.626 1.00 41.13 ? 109 ARG A CA  1 
ATOM   854  C  C   . ARG A 1 109 ? 7.433   -15.091 -11.270 1.00 40.49 ? 109 ARG A C   1 
ATOM   855  O  O   . ARG A 1 109 ? 7.328   -14.185 -12.094 1.00 40.62 ? 109 ARG A O   1 
ATOM   856  C  CB  . ARG A 1 109 ? 5.543   -16.696 -11.236 1.00 42.35 ? 109 ARG A CB  1 
ATOM   857  C  CG  . ARG A 1 109 ? 4.931   -17.984 -11.744 1.00 44.81 ? 109 ARG A CG  1 
ATOM   858  C  CD  . ARG A 1 109 ? 3.657   -18.307 -10.977 1.00 47.74 ? 109 ARG A CD  1 
ATOM   859  N  NE  . ARG A 1 109 ? 2.792   -19.280 -11.648 1.00 50.19 ? 109 ARG A NE  1 
ATOM   860  C  CZ  . ARG A 1 109 ? 3.200   -20.426 -12.190 1.00 51.05 ? 109 ARG A CZ  1 
ATOM   861  N  NH1 . ARG A 1 109 ? 4.478   -20.770 -12.162 1.00 52.73 ? 109 ARG A NH1 1 
ATOM   862  N  NH2 . ARG A 1 109 ? 2.318   -21.241 -12.752 1.00 51.48 ? 109 ARG A NH2 1 
ATOM   863  N  N   . GLY A 1 110 ? 7.907   -14.892 -10.046 1.00 39.63 ? 110 GLY A N   1 
ATOM   864  C  CA  . GLY A 1 110 ? 8.300   -13.560 -9.618  1.00 38.86 ? 110 GLY A CA  1 
ATOM   865  C  C   . GLY A 1 110 ? 7.209   -13.018 -8.710  1.00 38.19 ? 110 GLY A C   1 
ATOM   866  O  O   . GLY A 1 110 ? 6.372   -13.790 -8.244  1.00 38.53 ? 110 GLY A O   1 
ATOM   867  N  N   . ILE A 1 111 ? 7.195   -11.714 -8.448  1.00 37.93 ? 111 ILE A N   1 
ATOM   868  C  CA  . ILE A 1 111 ? 6.159   -11.148 -7.578  1.00 38.05 ? 111 ILE A CA  1 
ATOM   869  C  C   . ILE A 1 111 ? 4.964   -10.648 -8.390  1.00 39.52 ? 111 ILE A C   1 
ATOM   870  O  O   . ILE A 1 111 ? 5.051   -9.647  -9.103  1.00 38.23 ? 111 ILE A O   1 
ATOM   871  C  CB  . ILE A 1 111 ? 6.710   -9.994  -6.712  1.00 35.99 ? 111 ILE A CB  1 
ATOM   872  C  CG1 . ILE A 1 111 ? 7.937   -10.467 -5.928  1.00 35.08 ? 111 ILE A CG1 1 
ATOM   873  C  CG2 . ILE A 1 111 ? 5.648   -9.531  -5.739  1.00 34.28 ? 111 ILE A CG2 1 
ATOM   874  C  CD1 . ILE A 1 111 ? 8.484   -9.450  -4.956  1.00 32.37 ? 111 ILE A CD1 1 
HETATM 875  N  N   . MSE A 1 112 ? 3.846   -11.358 -8.270  1.00 42.36 ? 112 MSE A N   1 
HETATM 876  C  CA  . MSE A 1 112 ? 2.632   -11.021 -9.002  1.00 45.30 ? 112 MSE A CA  1 
HETATM 877  C  C   . MSE A 1 112 ? 1.669   -10.106 -8.236  1.00 45.03 ? 112 MSE A C   1 
HETATM 878  O  O   . MSE A 1 112 ? 1.545   -10.176 -7.005  1.00 44.36 ? 112 MSE A O   1 
HETATM 879  C  CB  . MSE A 1 112 ? 1.902   -12.304 -9.431  1.00 49.23 ? 112 MSE A CB  1 
HETATM 880  C  CG  . MSE A 1 112 ? 2.666   -13.187 -10.426 1.00 54.02 ? 112 MSE A CG  1 
HETATM 881  SE SE  . MSE A 1 112 ? 2.890   -12.416 -12.207 1.00 64.99 ? 112 MSE A SE  1 
HETATM 882  C  CE  . MSE A 1 112 ? 4.462   -13.404 -12.788 1.00 59.98 ? 112 MSE A CE  1 
ATOM   883  N  N   . ARG A 1 113 ? 0.990   -9.263  -9.013  1.00 44.02 ? 113 ARG A N   1 
ATOM   884  C  CA  . ARG A 1 113 ? 0.016   -8.259  -8.573  1.00 42.48 ? 113 ARG A CA  1 
ATOM   885  C  C   . ARG A 1 113 ? -0.857  -8.491  -7.336  1.00 41.66 ? 113 ARG A C   1 
ATOM   886  O  O   . ARG A 1 113 ? -0.905  -7.634  -6.453  1.00 41.84 ? 113 ARG A O   1 
ATOM   887  C  CB  . ARG A 1 113 ? -0.896  -7.931  -9.752  1.00 43.06 ? 113 ARG A CB  1 
ATOM   888  C  CG  . ARG A 1 113 ? -1.850  -6.790  -9.524  1.00 45.10 ? 113 ARG A CG  1 
ATOM   889  C  CD  . ARG A 1 113 ? -2.697  -6.529  -10.770 1.00 46.75 ? 113 ARG A CD  1 
ATOM   890  N  NE  . ARG A 1 113 ? -3.830  -7.443  -10.887 1.00 47.70 ? 113 ARG A NE  1 
ATOM   891  C  CZ  . ARG A 1 113 ? -4.905  -7.398  -10.108 1.00 48.71 ? 113 ARG A CZ  1 
ATOM   892  N  NH1 . ARG A 1 113 ? -4.992  -6.479  -9.155  1.00 49.83 ? 113 ARG A NH1 1 
ATOM   893  N  NH2 . ARG A 1 113 ? -5.896  -8.265  -10.281 1.00 48.69 ? 113 ARG A NH2 1 
ATOM   894  N  N   . GLY A 1 114 ? -1.554  -9.624  -7.270  1.00 40.53 ? 114 GLY A N   1 
ATOM   895  C  CA  . GLY A 1 114 ? -2.436  -9.874  -6.136  1.00 39.60 ? 114 GLY A CA  1 
ATOM   896  C  C   . GLY A 1 114 ? -3.749  -9.129  -6.369  1.00 39.93 ? 114 GLY A C   1 
ATOM   897  O  O   . GLY A 1 114 ? -4.115  -8.888  -7.525  1.00 40.26 ? 114 GLY A O   1 
ATOM   898  N  N   . ARG A 1 115 ? -4.467  -8.753  -5.308  1.00 38.50 ? 115 ARG A N   1 
ATOM   899  C  CA  . ARG A 1 115 ? -5.728  -8.022  -5.496  1.00 35.98 ? 115 ARG A CA  1 
ATOM   900  C  C   . ARG A 1 115 ? -5.461  -6.541  -5.722  1.00 34.17 ? 115 ARG A C   1 
ATOM   901  O  O   . ARG A 1 115 ? -6.246  -5.857  -6.386  1.00 33.42 ? 115 ARG A O   1 
ATOM   902  C  CB  . ARG A 1 115 ? -6.665  -8.184  -4.296  1.00 37.06 ? 115 ARG A CB  1 
ATOM   903  C  CG  . ARG A 1 115 ? -6.405  -7.231  -3.134  1.00 37.78 ? 115 ARG A CG  1 
ATOM   904  C  CD  . ARG A 1 115 ? -7.616  -7.166  -2.202  1.00 38.67 ? 115 ARG A CD  1 
ATOM   905  N  NE  . ARG A 1 115 ? -7.344  -6.392  -0.994  1.00 40.83 ? 115 ARG A NE  1 
ATOM   906  C  CZ  . ARG A 1 115 ? -8.269  -6.008  -0.116  1.00 40.00 ? 115 ARG A CZ  1 
ATOM   907  N  NH1 . ARG A 1 115 ? -9.542  -6.318  -0.305  1.00 39.62 ? 115 ARG A NH1 1 
ATOM   908  N  NH2 . ARG A 1 115 ? -7.916  -5.321  0.961   1.00 40.58 ? 115 ARG A NH2 1 
ATOM   909  N  N   . ARG A 1 116 ? -4.361  -6.049  -5.154  1.00 32.27 ? 116 ARG A N   1 
ATOM   910  C  CA  . ARG A 1 116 ? -3.969  -4.656  -5.317  1.00 31.12 ? 116 ARG A CA  1 
ATOM   911  C  C   . ARG A 1 116 ? -3.620  -4.462  -6.786  1.00 30.45 ? 116 ARG A C   1 
ATOM   912  O  O   . ARG A 1 116 ? -3.179  -5.394  -7.444  1.00 30.91 ? 116 ARG A O   1 
ATOM   913  C  CB  . ARG A 1 116 ? -2.754  -4.321  -4.443  1.00 30.89 ? 116 ARG A CB  1 
ATOM   914  C  CG  . ARG A 1 116 ? -3.057  -4.211  -2.955  1.00 32.22 ? 116 ARG A CG  1 
ATOM   915  C  CD  . ARG A 1 116 ? -1.888  -3.599  -2.190  1.00 33.93 ? 116 ARG A CD  1 
ATOM   916  N  NE  . ARG A 1 116 ? -2.177  -3.371  -0.768  1.00 35.37 ? 116 ARG A NE  1 
ATOM   917  C  CZ  . ARG A 1 116 ? -1.322  -2.809  0.088   1.00 35.35 ? 116 ARG A CZ  1 
ATOM   918  N  NH1 . ARG A 1 116 ? -0.123  -2.414  -0.329  1.00 35.33 ? 116 ARG A NH1 1 
ATOM   919  N  NH2 . ARG A 1 116 ? -1.655  -2.652  1.363   1.00 35.24 ? 116 ARG A NH2 1 
ATOM   920  N  N   . LEU A 1 117 ? -3.819  -3.255  -7.301  1.00 29.51 ? 117 LEU A N   1 
ATOM   921  C  CA  . LEU A 1 117 ? -3.533  -2.980  -8.703  1.00 28.66 ? 117 LEU A CA  1 
ATOM   922  C  C   . LEU A 1 117 ? -2.069  -3.244  -9.037  1.00 27.70 ? 117 LEU A C   1 
ATOM   923  O  O   . LEU A 1 117 ? -1.768  -3.981  -9.964  1.00 29.49 ? 117 LEU A O   1 
ATOM   924  C  CB  . LEU A 1 117 ? -3.884  -1.523  -9.054  1.00 28.85 ? 117 LEU A CB  1 
ATOM   925  C  CG  . LEU A 1 117 ? -5.288  -0.969  -8.751  1.00 28.60 ? 117 LEU A CG  1 
ATOM   926  C  CD1 . LEU A 1 117 ? -5.400  0.456   -9.316  1.00 26.08 ? 117 LEU A CD1 1 
ATOM   927  C  CD2 . LEU A 1 117 ? -6.366  -1.880  -9.343  1.00 26.42 ? 117 LEU A CD2 1 
ATOM   928  N  N   . LYS A 1 118 ? -1.159  -2.639  -8.282  1.00 26.22 ? 118 LYS A N   1 
ATOM   929  C  CA  . LYS A 1 118 ? 0.265   -2.816  -8.521  1.00 24.37 ? 118 LYS A CA  1 
ATOM   930  C  C   . LYS A 1 118 ? 0.967   -3.523  -7.381  1.00 22.59 ? 118 LYS A C   1 
ATOM   931  O  O   . LYS A 1 118 ? 0.391   -3.715  -6.315  1.00 22.21 ? 118 LYS A O   1 
ATOM   932  C  CB  . LYS A 1 118 ? 0.933   -1.458  -8.763  1.00 26.18 ? 118 LYS A CB  1 
ATOM   933  C  CG  . LYS A 1 118 ? 0.606   -0.852  -10.115 1.00 28.11 ? 118 LYS A CG  1 
ATOM   934  C  CD  . LYS A 1 118 ? 1.360   0.449   -10.350 1.00 31.09 ? 118 LYS A CD  1 
ATOM   935  C  CE  . LYS A 1 118 ? 0.971   1.072   -11.695 1.00 33.33 ? 118 LYS A CE  1 
ATOM   936  N  NZ  . LYS A 1 118 ? 1.438   2.485   -11.864 1.00 34.52 ? 118 LYS A NZ  1 
ATOM   937  N  N   . VAL A 1 119 ? 2.216   -3.917  -7.620  1.00 21.77 ? 119 VAL A N   1 
ATOM   938  C  CA  . VAL A 1 119 ? 3.030   -4.583  -6.605  1.00 20.56 ? 119 VAL A CA  1 
ATOM   939  C  C   . VAL A 1 119 ? 3.752   -3.519  -5.798  1.00 21.00 ? 119 VAL A C   1 
ATOM   940  O  O   . VAL A 1 119 ? 4.409   -2.644  -6.361  1.00 20.38 ? 119 VAL A O   1 
ATOM   941  C  CB  . VAL A 1 119 ? 4.085   -5.513  -7.233  1.00 19.33 ? 119 VAL A CB  1 
ATOM   942  C  CG1 . VAL A 1 119 ? 5.126   -5.875  -6.206  1.00 20.21 ? 119 VAL A CG1 1 
ATOM   943  C  CG2 . VAL A 1 119 ? 3.431   -6.772  -7.740  1.00 18.45 ? 119 VAL A CG2 1 
ATOM   944  N  N   . HIS A 1 120 ? 3.630   -3.598  -4.476  1.00 23.04 ? 120 HIS A N   1 
ATOM   945  C  CA  . HIS A 1 120 ? 4.261   -2.618  -3.599  1.00 23.71 ? 120 HIS A CA  1 
ATOM   946  C  C   . HIS A 1 120 ? 5.597   -3.085  -3.033  1.00 23.72 ? 120 HIS A C   1 
ATOM   947  O  O   . HIS A 1 120 ? 5.758   -4.255  -2.680  1.00 24.38 ? 120 HIS A O   1 
ATOM   948  C  CB  . HIS A 1 120 ? 3.295   -2.233  -2.470  1.00 25.23 ? 120 HIS A CB  1 
ATOM   949  C  CG  . HIS A 1 120 ? 2.079   -1.495  -2.948  1.00 28.91 ? 120 HIS A CG  1 
ATOM   950  N  ND1 . HIS A 1 120 ? 1.104   -2.085  -3.724  1.00 29.99 ? 120 HIS A ND1 1 
ATOM   951  C  CD2 . HIS A 1 120 ? 1.716   -0.197  -2.815  1.00 29.68 ? 120 HIS A CD2 1 
ATOM   952  C  CE1 . HIS A 1 120 ? 0.194   -1.184  -4.052  1.00 29.37 ? 120 HIS A CE1 1 
ATOM   953  N  NE2 . HIS A 1 120 ? 0.542   -0.028  -3.515  1.00 29.99 ? 120 HIS A NE2 1 
ATOM   954  N  N   . LEU A 1 121 ? 6.551   -2.151  -2.975  1.00 23.08 ? 121 LEU A N   1 
ATOM   955  C  CA  . LEU A 1 121 ? 7.900   -2.392  -2.464  1.00 21.73 ? 121 LEU A CA  1 
ATOM   956  C  C   . LEU A 1 121 ? 8.246   -1.308  -1.452  1.00 22.87 ? 121 LEU A C   1 
ATOM   957  O  O   . LEU A 1 121 ? 7.973   -0.128  -1.680  1.00 23.91 ? 121 LEU A O   1 
ATOM   958  C  CB  . LEU A 1 121 ? 8.908   -2.344  -3.605  1.00 21.16 ? 121 LEU A CB  1 
ATOM   959  C  CG  . LEU A 1 121 ? 8.747   -3.399  -4.693  1.00 22.65 ? 121 LEU A CG  1 
ATOM   960  C  CD1 . LEU A 1 121 ? 9.708   -3.120  -5.835  1.00 23.40 ? 121 LEU A CD1 1 
ATOM   961  C  CD2 . LEU A 1 121 ? 9.010   -4.772  -4.106  1.00 24.40 ? 121 LEU A CD2 1 
ATOM   962  N  N   . THR A 1 122 ? 8.861   -1.695  -0.338  1.00 23.36 ? 122 THR A N   1 
ATOM   963  C  CA  . THR A 1 122 ? 9.214   -0.718  0.684   1.00 23.17 ? 122 THR A CA  1 
ATOM   964  C  C   . THR A 1 122 ? 10.703  -0.554  0.899   1.00 22.72 ? 122 THR A C   1 
ATOM   965  O  O   . THR A 1 122 ? 11.465  -1.504  0.753   1.00 21.44 ? 122 THR A O   1 
ATOM   966  C  CB  . THR A 1 122 ? 8.604   -1.075  2.042   1.00 23.99 ? 122 THR A CB  1 
ATOM   967  O  OG1 . THR A 1 122 ? 8.778   0.036   2.937   1.00 25.59 ? 122 THR A OG1 1 
ATOM   968  C  CG2 . THR A 1 122 ? 9.280   -2.319  2.622   1.00 21.03 ? 122 THR A CG2 1 
ATOM   969  N  N   . SER A 1 123 ? 11.105  0.663   1.260   1.00 22.80 ? 123 SER A N   1 
ATOM   970  C  CA  . SER A 1 123 ? 12.504  0.954   1.520   1.00 22.57 ? 123 SER A CA  1 
ATOM   971  C  C   . SER A 1 123 ? 12.815  0.641   2.983   1.00 23.78 ? 123 SER A C   1 
ATOM   972  O  O   . SER A 1 123 ? 13.978  0.588   3.384   1.00 24.65 ? 123 SER A O   1 
ATOM   973  C  CB  . SER A 1 123 ? 12.823  2.419   1.203   1.00 20.81 ? 123 SER A CB  1 
ATOM   974  O  OG  . SER A 1 123 ? 12.257  3.312   2.141   1.00 20.16 ? 123 SER A OG  1 
ATOM   975  N  N   . SER A 1 124 ? 11.771  0.420   3.775   1.00 24.23 ? 124 SER A N   1 
ATOM   976  C  CA  . SER A 1 124 ? 11.942  0.096   5.187   1.00 25.08 ? 124 SER A CA  1 
ATOM   977  C  C   . SER A 1 124 ? 11.865  -1.406  5.453   1.00 26.59 ? 124 SER A C   1 
ATOM   978  O  O   . SER A 1 124 ? 10.815  -2.032  5.275   1.00 26.64 ? 124 SER A O   1 
ATOM   979  C  CB  . SER A 1 124 ? 10.886  0.798   6.027   1.00 24.50 ? 124 SER A CB  1 
ATOM   980  O  OG  . SER A 1 124 ? 10.787  0.177   7.299   1.00 24.07 ? 124 SER A OG  1 
ATOM   981  N  N   . LEU A 1 125 ? 12.981  -1.974  5.894   1.00 27.63 ? 125 LEU A N   1 
ATOM   982  C  CA  . LEU A 1 125 ? 13.057  -3.400  6.184   1.00 29.79 ? 125 LEU A CA  1 
ATOM   983  C  C   . LEU A 1 125 ? 12.008  -3.783  7.210   1.00 31.44 ? 125 LEU A C   1 
ATOM   984  O  O   . LEU A 1 125 ? 11.312  -4.790  7.063   1.00 32.76 ? 125 LEU A O   1 
ATOM   985  C  CB  . LEU A 1 125 ? 14.429  -3.754  6.741   1.00 29.54 ? 125 LEU A CB  1 
ATOM   986  C  CG  . LEU A 1 125 ? 14.987  -5.151  6.483   1.00 30.09 ? 125 LEU A CG  1 
ATOM   987  C  CD1 . LEU A 1 125 ? 16.076  -5.402  7.508   1.00 30.05 ? 125 LEU A CD1 1 
ATOM   988  C  CD2 . LEU A 1 125 ? 13.902  -6.220  6.577   1.00 30.06 ? 125 LEU A CD2 1 
ATOM   989  N  N   . GLU A 1 126 ? 11.900  -2.979  8.257   1.00 33.20 ? 126 GLU A N   1 
ATOM   990  C  CA  . GLU A 1 126 ? 10.941  -3.242  9.320   1.00 35.66 ? 126 GLU A CA  1 
ATOM   991  C  C   . GLU A 1 126 ? 9.509   -3.327  8.784   1.00 35.21 ? 126 GLU A C   1 
ATOM   992  O  O   . GLU A 1 126 ? 8.727   -4.191  9.190   1.00 34.72 ? 126 GLU A O   1 
ATOM   993  C  CB  . GLU A 1 126 ? 11.044  -2.151  10.391  1.00 37.87 ? 126 GLU A CB  1 
ATOM   994  C  CG  . GLU A 1 126 ? 10.071  -2.299  11.543  1.00 43.42 ? 126 GLU A CG  1 
ATOM   995  C  CD  . GLU A 1 126 ? 10.191  -1.167  12.554  1.00 48.20 ? 126 GLU A CD  1 
ATOM   996  O  OE1 . GLU A 1 126 ? 10.117  0.016   12.134  1.00 50.07 ? 126 GLU A OE1 1 
ATOM   997  O  OE2 . GLU A 1 126 ? 10.348  -1.460  13.766  1.00 49.40 ? 126 GLU A OE2 1 
ATOM   998  N  N   . ASP A 1 127 ? 9.172   -2.434  7.862   1.00 34.43 ? 127 ASP A N   1 
ATOM   999  C  CA  . ASP A 1 127 ? 7.836   -2.422  7.302   1.00 33.70 ? 127 ASP A CA  1 
ATOM   1000 C  C   . ASP A 1 127 ? 7.562   -3.723  6.579   1.00 32.74 ? 127 ASP A C   1 
ATOM   1001 O  O   . ASP A 1 127 ? 6.524   -4.351  6.786   1.00 31.95 ? 127 ASP A O   1 
ATOM   1002 C  CB  . ASP A 1 127 ? 7.683   -1.248  6.343   1.00 35.99 ? 127 ASP A CB  1 
ATOM   1003 C  CG  . ASP A 1 127 ? 7.903   0.092   7.027   1.00 39.61 ? 127 ASP A CG  1 
ATOM   1004 O  OD1 . ASP A 1 127 ? 7.797   1.139   6.344   1.00 42.68 ? 127 ASP A OD1 1 
ATOM   1005 O  OD2 . ASP A 1 127 ? 8.185   0.101   8.246   1.00 40.07 ? 127 ASP A OD2 1 
ATOM   1006 N  N   . ALA A 1 128 ? 8.508   -4.131  5.740   1.00 31.77 ? 128 ALA A N   1 
ATOM   1007 C  CA  . ALA A 1 128 ? 8.364   -5.358  4.970   1.00 30.20 ? 128 ALA A CA  1 
ATOM   1008 C  C   . ALA A 1 128 ? 8.049   -6.554  5.856   1.00 30.20 ? 128 ALA A C   1 
ATOM   1009 O  O   . ALA A 1 128 ? 7.288   -7.439  5.461   1.00 29.66 ? 128 ALA A O   1 
ATOM   1010 C  CB  . ALA A 1 128 ? 9.622   -5.621  4.178   1.00 28.11 ? 128 ALA A CB  1 
ATOM   1011 N  N   . VAL A 1 129 ? 8.628   -6.575  7.056   1.00 30.32 ? 129 VAL A N   1 
ATOM   1012 C  CA  . VAL A 1 129 ? 8.412   -7.683  7.990   1.00 30.52 ? 129 VAL A CA  1 
ATOM   1013 C  C   . VAL A 1 129 ? 6.976   -7.689  8.529   1.00 32.06 ? 129 VAL A C   1 
ATOM   1014 O  O   . VAL A 1 129 ? 6.270   -8.707  8.461   1.00 30.92 ? 129 VAL A O   1 
ATOM   1015 C  CB  . VAL A 1 129 ? 9.400   -7.607  9.180   1.00 28.74 ? 129 VAL A CB  1 
ATOM   1016 C  CG1 . VAL A 1 129 ? 9.347   -8.889  9.984   1.00 24.90 ? 129 VAL A CG1 1 
ATOM   1017 C  CG2 . VAL A 1 129 ? 10.804  -7.355  8.671   1.00 27.46 ? 129 VAL A CG2 1 
ATOM   1018 N  N   . SER A 1 130 ? 6.552   -6.545  9.056   1.00 33.95 ? 130 SER A N   1 
ATOM   1019 C  CA  . SER A 1 130 ? 5.209   -6.405  9.601   1.00 36.04 ? 130 SER A CA  1 
ATOM   1020 C  C   . SER A 1 130 ? 4.190   -6.660  8.506   1.00 37.33 ? 130 SER A C   1 
ATOM   1021 O  O   . SER A 1 130 ? 3.099   -7.160  8.768   1.00 37.80 ? 130 SER A O   1 
ATOM   1022 C  CB  . SER A 1 130 ? 5.014   -5.006  10.171  1.00 35.64 ? 130 SER A CB  1 
ATOM   1023 O  OG  . SER A 1 130 ? 5.924   -4.771  11.229  1.00 38.04 ? 130 SER A OG  1 
ATOM   1024 N  N   . THR A 1 131 ? 4.554   -6.308  7.277   1.00 38.85 ? 131 THR A N   1 
ATOM   1025 C  CA  . THR A 1 131 ? 3.676   -6.511  6.137   1.00 40.32 ? 131 THR A CA  1 
ATOM   1026 C  C   . THR A 1 131 ? 3.526   -7.998  5.875   1.00 42.27 ? 131 THR A C   1 
ATOM   1027 O  O   . THR A 1 131 ? 2.412   -8.502  5.748   1.00 42.22 ? 131 THR A O   1 
ATOM   1028 C  CB  . THR A 1 131 ? 4.231   -5.847  4.869   1.00 39.98 ? 131 THR A CB  1 
ATOM   1029 O  OG1 . THR A 1 131 ? 4.111   -4.425  4.985   1.00 41.47 ? 131 THR A OG1 1 
ATOM   1030 C  CG2 . THR A 1 131 ? 3.467   -6.323  3.642   1.00 39.93 ? 131 THR A CG2 1 
ATOM   1031 N  N   . GLY A 1 132 ? 4.652   -8.698  5.785   1.00 43.86 ? 132 GLY A N   1 
ATOM   1032 C  CA  . GLY A 1 132 ? 4.591   -10.124 5.546   1.00 46.43 ? 132 GLY A CA  1 
ATOM   1033 C  C   . GLY A 1 132 ? 3.785   -10.778 6.648   1.00 48.78 ? 132 GLY A C   1 
ATOM   1034 O  O   . GLY A 1 132 ? 2.946   -11.650 6.399   1.00 47.59 ? 132 GLY A O   1 
ATOM   1035 N  N   . ARG A 1 133 ? 4.040   -10.328 7.875   1.00 50.79 ? 133 ARG A N   1 
ATOM   1036 C  CA  . ARG A 1 133 ? 3.364   -10.839 9.061   1.00 53.93 ? 133 ARG A CA  1 
ATOM   1037 C  C   . ARG A 1 133 ? 1.838   -10.636 9.039   1.00 55.10 ? 133 ARG A C   1 
ATOM   1038 O  O   . ARG A 1 133 ? 1.113   -11.226 9.842   1.00 53.92 ? 133 ARG A O   1 
ATOM   1039 C  CB  . ARG A 1 133 ? 3.956   -10.171 10.306  1.00 55.16 ? 133 ARG A CB  1 
ATOM   1040 C  CG  . ARG A 1 133 ? 3.299   -10.600 11.598  1.00 58.17 ? 133 ARG A CG  1 
ATOM   1041 C  CD  . ARG A 1 133 ? 2.997   -9.407  12.502  1.00 61.32 ? 133 ARG A CD  1 
ATOM   1042 N  NE  . ARG A 1 133 ? 2.019   -9.761  13.532  1.00 63.36 ? 133 ARG A NE  1 
ATOM   1043 C  CZ  . ARG A 1 133 ? 1.576   -8.933  14.475  1.00 63.92 ? 133 ARG A CZ  1 
ATOM   1044 N  NH1 . ARG A 1 133 ? 2.026   -7.684  14.532  1.00 63.80 ? 133 ARG A NH1 1 
ATOM   1045 N  NH2 . ARG A 1 133 ? 0.668   -9.351  15.352  1.00 63.79 ? 133 ARG A NH2 1 
ATOM   1046 N  N   . ARG A 1 134 ? 1.348   -9.812  8.117   1.00 56.87 ? 134 ARG A N   1 
ATOM   1047 C  CA  . ARG A 1 134 ? -0.082  -9.545  8.031   1.00 59.20 ? 134 ARG A CA  1 
ATOM   1048 C  C   . ARG A 1 134 ? -0.865  -10.677 7.375   1.00 59.43 ? 134 ARG A C   1 
ATOM   1049 O  O   . ARG A 1 134 ? -2.042  -10.873 7.668   1.00 59.66 ? 134 ARG A O   1 
ATOM   1050 C  CB  . ARG A 1 134 ? -0.337  -8.232  7.282   1.00 61.77 ? 134 ARG A CB  1 
ATOM   1051 C  CG  . ARG A 1 134 ? 0.265   -6.993  7.949   1.00 66.07 ? 134 ARG A CG  1 
ATOM   1052 C  CD  . ARG A 1 134 ? -0.339  -6.724  9.329   1.00 70.27 ? 134 ARG A CD  1 
ATOM   1053 N  NE  . ARG A 1 134 ? 0.337   -5.627  10.025  1.00 74.29 ? 134 ARG A NE  1 
ATOM   1054 C  CZ  . ARG A 1 134 ? -0.056  -5.113  11.190  1.00 76.03 ? 134 ARG A CZ  1 
ATOM   1055 N  NH1 . ARG A 1 134 ? -1.132  -5.593  11.806  1.00 76.19 ? 134 ARG A NH1 1 
ATOM   1056 N  NH2 . ARG A 1 134 ? 0.628   -4.113  11.742  1.00 76.48 ? 134 ARG A NH2 1 
ATOM   1057 N  N   . HIS A 1 135 ? -0.224  -11.421 6.482   1.00 60.67 ? 135 HIS A N   1 
ATOM   1058 C  CA  . HIS A 1 135 ? -0.902  -12.535 5.823   1.00 62.30 ? 135 HIS A CA  1 
ATOM   1059 C  C   . HIS A 1 135 ? -0.068  -13.789 5.976   1.00 61.97 ? 135 HIS A C   1 
ATOM   1060 O  O   . HIS A 1 135 ? 1.068   -13.842 5.511   1.00 61.98 ? 135 HIS A O   1 
ATOM   1061 C  CB  . HIS A 1 135 ? -1.153  -12.243 4.332   1.00 64.25 ? 135 HIS A CB  1 
ATOM   1062 C  CG  . HIS A 1 135 ? 0.091   -12.151 3.498   1.00 65.04 ? 135 HIS A CG  1 
ATOM   1063 N  ND1 . HIS A 1 135 ? 1.009   -11.131 3.634   1.00 65.57 ? 135 HIS A ND1 1 
ATOM   1064 C  CD2 . HIS A 1 135 ? 0.551   -12.939 2.498   1.00 65.41 ? 135 HIS A CD2 1 
ATOM   1065 C  CE1 . HIS A 1 135 ? 1.977   -11.292 2.750   1.00 66.51 ? 135 HIS A CE1 1 
ATOM   1066 N  NE2 . HIS A 1 135 ? 1.724   -12.383 2.048   1.00 66.48 ? 135 HIS A NE2 1 
ATOM   1067 N  N   . GLY A 1 136 ? -0.636  -14.796 6.632   1.00 62.02 ? 136 GLY A N   1 
ATOM   1068 C  CA  . GLY A 1 136 ? 0.096   -16.030 6.855   1.00 61.64 ? 136 GLY A CA  1 
ATOM   1069 C  C   . GLY A 1 136 ? 1.303   -15.710 7.716   1.00 61.02 ? 136 GLY A C   1 
ATOM   1070 O  O   . GLY A 1 136 ? 1.646   -14.540 7.907   1.00 62.79 ? 136 GLY A O   1 
ATOM   1071 N  N   . ASN A 1 137 ? 1.960   -16.726 8.251   1.00 59.00 ? 137 ASN A N   1 
ATOM   1072 C  CA  . ASN A 1 137 ? 3.120   -16.465 9.084   1.00 56.60 ? 137 ASN A CA  1 
ATOM   1073 C  C   . ASN A 1 137 ? 4.341   -17.132 8.479   1.00 54.22 ? 137 ASN A C   1 
ATOM   1074 O  O   . ASN A 1 137 ? 4.228   -17.842 7.475   1.00 53.79 ? 137 ASN A O   1 
ATOM   1075 C  CB  . ASN A 1 137 ? 2.847   -16.934 10.513  1.00 58.62 ? 137 ASN A CB  1 
ATOM   1076 C  CG  . ASN A 1 137 ? 1.704   -16.153 11.167  1.00 60.67 ? 137 ASN A CG  1 
ATOM   1077 O  OD1 . ASN A 1 137 ? 1.858   -14.979 11.530  1.00 59.96 ? 137 ASN A OD1 1 
ATOM   1078 N  ND2 . ASN A 1 137 ? 0.543   -16.798 11.297  1.00 61.39 ? 137 ASN A ND2 1 
ATOM   1079 N  N   . LEU A 1 138 ? 5.499   -16.910 9.091   1.00 50.94 ? 138 LEU A N   1 
ATOM   1080 C  CA  . LEU A 1 138 ? 6.761   -17.432 8.572   1.00 47.15 ? 138 LEU A CA  1 
ATOM   1081 C  C   . LEU A 1 138 ? 7.096   -16.496 7.418   1.00 44.48 ? 138 LEU A C   1 
ATOM   1082 O  O   . LEU A 1 138 ? 7.191   -16.898 6.260   1.00 44.68 ? 138 LEU A O   1 
ATOM   1083 C  CB  . LEU A 1 138 ? 6.613   -18.872 8.071   1.00 47.18 ? 138 LEU A CB  1 
ATOM   1084 C  CG  . LEU A 1 138 ? 6.349   -19.931 9.141   1.00 48.33 ? 138 LEU A CG  1 
ATOM   1085 C  CD1 . LEU A 1 138 ? 6.262   -21.312 8.492   1.00 47.93 ? 138 LEU A CD1 1 
ATOM   1086 C  CD2 . LEU A 1 138 ? 7.462   -19.888 10.180  1.00 46.79 ? 138 LEU A CD2 1 
ATOM   1087 N  N   . VAL A 1 139 ? 7.241   -15.222 7.760   1.00 41.63 ? 139 VAL A N   1 
ATOM   1088 C  CA  . VAL A 1 139 ? 7.547   -14.178 6.797   1.00 38.36 ? 139 VAL A CA  1 
ATOM   1089 C  C   . VAL A 1 139 ? 8.858   -14.409 6.055   1.00 36.05 ? 139 VAL A C   1 
ATOM   1090 O  O   . VAL A 1 139 ? 9.832   -14.926 6.606   1.00 35.25 ? 139 VAL A O   1 
ATOM   1091 C  CB  . VAL A 1 139 ? 7.589   -12.797 7.494   1.00 37.89 ? 139 VAL A CB  1 
ATOM   1092 C  CG1 . VAL A 1 139 ? 8.014   -11.713 6.515   1.00 36.22 ? 139 VAL A CG1 1 
ATOM   1093 C  CG2 . VAL A 1 139 ? 6.219   -12.483 8.072   1.00 37.78 ? 139 VAL A CG2 1 
ATOM   1094 N  N   . ALA A 1 140 ? 8.849   -14.026 4.785   1.00 33.52 ? 140 ALA A N   1 
ATOM   1095 C  CA  . ALA A 1 140 ? 9.999   -14.147 3.916   1.00 30.70 ? 140 ALA A CA  1 
ATOM   1096 C  C   . ALA A 1 140 ? 10.088  -12.826 3.197   1.00 29.50 ? 140 ALA A C   1 
ATOM   1097 O  O   . ALA A 1 140 ? 9.212   -12.493 2.394   1.00 30.29 ? 140 ALA A O   1 
ATOM   1098 C  CB  . ALA A 1 140 ? 9.790   -15.267 2.914   1.00 30.77 ? 140 ALA A CB  1 
ATOM   1099 N  N   . VAL A 1 141 ? 11.133  -12.068 3.495   1.00 27.36 ? 141 VAL A N   1 
ATOM   1100 C  CA  . VAL A 1 141 ? 11.341  -10.778 2.859   1.00 25.62 ? 141 VAL A CA  1 
ATOM   1101 C  C   . VAL A 1 141 ? 12.291  -10.920 1.668   1.00 23.75 ? 141 VAL A C   1 
ATOM   1102 O  O   . VAL A 1 141 ? 13.352  -11.544 1.778   1.00 21.54 ? 141 VAL A O   1 
ATOM   1103 C  CB  . VAL A 1 141 ? 11.944  -9.779  3.855   1.00 26.54 ? 141 VAL A CB  1 
ATOM   1104 C  CG1 . VAL A 1 141 ? 11.927  -8.370  3.275   1.00 26.41 ? 141 VAL A CG1 1 
ATOM   1105 C  CG2 . VAL A 1 141 ? 11.174  -9.837  5.152   1.00 28.40 ? 141 VAL A CG2 1 
ATOM   1106 N  N   . LEU A 1 142 ? 11.903  -10.348 0.530   1.00 21.87 ? 142 LEU A N   1 
ATOM   1107 C  CA  . LEU A 1 142 ? 12.747  -10.400 -0.653  1.00 21.00 ? 142 LEU A CA  1 
ATOM   1108 C  C   . LEU A 1 142 ? 13.342  -9.033  -0.930  1.00 21.16 ? 142 LEU A C   1 
ATOM   1109 O  O   . LEU A 1 142 ? 12.678  -8.010  -0.771  1.00 20.85 ? 142 LEU A O   1 
ATOM   1110 C  CB  . LEU A 1 142 ? 11.956  -10.869 -1.879  1.00 20.20 ? 142 LEU A CB  1 
ATOM   1111 C  CG  . LEU A 1 142 ? 11.269  -12.226 -1.700  1.00 21.49 ? 142 LEU A CG  1 
ATOM   1112 C  CD1 . LEU A 1 142 ? 10.005  -12.005 -0.900  1.00 22.91 ? 142 LEU A CD1 1 
ATOM   1113 C  CD2 . LEU A 1 142 ? 10.926  -12.861 -3.036  1.00 21.33 ? 142 LEU A CD2 1 
ATOM   1114 N  N   . LEU A 1 143 ? 14.612  -9.023  -1.323  1.00 22.77 ? 143 LEU A N   1 
ATOM   1115 C  CA  . LEU A 1 143 ? 15.318  -7.789  -1.668  1.00 22.18 ? 143 LEU A CA  1 
ATOM   1116 C  C   . LEU A 1 143 ? 15.208  -7.642  -3.178  1.00 21.72 ? 143 LEU A C   1 
ATOM   1117 O  O   . LEU A 1 143 ? 15.597  -8.541  -3.926  1.00 20.75 ? 143 LEU A O   1 
ATOM   1118 C  CB  . LEU A 1 143 ? 16.789  -7.874  -1.244  1.00 20.80 ? 143 LEU A CB  1 
ATOM   1119 C  CG  . LEU A 1 143 ? 17.050  -7.783  0.263   1.00 21.40 ? 143 LEU A CG  1 
ATOM   1120 C  CD1 . LEU A 1 143 ? 16.325  -8.887  1.026   1.00 20.45 ? 143 LEU A CD1 1 
ATOM   1121 C  CD2 . LEU A 1 143 ? 18.536  -7.874  0.498   1.00 22.22 ? 143 LEU A CD2 1 
ATOM   1122 N  N   . VAL A 1 144 ? 14.651  -6.522  -3.624  1.00 22.26 ? 144 VAL A N   1 
ATOM   1123 C  CA  . VAL A 1 144 ? 14.470  -6.292  -5.055  1.00 23.51 ? 144 VAL A CA  1 
ATOM   1124 C  C   . VAL A 1 144 ? 15.485  -5.320  -5.635  1.00 23.63 ? 144 VAL A C   1 
ATOM   1125 O  O   . VAL A 1 144 ? 15.627  -4.191  -5.157  1.00 24.43 ? 144 VAL A O   1 
ATOM   1126 C  CB  . VAL A 1 144 ? 13.054  -5.743  -5.357  1.00 23.70 ? 144 VAL A CB  1 
ATOM   1127 C  CG1 . VAL A 1 144 ? 12.823  -5.682  -6.866  1.00 22.53 ? 144 VAL A CG1 1 
ATOM   1128 C  CG2 . VAL A 1 144 ? 12.008  -6.612  -4.681  1.00 24.23 ? 144 VAL A CG2 1 
ATOM   1129 N  N   . ASP A 1 145 ? 16.201  -5.758  -6.663  1.00 23.17 ? 145 ASP A N   1 
ATOM   1130 C  CA  . ASP A 1 145 ? 17.170  -4.884  -7.295  1.00 24.27 ? 145 ASP A CA  1 
ATOM   1131 C  C   . ASP A 1 145 ? 16.392  -3.963  -8.244  1.00 24.14 ? 145 ASP A C   1 
ATOM   1132 O  O   . ASP A 1 145 ? 15.906  -4.381  -9.295  1.00 23.79 ? 145 ASP A O   1 
ATOM   1133 C  CB  . ASP A 1 145 ? 18.193  -5.704  -8.070  1.00 26.14 ? 145 ASP A CB  1 
ATOM   1134 C  CG  . ASP A 1 145 ? 19.255  -4.842  -8.715  1.00 26.44 ? 145 ASP A CG  1 
ATOM   1135 O  OD1 . ASP A 1 145 ? 18.893  -3.855  -9.384  1.00 27.91 ? 145 ASP A OD1 1 
ATOM   1136 O  OD2 . ASP A 1 145 ? 20.450  -5.157  -8.561  1.00 28.10 ? 145 ASP A OD2 1 
ATOM   1137 N  N   . VAL A 1 146 ? 16.279  -2.703  -7.863  1.00 24.09 ? 146 VAL A N   1 
ATOM   1138 C  CA  . VAL A 1 146 ? 15.540  -1.745  -8.658  1.00 25.44 ? 146 VAL A CA  1 
ATOM   1139 C  C   . VAL A 1 146 ? 16.070  -1.528  -10.079 1.00 26.82 ? 146 VAL A C   1 
ATOM   1140 O  O   . VAL A 1 146 ? 15.306  -1.569  -11.047 1.00 26.86 ? 146 VAL A O   1 
ATOM   1141 C  CB  . VAL A 1 146 ? 15.460  -0.410  -7.919  1.00 23.93 ? 146 VAL A CB  1 
ATOM   1142 C  CG1 . VAL A 1 146 ? 14.829  0.635   -8.807  1.00 25.70 ? 146 VAL A CG1 1 
ATOM   1143 C  CG2 . VAL A 1 146 ? 14.646  -0.584  -6.650  1.00 21.89 ? 146 VAL A CG2 1 
ATOM   1144 N  N   . GLU A 1 147 ? 17.368  -1.286  -10.209 1.00 28.03 ? 147 GLU A N   1 
ATOM   1145 C  CA  . GLU A 1 147 ? 17.950  -1.070  -11.526 1.00 28.75 ? 147 GLU A CA  1 
ATOM   1146 C  C   . GLU A 1 147 ? 17.532  -2.200  -12.453 1.00 29.26 ? 147 GLU A C   1 
ATOM   1147 O  O   . GLU A 1 147 ? 17.086  -1.961  -13.578 1.00 29.97 ? 147 GLU A O   1 
ATOM   1148 C  CB  . GLU A 1 147 ? 19.472  -0.991  -11.419 1.00 29.44 ? 147 GLU A CB  1 
ATOM   1149 C  CG  . GLU A 1 147 ? 20.022  0.418   -11.620 1.00 33.98 ? 147 GLU A CG  1 
ATOM   1150 C  CD  . GLU A 1 147 ? 19.062  1.508   -11.150 1.00 35.85 ? 147 GLU A CD  1 
ATOM   1151 O  OE1 . GLU A 1 147 ? 18.663  1.494   -9.965  1.00 37.68 ? 147 GLU A OE1 1 
ATOM   1152 O  OE2 . GLU A 1 147 ? 18.702  2.383   -11.968 1.00 37.58 ? 147 GLU A OE2 1 
ATOM   1153 N  N   . CYS A 1 148 ? 17.671  -3.431  -11.969 1.00 28.49 ? 148 CYS A N   1 
ATOM   1154 C  CA  . CYS A 1 148 ? 17.297  -4.604  -12.738 1.00 27.34 ? 148 CYS A CA  1 
ATOM   1155 C  C   . CYS A 1 148 ? 15.885  -4.400  -13.286 1.00 26.33 ? 148 CYS A C   1 
ATOM   1156 O  O   . CYS A 1 148 ? 15.614  -4.714  -14.440 1.00 25.71 ? 148 CYS A O   1 
ATOM   1157 C  CB  . CYS A 1 148 ? 17.366  -5.838  -11.844 1.00 29.34 ? 148 CYS A CB  1 
ATOM   1158 S  SG  . CYS A 1 148 ? 16.710  -7.381  -12.566 1.00 36.12 ? 148 CYS A SG  1 
ATOM   1159 N  N   . LEU A 1 149 ? 14.991  -3.863  -12.456 1.00 26.20 ? 149 LEU A N   1 
ATOM   1160 C  CA  . LEU A 1 149 ? 13.606  -3.588  -12.870 1.00 24.72 ? 149 LEU A CA  1 
ATOM   1161 C  C   . LEU A 1 149 ? 13.573  -2.573  -13.995 1.00 23.72 ? 149 LEU A C   1 
ATOM   1162 O  O   . LEU A 1 149 ? 12.933  -2.803  -15.014 1.00 24.02 ? 149 LEU A O   1 
ATOM   1163 C  CB  . LEU A 1 149 ? 12.782  -3.033  -11.706 1.00 22.88 ? 149 LEU A CB  1 
ATOM   1164 C  CG  . LEU A 1 149 ? 12.410  -4.026  -10.609 1.00 22.20 ? 149 LEU A CG  1 
ATOM   1165 C  CD1 . LEU A 1 149 ? 11.935  -3.275  -9.374  1.00 20.32 ? 149 LEU A CD1 1 
ATOM   1166 C  CD2 . LEU A 1 149 ? 11.353  -4.989  -11.137 1.00 18.27 ? 149 LEU A CD2 1 
ATOM   1167 N  N   . ARG A 1 150 ? 14.254  -1.448  -13.797 1.00 23.13 ? 150 ARG A N   1 
ATOM   1168 C  CA  . ARG A 1 150 ? 14.296  -0.395  -14.805 1.00 24.90 ? 150 ARG A CA  1 
ATOM   1169 C  C   . ARG A 1 150 ? 14.793  -0.895  -16.153 1.00 25.83 ? 150 ARG A C   1 
ATOM   1170 O  O   . ARG A 1 150 ? 14.292  -0.457  -17.184 1.00 26.98 ? 150 ARG A O   1 
ATOM   1171 C  CB  . ARG A 1 150 ? 15.159  0.773   -14.325 1.00 25.82 ? 150 ARG A CB  1 
ATOM   1172 C  CG  . ARG A 1 150 ? 14.475  1.606   -13.240 1.00 29.68 ? 150 ARG A CG  1 
ATOM   1173 C  CD  . ARG A 1 150 ? 15.470  2.296   -12.314 1.00 32.69 ? 150 ARG A CD  1 
ATOM   1174 N  NE  . ARG A 1 150 ? 15.766  3.686   -12.666 1.00 37.23 ? 150 ARG A NE  1 
ATOM   1175 C  CZ  . ARG A 1 150 ? 16.381  4.084   -13.778 1.00 40.68 ? 150 ARG A CZ  1 
ATOM   1176 N  NH1 . ARG A 1 150 ? 16.779  3.198   -14.686 1.00 43.28 ? 150 ARG A NH1 1 
ATOM   1177 N  NH2 . ARG A 1 150 ? 16.619  5.377   -13.974 1.00 41.21 ? 150 ARG A NH2 1 
ATOM   1178 N  N   . ARG A 1 151 ? 15.765  -1.806  -16.154 1.00 26.41 ? 151 ARG A N   1 
ATOM   1179 C  CA  . ARG A 1 151 ? 16.282  -2.359  -17.408 1.00 26.87 ? 151 ARG A CA  1 
ATOM   1180 C  C   . ARG A 1 151 ? 15.219  -3.271  -18.020 1.00 27.68 ? 151 ARG A C   1 
ATOM   1181 O  O   . ARG A 1 151 ? 15.106  -3.377  -19.237 1.00 28.89 ? 151 ARG A O   1 
ATOM   1182 C  CB  . ARG A 1 151 ? 17.570  -3.160  -17.174 1.00 26.44 ? 151 ARG A CB  1 
ATOM   1183 C  CG  . ARG A 1 151 ? 18.744  -2.340  -16.654 1.00 25.53 ? 151 ARG A CG  1 
ATOM   1184 C  CD  . ARG A 1 151 ? 20.035  -3.137  -16.668 1.00 23.94 ? 151 ARG A CD  1 
ATOM   1185 N  NE  . ARG A 1 151 ? 20.001  -4.266  -15.746 1.00 23.94 ? 151 ARG A NE  1 
ATOM   1186 C  CZ  . ARG A 1 151 ? 20.239  -4.176  -14.441 1.00 23.98 ? 151 ARG A CZ  1 
ATOM   1187 N  NH1 . ARG A 1 151 ? 20.538  -3.001  -13.895 1.00 22.06 ? 151 ARG A NH1 1 
ATOM   1188 N  NH2 . ARG A 1 151 ? 20.173  -5.266  -13.686 1.00 24.70 ? 151 ARG A NH2 1 
ATOM   1189 N  N   . ARG A 1 152 ? 14.452  -3.946  -17.172 1.00 28.72 ? 152 ARG A N   1 
ATOM   1190 C  CA  . ARG A 1 152 ? 13.377  -4.805  -17.645 1.00 29.56 ? 152 ARG A CA  1 
ATOM   1191 C  C   . ARG A 1 152 ? 12.312  -3.869  -18.209 1.00 31.34 ? 152 ARG A C   1 
ATOM   1192 O  O   . ARG A 1 152 ? 11.282  -4.309  -18.716 1.00 31.77 ? 152 ARG A O   1 
ATOM   1193 C  CB  . ARG A 1 152 ? 12.793  -5.612  -16.490 1.00 30.98 ? 152 ARG A CB  1 
ATOM   1194 C  CG  . ARG A 1 152 ? 13.341  -7.021  -16.349 1.00 32.00 ? 152 ARG A CG  1 
ATOM   1195 C  CD  . ARG A 1 152 ? 12.716  -7.937  -17.382 1.00 33.49 ? 152 ARG A CD  1 
ATOM   1196 N  NE  . ARG A 1 152 ? 12.608  -9.314  -16.900 1.00 35.02 ? 152 ARG A NE  1 
ATOM   1197 C  CZ  . ARG A 1 152 ? 11.735  -10.199 -17.379 1.00 35.88 ? 152 ARG A CZ  1 
ATOM   1198 N  NH1 . ARG A 1 152 ? 10.899  -9.844  -18.351 1.00 35.06 ? 152 ARG A NH1 1 
ATOM   1199 N  NH2 . ARG A 1 152 ? 11.684  -11.430 -16.879 1.00 35.86 ? 152 ARG A NH2 1 
ATOM   1200 N  N   . GLY A 1 153 ? 12.574  -2.569  -18.100 1.00 32.72 ? 153 GLY A N   1 
ATOM   1201 C  CA  . GLY A 1 153 ? 11.662  -1.566  -18.612 1.00 33.33 ? 153 GLY A CA  1 
ATOM   1202 C  C   . GLY A 1 153 ? 10.524  -1.221  -17.676 1.00 35.11 ? 153 GLY A C   1 
ATOM   1203 O  O   . GLY A 1 153 ? 9.777   -0.274  -17.932 1.00 35.67 ? 153 GLY A O   1 
ATOM   1204 N  N   . LEU A 1 154 ? 10.388  -1.979  -16.593 1.00 35.44 ? 154 LEU A N   1 
ATOM   1205 C  CA  . LEU A 1 154 ? 9.315   -1.747  -15.633 1.00 35.74 ? 154 LEU A CA  1 
ATOM   1206 C  C   . LEU A 1 154 ? 9.545   -0.458  -14.876 1.00 36.77 ? 154 LEU A C   1 
ATOM   1207 O  O   . LEU A 1 154 ? 10.577  -0.290  -14.240 1.00 37.86 ? 154 LEU A O   1 
ATOM   1208 C  CB  . LEU A 1 154 ? 9.229   -2.913  -14.652 1.00 35.55 ? 154 LEU A CB  1 
ATOM   1209 C  CG  . LEU A 1 154 ? 8.777   -4.237  -15.272 1.00 35.77 ? 154 LEU A CG  1 
ATOM   1210 C  CD1 . LEU A 1 154 ? 9.020   -5.390  -14.305 1.00 36.78 ? 154 LEU A CD1 1 
ATOM   1211 C  CD2 . LEU A 1 154 ? 7.313   -4.134  -15.634 1.00 34.42 ? 154 LEU A CD2 1 
ATOM   1212 N  N   . LYS A 1 155 ? 8.589   0.460   -14.947 1.00 38.05 ? 155 LYS A N   1 
ATOM   1213 C  CA  . LYS A 1 155 ? 8.737   1.726   -14.241 1.00 38.24 ? 155 LYS A CA  1 
ATOM   1214 C  C   . LYS A 1 155 ? 8.420   1.568   -12.756 1.00 36.21 ? 155 LYS A C   1 
ATOM   1215 O  O   . LYS A 1 155 ? 7.538   0.794   -12.379 1.00 35.04 ? 155 LYS A O   1 
ATOM   1216 C  CB  . LYS A 1 155 ? 7.861   2.816   -14.886 1.00 40.27 ? 155 LYS A CB  1 
ATOM   1217 C  CG  . LYS A 1 155 ? 6.467   2.371   -15.304 1.00 43.33 ? 155 LYS A CG  1 
ATOM   1218 C  CD  . LYS A 1 155 ? 5.693   3.502   -16.003 1.00 46.19 ? 155 LYS A CD  1 
ATOM   1219 C  CE  . LYS A 1 155 ? 6.234   3.828   -17.404 1.00 47.22 ? 155 LYS A CE  1 
ATOM   1220 N  NZ  . LYS A 1 155 ? 7.631   4.364   -17.391 1.00 48.40 ? 155 LYS A NZ  1 
ATOM   1221 N  N   . VAL A 1 156 ? 9.170   2.296   -11.931 1.00 34.78 ? 156 VAL A N   1 
ATOM   1222 C  CA  . VAL A 1 156 ? 9.043   2.270   -10.474 1.00 34.17 ? 156 VAL A CA  1 
ATOM   1223 C  C   . VAL A 1 156 ? 8.637   3.657   -9.973  1.00 33.98 ? 156 VAL A C   1 
ATOM   1224 O  O   . VAL A 1 156 ? 9.434   4.587   -9.995  1.00 33.48 ? 156 VAL A O   1 
ATOM   1225 C  CB  . VAL A 1 156 ? 10.393  1.867   -9.827  1.00 33.66 ? 156 VAL A CB  1 
ATOM   1226 C  CG1 . VAL A 1 156 ? 10.255  1.770   -8.321  1.00 33.26 ? 156 VAL A CG1 1 
ATOM   1227 C  CG2 . VAL A 1 156 ? 10.876  0.552   -10.418 1.00 32.02 ? 156 VAL A CG2 1 
ATOM   1228 N  N   . GLU A 1 157 ? 7.404   3.788   -9.502  1.00 34.08 ? 157 GLU A N   1 
ATOM   1229 C  CA  . GLU A 1 157 ? 6.914   5.078   -9.043  1.00 34.83 ? 157 GLU A CA  1 
ATOM   1230 C  C   . GLU A 1 157 ? 6.824   5.186   -7.519  1.00 33.32 ? 157 GLU A C   1 
ATOM   1231 O  O   . GLU A 1 157 ? 6.528   4.207   -6.832  1.00 32.70 ? 157 GLU A O   1 
ATOM   1232 C  CB  . GLU A 1 157 ? 5.554   5.354   -9.702  1.00 38.08 ? 157 GLU A CB  1 
ATOM   1233 C  CG  . GLU A 1 157 ? 5.514   4.945   -11.188 1.00 43.46 ? 157 GLU A CG  1 
ATOM   1234 C  CD  . GLU A 1 157 ? 4.366   5.581   -11.980 1.00 46.81 ? 157 GLU A CD  1 
ATOM   1235 O  OE1 . GLU A 1 157 ? 4.085   5.121   -13.121 1.00 46.83 ? 157 GLU A OE1 1 
ATOM   1236 O  OE2 . GLU A 1 157 ? 3.752   6.546   -11.468 1.00 47.75 ? 157 GLU A OE2 1 
ATOM   1237 N  N   . ARG A 1 158 ? 7.088   6.382   -6.998  1.00 31.70 ? 158 ARG A N   1 
ATOM   1238 C  CA  . ARG A 1 158 ? 7.067   6.620   -5.557  1.00 31.81 ? 158 ARG A CA  1 
ATOM   1239 C  C   . ARG A 1 158 ? 5.719   7.188   -5.099  1.00 31.33 ? 158 ARG A C   1 
ATOM   1240 O  O   . ARG A 1 158 ? 5.327   8.292   -5.485  1.00 32.19 ? 158 ARG A O   1 
ATOM   1241 C  CB  . ARG A 1 158 ? 8.212   7.578   -5.172  1.00 31.54 ? 158 ARG A CB  1 
ATOM   1242 C  CG  . ARG A 1 158 ? 8.499   7.670   -3.671  1.00 32.09 ? 158 ARG A CG  1 
ATOM   1243 C  CD  . ARG A 1 158 ? 9.579   8.713   -3.349  1.00 32.48 ? 158 ARG A CD  1 
ATOM   1244 N  NE  . ARG A 1 158 ? 9.958   8.715   -1.931  1.00 32.39 ? 158 ARG A NE  1 
ATOM   1245 C  CZ  . ARG A 1 158 ? 10.701  9.655   -1.345  1.00 31.68 ? 158 ARG A CZ  1 
ATOM   1246 N  NH1 . ARG A 1 158 ? 11.153  10.688  -2.042  1.00 32.24 ? 158 ARG A NH1 1 
ATOM   1247 N  NH2 . ARG A 1 158 ? 11.005  9.562   -0.058  1.00 30.19 ? 158 ARG A NH2 1 
HETATM 1248 N  N   . MSE A 1 159 ? 5.010   6.429   -4.270  1.00 30.15 ? 159 MSE A N   1 
HETATM 1249 C  CA  . MSE A 1 159 ? 3.708   6.864   -3.783  1.00 29.33 ? 159 MSE A CA  1 
HETATM 1250 C  C   . MSE A 1 159 ? 3.765   7.546   -2.421  1.00 28.44 ? 159 MSE A C   1 
HETATM 1251 O  O   . MSE A 1 159 ? 2.912   8.375   -2.103  1.00 28.64 ? 159 MSE A O   1 
HETATM 1252 C  CB  . MSE A 1 159 ? 2.756   5.674   -3.757  1.00 29.98 ? 159 MSE A CB  1 
HETATM 1253 C  CG  . MSE A 1 159 ? 2.580   5.081   -5.133  1.00 32.67 ? 159 MSE A CG  1 
HETATM 1254 SE SE  . MSE A 1 159 ? 1.935   6.410   -6.383  1.00 39.62 ? 159 MSE A SE  1 
HETATM 1255 C  CE  . MSE A 1 159 ? 0.088   5.863   -6.487  1.00 34.76 ? 159 MSE A CE  1 
ATOM   1256 N  N   . SER A 1 160 ? 4.767   7.192   -1.621  1.00 26.71 ? 160 SER A N   1 
ATOM   1257 C  CA  . SER A 1 160 ? 4.961   7.794   -0.307  1.00 25.36 ? 160 SER A CA  1 
ATOM   1258 C  C   . SER A 1 160 ? 6.442   7.729   0.067   1.00 26.11 ? 160 SER A C   1 
ATOM   1259 O  O   . SER A 1 160 ? 7.234   7.034   -0.581  1.00 27.08 ? 160 SER A O   1 
ATOM   1260 C  CB  . SER A 1 160 ? 4.103   7.093   0.752   1.00 24.53 ? 160 SER A CB  1 
ATOM   1261 O  OG  . SER A 1 160 ? 4.640   5.847   1.133   1.00 23.22 ? 160 SER A OG  1 
ATOM   1262 N  N   . LYS A 1 161 ? 6.824   8.454   1.106   1.00 26.30 ? 161 LYS A N   1 
ATOM   1263 C  CA  . LYS A 1 161 ? 8.218   8.483   1.513   1.00 27.75 ? 161 LYS A CA  1 
ATOM   1264 C  C   . LYS A 1 161 ? 8.949   7.127   1.455   1.00 27.60 ? 161 LYS A C   1 
ATOM   1265 O  O   . LYS A 1 161 ? 10.113  7.073   1.044   1.00 29.67 ? 161 LYS A O   1 
ATOM   1266 C  CB  . LYS A 1 161 ? 8.338   9.090   2.912   1.00 29.62 ? 161 LYS A CB  1 
ATOM   1267 C  CG  . LYS A 1 161 ? 9.761   9.445   3.290   1.00 34.91 ? 161 LYS A CG  1 
ATOM   1268 C  CD  . LYS A 1 161 ? 9.841   10.194  4.612   1.00 39.36 ? 161 LYS A CD  1 
ATOM   1269 C  CE  . LYS A 1 161 ? 11.286  10.590  4.925   1.00 41.29 ? 161 LYS A CE  1 
ATOM   1270 N  NZ  . LYS A 1 161 ? 11.412  11.282  6.245   1.00 43.25 ? 161 LYS A NZ  1 
ATOM   1271 N  N   . THR A 1 162 ? 8.285   6.037   1.842   1.00 25.88 ? 162 THR A N   1 
ATOM   1272 C  CA  . THR A 1 162 ? 8.939   4.725   1.829   1.00 23.81 ? 162 THR A CA  1 
ATOM   1273 C  C   . THR A 1 162 ? 8.291   3.677   0.949   1.00 22.12 ? 162 THR A C   1 
ATOM   1274 O  O   . THR A 1 162 ? 8.831   2.575   0.817   1.00 21.58 ? 162 THR A O   1 
ATOM   1275 C  CB  . THR A 1 162 ? 9.020   4.084   3.241   1.00 25.79 ? 162 THR A CB  1 
ATOM   1276 O  OG1 . THR A 1 162 ? 7.695   3.801   3.725   1.00 25.38 ? 162 THR A OG1 1 
ATOM   1277 C  CG2 . THR A 1 162 ? 9.752   4.989   4.203   1.00 23.71 ? 162 THR A CG2 1 
ATOM   1278 N  N   . VAL A 1 163 ? 7.142   4.001   0.361   1.00 20.08 ? 163 VAL A N   1 
ATOM   1279 C  CA  . VAL A 1 163 ? 6.420   3.045   -0.482  1.00 19.07 ? 163 VAL A CA  1 
ATOM   1280 C  C   . VAL A 1 163 ? 6.451   3.328   -1.991  1.00 18.18 ? 163 VAL A C   1 
ATOM   1281 O  O   . VAL A 1 163 ? 6.102   4.418   -2.438  1.00 17.62 ? 163 VAL A O   1 
ATOM   1282 C  CB  . VAL A 1 163 ? 4.948   2.928   -0.021  1.00 18.79 ? 163 VAL A CB  1 
ATOM   1283 C  CG1 . VAL A 1 163 ? 4.176   2.008   -0.950  1.00 19.26 ? 163 VAL A CG1 1 
ATOM   1284 C  CG2 . VAL A 1 163 ? 4.899   2.393   1.397   1.00 17.01 ? 163 VAL A CG2 1 
ATOM   1285 N  N   . TYR A 1 164 ? 6.868   2.327   -2.764  1.00 17.25 ? 164 TYR A N   1 
ATOM   1286 C  CA  . TYR A 1 164 ? 6.957   2.436   -4.215  1.00 16.87 ? 164 TYR A CA  1 
ATOM   1287 C  C   . TYR A 1 164 ? 6.193   1.284   -4.841  1.00 16.77 ? 164 TYR A C   1 
ATOM   1288 O  O   . TYR A 1 164 ? 5.917   0.291   -4.169  1.00 14.10 ? 164 TYR A O   1 
ATOM   1289 C  CB  . TYR A 1 164 ? 8.414   2.349   -4.681  1.00 17.95 ? 164 TYR A CB  1 
ATOM   1290 C  CG  . TYR A 1 164 ? 9.346   3.340   -4.032  1.00 19.47 ? 164 TYR A CG  1 
ATOM   1291 C  CD1 . TYR A 1 164 ? 9.682   3.229   -2.680  1.00 20.31 ? 164 TYR A CD1 1 
ATOM   1292 C  CD2 . TYR A 1 164 ? 9.874   4.407   -4.758  1.00 19.77 ? 164 TYR A CD2 1 
ATOM   1293 C  CE1 . TYR A 1 164 ? 10.523  4.160   -2.066  1.00 21.67 ? 164 TYR A CE1 1 
ATOM   1294 C  CE2 . TYR A 1 164 ? 10.714  5.346   -4.158  1.00 21.61 ? 164 TYR A CE2 1 
ATOM   1295 C  CZ  . TYR A 1 164 ? 11.036  5.217   -2.810  1.00 22.13 ? 164 TYR A CZ  1 
ATOM   1296 O  OH  . TYR A 1 164 ? 11.870  6.131   -2.209  1.00 21.26 ? 164 TYR A OH  1 
ATOM   1297 N  N   . THR A 1 165 ? 5.877   1.414   -6.134  1.00 17.88 ? 165 THR A N   1 
ATOM   1298 C  CA  . THR A 1 165 ? 5.150   0.375   -6.870  1.00 18.51 ? 165 THR A CA  1 
ATOM   1299 C  C   . THR A 1 165 ? 5.671   0.097   -8.279  1.00 19.19 ? 165 THR A C   1 
ATOM   1300 O  O   . THR A 1 165 ? 6.333   0.932   -8.897  1.00 18.75 ? 165 THR A O   1 
ATOM   1301 C  CB  . THR A 1 165 ? 3.667   0.726   -7.021  1.00 18.23 ? 165 THR A CB  1 
ATOM   1302 O  OG1 . THR A 1 165 ? 3.549   1.998   -7.664  1.00 18.65 ? 165 THR A OG1 1 
ATOM   1303 C  CG2 . THR A 1 165 ? 2.979   0.778   -5.667  1.00 18.85 ? 165 THR A CG2 1 
ATOM   1304 N  N   . VAL A 1 166 ? 5.344   -1.094  -8.771  1.00 20.63 ? 166 VAL A N   1 
ATOM   1305 C  CA  . VAL A 1 166 ? 5.699   -1.559  -10.114 1.00 21.44 ? 166 VAL A CA  1 
ATOM   1306 C  C   . VAL A 1 166 ? 4.666   -2.621  -10.521 1.00 21.69 ? 166 VAL A C   1 
ATOM   1307 O  O   . VAL A 1 166 ? 4.049   -3.252  -9.663  1.00 19.93 ? 166 VAL A O   1 
ATOM   1308 C  CB  . VAL A 1 166 ? 7.106   -2.197  -10.151 1.00 21.41 ? 166 VAL A CB  1 
ATOM   1309 C  CG1 . VAL A 1 166 ? 8.150   -1.162  -9.829  1.00 22.26 ? 166 VAL A CG1 1 
ATOM   1310 C  CG2 . VAL A 1 166 ? 7.180   -3.344  -9.166  1.00 22.49 ? 166 VAL A CG2 1 
ATOM   1311 N  N   . ASP A 1 167 ? 4.474   -2.824  -11.820 1.00 23.28 ? 167 ASP A N   1 
ATOM   1312 C  CA  . ASP A 1 167 ? 3.497   -3.817  -12.268 1.00 25.88 ? 167 ASP A CA  1 
ATOM   1313 C  C   . ASP A 1 167 ? 3.805   -5.190  -11.690 1.00 26.76 ? 167 ASP A C   1 
ATOM   1314 O  O   . ASP A 1 167 ? 2.915   -5.874  -11.170 1.00 26.78 ? 167 ASP A O   1 
ATOM   1315 C  CB  . ASP A 1 167 ? 3.462   -3.899  -13.792 1.00 26.61 ? 167 ASP A CB  1 
ATOM   1316 C  CG  . ASP A 1 167 ? 3.035   -2.603  -14.429 1.00 26.31 ? 167 ASP A CG  1 
ATOM   1317 O  OD1 . ASP A 1 167 ? 2.655   -1.670  -13.689 1.00 27.76 ? 167 ASP A OD1 1 
ATOM   1318 O  OD2 . ASP A 1 167 ? 3.079   -2.522  -15.670 1.00 26.77 ? 167 ASP A OD2 1 
ATOM   1319 N  N   . TRP A 1 168 ? 5.067   -5.593  -11.790 1.00 27.16 ? 168 TRP A N   1 
ATOM   1320 C  CA  . TRP A 1 168 ? 5.494   -6.878  -11.247 1.00 26.76 ? 168 TRP A CA  1 
ATOM   1321 C  C   . TRP A 1 168 ? 7.013   -6.914  -11.060 1.00 25.17 ? 168 TRP A C   1 
ATOM   1322 O  O   . TRP A 1 168 ? 7.749   -6.093  -11.606 1.00 23.93 ? 168 TRP A O   1 
ATOM   1323 C  CB  . TRP A 1 168 ? 5.044   -8.026  -12.171 1.00 27.23 ? 168 TRP A CB  1 
ATOM   1324 C  CG  . TRP A 1 168 ? 5.906   -8.222  -13.376 1.00 27.53 ? 168 TRP A CG  1 
ATOM   1325 C  CD1 . TRP A 1 168 ? 6.231   -7.285  -14.321 1.00 28.79 ? 168 TRP A CD1 1 
ATOM   1326 C  CD2 . TRP A 1 168 ? 6.573   -9.430  -13.762 1.00 27.98 ? 168 TRP A CD2 1 
ATOM   1327 N  NE1 . TRP A 1 168 ? 7.066   -7.835  -15.272 1.00 29.76 ? 168 TRP A NE1 1 
ATOM   1328 C  CE2 . TRP A 1 168 ? 7.289   -9.153  -14.955 1.00 29.53 ? 168 TRP A CE2 1 
ATOM   1329 C  CE3 . TRP A 1 168 ? 6.638   -10.719 -13.219 1.00 27.07 ? 168 TRP A CE3 1 
ATOM   1330 C  CZ2 . TRP A 1 168 ? 8.058   -10.125 -15.615 1.00 27.17 ? 168 TRP A CZ2 1 
ATOM   1331 C  CZ3 . TRP A 1 168 ? 7.407   -11.683 -13.876 1.00 27.40 ? 168 TRP A CZ3 1 
ATOM   1332 C  CH2 . TRP A 1 168 ? 8.105   -11.378 -15.062 1.00 26.26 ? 168 TRP A CH2 1 
ATOM   1333 N  N   . VAL A 1 169 ? 7.477   -7.861  -10.263 1.00 25.02 ? 169 VAL A N   1 
ATOM   1334 C  CA  . VAL A 1 169 ? 8.903   -8.001  -10.056 1.00 25.55 ? 169 VAL A CA  1 
ATOM   1335 C  C   . VAL A 1 169 ? 9.317   -9.320  -10.706 1.00 25.97 ? 169 VAL A C   1 
ATOM   1336 O  O   . VAL A 1 169 ? 8.856   -10.392 -10.295 1.00 24.77 ? 169 VAL A O   1 
ATOM   1337 C  CB  . VAL A 1 169 ? 9.267   -8.021  -8.546  1.00 25.68 ? 169 VAL A CB  1 
ATOM   1338 C  CG1 . VAL A 1 169 ? 10.771  -8.263  -8.371  1.00 24.05 ? 169 VAL A CG1 1 
ATOM   1339 C  CG2 . VAL A 1 169 ? 8.844   -6.696  -7.885  1.00 23.55 ? 169 VAL A CG2 1 
ATOM   1340 N  N   . PRO A 1 170 ? 10.139  -9.249  -11.772 1.00 26.38 ? 170 PRO A N   1 
ATOM   1341 C  CA  . PRO A 1 170 ? 10.606  -10.458 -12.466 1.00 26.45 ? 170 PRO A CA  1 
ATOM   1342 C  C   . PRO A 1 170 ? 11.504  -11.222 -11.496 1.00 27.19 ? 170 PRO A C   1 
ATOM   1343 O  O   . PRO A 1 170 ? 12.262  -10.615 -10.738 1.00 27.39 ? 170 PRO A O   1 
ATOM   1344 C  CB  . PRO A 1 170 ? 11.378  -9.899  -13.657 1.00 25.55 ? 170 PRO A CB  1 
ATOM   1345 C  CG  . PRO A 1 170 ? 10.662  -8.610  -13.944 1.00 25.11 ? 170 PRO A CG  1 
ATOM   1346 C  CD  . PRO A 1 170 ? 10.440  -8.043  -12.564 1.00 25.84 ? 170 PRO A CD  1 
ATOM   1347 N  N   . PRO A 1 171 ? 11.424  -12.561 -11.505 1.00 27.64 ? 171 PRO A N   1 
ATOM   1348 C  CA  . PRO A 1 171 ? 12.207  -13.445 -10.637 1.00 27.95 ? 171 PRO A CA  1 
ATOM   1349 C  C   . PRO A 1 171 ? 13.683  -13.087 -10.636 1.00 28.35 ? 171 PRO A C   1 
ATOM   1350 O  O   . PRO A 1 171 ? 14.364  -13.157 -9.609  1.00 28.57 ? 171 PRO A O   1 
ATOM   1351 C  CB  . PRO A 1 171 ? 11.968  -14.816 -11.246 1.00 27.28 ? 171 PRO A CB  1 
ATOM   1352 C  CG  . PRO A 1 171 ? 10.611  -14.684 -11.846 1.00 28.41 ? 171 PRO A CG  1 
ATOM   1353 C  CD  . PRO A 1 171 ? 10.692  -13.348 -12.510 1.00 28.17 ? 171 PRO A CD  1 
ATOM   1354 N  N   . GLU A 1 172 ? 14.160  -12.696 -11.806 1.00 28.32 ? 172 GLU A N   1 
ATOM   1355 C  CA  . GLU A 1 172 ? 15.547  -12.342 -12.001 1.00 29.42 ? 172 GLU A CA  1 
ATOM   1356 C  C   . GLU A 1 172 ? 15.937  -11.016 -11.361 1.00 29.51 ? 172 GLU A C   1 
ATOM   1357 O  O   . GLU A 1 172 ? 17.110  -10.658 -11.348 1.00 29.57 ? 172 GLU A O   1 
ATOM   1358 C  CB  . GLU A 1 172 ? 15.845  -12.301 -13.498 1.00 32.18 ? 172 GLU A CB  1 
ATOM   1359 C  CG  . GLU A 1 172 ? 15.273  -13.490 -14.290 1.00 36.65 ? 172 GLU A CG  1 
ATOM   1360 C  CD  . GLU A 1 172 ? 13.780  -13.352 -14.575 1.00 38.55 ? 172 GLU A CD  1 
ATOM   1361 O  OE1 . GLU A 1 172 ? 13.389  -12.292 -15.114 1.00 40.82 ? 172 GLU A OE1 1 
ATOM   1362 O  OE2 . GLU A 1 172 ? 13.003  -14.293 -14.272 1.00 38.00 ? 172 GLU A OE2 1 
ATOM   1363 N  N   . CYS A 1 173 ? 14.967  -10.272 -10.840 1.00 30.06 ? 173 CYS A N   1 
ATOM   1364 C  CA  . CYS A 1 173 ? 15.296  -8.990  -10.225 1.00 29.84 ? 173 CYS A CA  1 
ATOM   1365 C  C   . CYS A 1 173 ? 15.334  -9.081  -8.712  1.00 27.45 ? 173 CYS A C   1 
ATOM   1366 O  O   . CYS A 1 173 ? 15.543  -8.078  -8.015  1.00 27.00 ? 173 CYS A O   1 
ATOM   1367 C  CB  . CYS A 1 173 ? 14.329  -7.892  -10.684 1.00 32.27 ? 173 CYS A CB  1 
ATOM   1368 S  SG  . CYS A 1 173 ? 14.686  -7.209  -12.351 1.00 38.04 ? 173 CYS A SG  1 
ATOM   1369 N  N   . ILE A 1 174 ? 15.146  -10.304 -8.220  1.00 24.36 ? 174 ILE A N   1 
ATOM   1370 C  CA  . ILE A 1 174 ? 15.192  -10.596 -6.796  1.00 21.63 ? 174 ILE A CA  1 
ATOM   1371 C  C   . ILE A 1 174 ? 16.647  -10.914 -6.453  1.00 21.07 ? 174 ILE A C   1 
ATOM   1372 O  O   . ILE A 1 174 ? 17.208  -11.900 -6.917  1.00 19.30 ? 174 ILE A O   1 
ATOM   1373 C  CB  . ILE A 1 174 ? 14.299  -11.800 -6.446  1.00 20.49 ? 174 ILE A CB  1 
ATOM   1374 C  CG1 . ILE A 1 174 ? 12.833  -11.460 -6.755  1.00 18.57 ? 174 ILE A CG1 1 
ATOM   1375 C  CG2 . ILE A 1 174 ? 14.481  -12.164 -4.977  1.00 19.76 ? 174 ILE A CG2 1 
ATOM   1376 C  CD1 . ILE A 1 174 ? 11.884  -12.635 -6.661  1.00 16.76 ? 174 ILE A CD1 1 
ATOM   1377 N  N   . ALA A 1 175 ? 17.255  -10.063 -5.642  1.00 21.24 ? 175 ALA A N   1 
ATOM   1378 C  CA  . ALA A 1 175 ? 18.647  -10.226 -5.275  1.00 21.94 ? 175 ALA A CA  1 
ATOM   1379 C  C   . ALA A 1 175 ? 18.865  -11.019 -3.983  1.00 23.51 ? 175 ALA A C   1 
ATOM   1380 O  O   . ALA A 1 175 ? 19.971  -11.509 -3.716  1.00 22.64 ? 175 ALA A O   1 
ATOM   1381 C  CB  . ALA A 1 175 ? 19.300  -8.848  -5.166  1.00 20.18 ? 175 ALA A CB  1 
ATOM   1382 N  N   . GLU A 1 176 ? 17.821  -11.155 -3.177  1.00 25.11 ? 176 GLU A N   1 
ATOM   1383 C  CA  . GLU A 1 176 ? 17.981  -11.879 -1.929  1.00 27.03 ? 176 GLU A CA  1 
ATOM   1384 C  C   . GLU A 1 176 ? 16.655  -12.223 -1.279  1.00 27.50 ? 176 GLU A C   1 
ATOM   1385 O  O   . GLU A 1 176 ? 15.713  -11.441 -1.304  1.00 27.67 ? 176 GLU A O   1 
ATOM   1386 C  CB  . GLU A 1 176 ? 18.866  -11.059 -0.971  1.00 28.30 ? 176 GLU A CB  1 
ATOM   1387 C  CG  . GLU A 1 176 ? 19.102  -11.673 0.422   1.00 30.65 ? 176 GLU A CG  1 
ATOM   1388 C  CD  . GLU A 1 176 ? 20.499  -11.368 0.987   1.00 32.62 ? 176 GLU A CD  1 
ATOM   1389 O  OE1 . GLU A 1 176 ? 20.631  -11.212 2.220   1.00 31.68 ? 176 GLU A OE1 1 
ATOM   1390 O  OE2 . GLU A 1 176 ? 21.473  -11.305 0.201   1.00 33.25 ? 176 GLU A OE2 1 
ATOM   1391 N  N   . VAL A 1 177 ? 16.603  -13.422 -0.713  1.00 28.82 ? 177 VAL A N   1 
ATOM   1392 C  CA  . VAL A 1 177 ? 15.431  -13.932 -0.022  1.00 29.57 ? 177 VAL A CA  1 
ATOM   1393 C  C   . VAL A 1 177 ? 15.898  -14.280 1.386   1.00 30.89 ? 177 VAL A C   1 
ATOM   1394 O  O   . VAL A 1 177 ? 16.857  -15.032 1.559   1.00 30.23 ? 177 VAL A O   1 
ATOM   1395 C  CB  . VAL A 1 177 ? 14.891  -15.224 -0.696  1.00 29.07 ? 177 VAL A CB  1 
ATOM   1396 C  CG1 . VAL A 1 177 ? 13.684  -15.760 0.075   1.00 28.36 ? 177 VAL A CG1 1 
ATOM   1397 C  CG2 . VAL A 1 177 ? 14.529  -14.947 -2.137  1.00 27.56 ? 177 VAL A CG2 1 
ATOM   1398 N  N   . ARG A 1 178 ? 15.238  -13.715 2.391   1.00 33.64 ? 178 ARG A N   1 
ATOM   1399 C  CA  . ARG A 1 178 ? 15.596  -14.000 3.772   1.00 34.89 ? 178 ARG A CA  1 
ATOM   1400 C  C   . ARG A 1 178 ? 14.428  -14.609 4.519   1.00 35.28 ? 178 ARG A C   1 
ATOM   1401 O  O   . ARG A 1 178 ? 13.417  -13.953 4.748   1.00 34.85 ? 178 ARG A O   1 
ATOM   1402 C  CB  . ARG A 1 178 ? 16.063  -12.732 4.477   1.00 35.18 ? 178 ARG A CB  1 
ATOM   1403 C  CG  . ARG A 1 178 ? 17.334  -12.170 3.888   1.00 38.87 ? 178 ARG A CG  1 
ATOM   1404 C  CD  . ARG A 1 178 ? 18.144  -11.438 4.932   1.00 42.05 ? 178 ARG A CD  1 
ATOM   1405 N  NE  . ARG A 1 178 ? 19.361  -10.868 4.364   1.00 47.16 ? 178 ARG A NE  1 
ATOM   1406 C  CZ  . ARG A 1 178 ? 20.346  -10.321 5.077   1.00 49.57 ? 178 ARG A CZ  1 
ATOM   1407 N  NH1 . ARG A 1 178 ? 20.263  -10.271 6.404   1.00 48.91 ? 178 ARG A NH1 1 
ATOM   1408 N  NH2 . ARG A 1 178 ? 21.413  -9.819  4.459   1.00 51.03 ? 178 ARG A NH2 1 
ATOM   1409 N  N   . ARG A 1 179 ? 14.577  -15.880 4.880   1.00 36.67 ? 179 ARG A N   1 
ATOM   1410 C  CA  . ARG A 1 179 ? 13.553  -16.618 5.614   1.00 37.10 ? 179 ARG A CA  1 
ATOM   1411 C  C   . ARG A 1 179 ? 13.666  -16.349 7.106   1.00 38.68 ? 179 ARG A C   1 
ATOM   1412 O  O   . ARG A 1 179 ? 14.709  -16.580 7.713   1.00 39.10 ? 179 ARG A O   1 
ATOM   1413 C  CB  . ARG A 1 179 ? 13.689  -18.116 5.341   1.00 35.74 ? 179 ARG A CB  1 
ATOM   1414 C  CG  . ARG A 1 179 ? 12.749  -18.616 4.260   1.00 36.32 ? 179 ARG A CG  1 
ATOM   1415 C  CD  . ARG A 1 179 ? 13.361  -19.693 3.390   1.00 34.85 ? 179 ARG A CD  1 
ATOM   1416 N  NE  . ARG A 1 179 ? 14.443  -19.149 2.580   1.00 36.13 ? 179 ARG A NE  1 
ATOM   1417 C  CZ  . ARG A 1 179 ? 14.716  -19.541 1.341   1.00 37.82 ? 179 ARG A CZ  1 
ATOM   1418 N  NH1 . ARG A 1 179 ? 13.973  -20.489 0.767   1.00 36.91 ? 179 ARG A NH1 1 
ATOM   1419 N  NH2 . ARG A 1 179 ? 15.731  -18.986 0.676   1.00 37.69 ? 179 ARG A NH2 1 
ATOM   1420 N  N   . GLU A 1 180 ? 12.584  -15.849 7.689   1.00 40.75 ? 180 GLU A N   1 
ATOM   1421 C  CA  . GLU A 1 180 ? 12.548  -15.536 9.108   1.00 42.78 ? 180 GLU A CA  1 
ATOM   1422 C  C   . GLU A 1 180 ? 12.704  -16.799 9.953   1.00 43.17 ? 180 GLU A C   1 
ATOM   1423 O  O   . GLU A 1 180 ? 13.022  -16.725 11.141  1.00 42.73 ? 180 GLU A O   1 
ATOM   1424 C  CB  . GLU A 1 180 ? 11.218  -14.882 9.455   1.00 45.27 ? 180 GLU A CB  1 
ATOM   1425 C  CG  . GLU A 1 180 ? 10.033  -15.849 9.389   1.00 47.42 ? 180 GLU A CG  1 
ATOM   1426 C  CD  . GLU A 1 180 ? 8.880   -15.412 10.277  1.00 48.95 ? 180 GLU A CD  1 
ATOM   1427 O  OE1 . GLU A 1 180 ? 8.285   -14.346 10.006  1.00 50.12 ? 180 GLU A OE1 1 
ATOM   1428 O  OE2 . GLU A 1 180 ? 8.575   -16.130 11.253  1.00 49.18 ? 180 GLU A OE2 1 
ATOM   1429 N  N   . SER A 1 181 ? 12.458  -17.952 9.334   1.00 43.68 ? 181 SER A N   1 
ATOM   1430 C  CA  . SER A 1 181 ? 12.549  -19.241 10.013  1.00 43.34 ? 181 SER A CA  1 
ATOM   1431 C  C   . SER A 1 181 ? 13.987  -19.717 10.150  1.00 44.04 ? 181 SER A C   1 
ATOM   1432 O  O   . SER A 1 181 ? 14.277  -20.632 10.918  1.00 44.87 ? 181 SER A O   1 
ATOM   1433 C  CB  . SER A 1 181 ? 11.743  -20.295 9.253   1.00 42.77 ? 181 SER A CB  1 
ATOM   1434 O  OG  . SER A 1 181 ? 12.216  -20.435 7.926   1.00 42.16 ? 181 SER A OG  1 
ATOM   1435 N  N   . LEU A 1 182 ? 14.885  -19.095 9.397   1.00 44.45 ? 182 LEU A N   1 
ATOM   1436 C  CA  . LEU A 1 182 ? 16.293  -19.457 9.438   1.00 43.83 ? 182 LEU A CA  1 
ATOM   1437 C  C   . LEU A 1 182 ? 17.081  -18.537 10.358  1.00 43.79 ? 182 LEU A C   1 
ATOM   1438 O  O   . LEU A 1 182 ? 18.138  -18.989 10.846  1.00 45.23 ? 182 LEU A O   1 
ATOM   1439 C  CB  . LEU A 1 182 ? 16.883  -19.443 8.027   1.00 43.06 ? 182 LEU A CB  1 
ATOM   1440 C  CG  . LEU A 1 182 ? 16.706  -20.746 7.237   1.00 42.95 ? 182 LEU A CG  1 
ATOM   1441 C  CD1 . LEU A 1 182 ? 15.272  -21.232 7.335   1.00 42.98 ? 182 LEU A CD1 1 
ATOM   1442 C  CD2 . LEU A 1 182 ? 17.100  -20.523 5.786   1.00 42.41 ? 182 LEU A CD2 1 
HETATM 1443 ZN ZN  . ZN  B 2 .   ? -3.401  14.737  16.340  0.33 41.01 ? 201 ZN  A ZN  1 
HETATM 1444 CL CL  . CL  C 3 .   ? -0.017  -0.769  4.425   1.00 13.91 ? 202 CL  A CL  1 
HETATM 1445 CL CL  . CL  D 3 .   ? -17.976 -1.120  -2.965  1.00 14.09 ? 203 CL  A CL  1 
HETATM 1446 CL CL  . CL  E 3 .   ? -5.145  -3.798  2.124   1.00 27.04 ? 204 CL  A CL  1 
HETATM 1447 CL CL  . CL  F 3 .   ? 1.335   -5.670  -2.335  1.00 30.07 ? 205 CL  A CL  1 
HETATM 1448 CL CL  . CL  G 3 .   ? 13.068  12.380  0.742   1.00 40.46 ? 206 CL  A CL  1 
HETATM 1449 O  O   . HOH H 4 .   ? -0.909  9.671   5.829   1.00 10.06 ? 301 HOH A O   1 
HETATM 1450 O  O   . HOH H 4 .   ? -3.903  -9.422  -2.258  1.00 8.17  ? 302 HOH A O   1 
HETATM 1451 O  O   . HOH H 4 .   ? 4.925   -0.921  3.675   1.00 20.53 ? 303 HOH A O   1 
HETATM 1452 O  O   . HOH H 4 .   ? -12.963 -0.435  5.726   1.00 26.54 ? 304 HOH A O   1 
HETATM 1453 O  O   . HOH H 4 .   ? 3.983   2.625   -10.110 1.00 24.92 ? 305 HOH A O   1 
HETATM 1454 O  O   . HOH H 4 .   ? -19.583 15.862  9.250   1.00 24.85 ? 306 HOH A O   1 
HETATM 1455 O  O   . HOH H 4 .   ? -2.627  -1.015  -5.872  1.00 11.83 ? 307 HOH A O   1 
HETATM 1456 O  O   . HOH H 4 .   ? -15.223 11.902  19.681  1.00 17.22 ? 308 HOH A O   1 
HETATM 1457 O  O   . HOH H 4 .   ? 14.956  -0.240  5.959   1.00 17.87 ? 309 HOH A O   1 
HETATM 1458 O  O   . HOH H 4 .   ? -17.404 -0.669  10.084  1.00 17.47 ? 310 HOH A O   1 
HETATM 1459 O  O   . HOH H 4 .   ? -15.699 17.150  3.423   1.00 22.11 ? 311 HOH A O   1 
HETATM 1460 O  O   . HOH H 4 .   ? 1.642   -8.188  -11.382 1.00 19.19 ? 312 HOH A O   1 
HETATM 1461 O  O   . HOH H 4 .   ? -10.107 -5.104  3.050   1.00 39.21 ? 313 HOH A O   1 
HETATM 1462 O  O   . HOH H 4 .   ? 4.370   13.540  -9.991  1.00 26.62 ? 314 HOH A O   1 
HETATM 1463 O  O   . HOH H 4 .   ? -14.120 17.590  14.060  1.00 19.60 ? 315 HOH A O   1 
HETATM 1464 O  O   . HOH H 4 .   ? -4.718  13.405  17.181  0.33 8.14  ? 316 HOH A O   1 
# 
